data_8WBE
#
_entry.id   8WBE
#
_cell.length_a   1.00
_cell.length_b   1.00
_cell.length_c   1.00
_cell.angle_alpha   90.00
_cell.angle_beta   90.00
_cell.angle_gamma   90.00
#
_symmetry.space_group_name_H-M   'P 1'
#
_entity_poly.entity_id   1
_entity_poly.type   'polypeptide(L)'
_entity_poly.pdbx_seq_one_letter_code
;DTGCAVSWSGKELKCGSGIFVIDNVHTWTEQYKFQPESPARLASAILNAHEDGVCGIRSTTRLENIMWKQITNELNYVLW
EGGHDLTVVAGDVKGVLSKGKRALAPPVNDLKYSWKTWGKAKIFTPEAKNSTFLIDGPDTSECPNERRAWNFLEVEDYGF
GMFTTNIWMKFREGSSEVCDHRLMSAAIKDQKAVHADMGYWIESSKNQTWQIEKASLIEVKTCLWPKTHTLWSNGVLESQ
MLIPKAYAGPFSQHNYRQGYATQTVGPWHLGKLEIDFGECPGTTVTIQEDCDHRGPSLRTTTASGKLVTQWCCRSCTMPP
LRFLGEDGCWYGMEIRPLSEKEENMVKSQVSAHHHHHH
;
_entity_poly.pdbx_strand_id   A,B,C,a,b,c
#
# COMPACT_ATOMS: atom_id res chain seq x y z
N ASP A 1 6.05 11.63 -3.19
CA ASP A 1 5.84 10.49 -2.30
C ASP A 1 4.83 9.52 -2.89
N THR A 2 5.32 8.52 -3.62
CA THR A 2 4.45 7.53 -4.24
C THR A 2 3.86 6.61 -3.17
N GLY A 3 2.54 6.40 -3.24
CA GLY A 3 1.89 5.54 -2.29
C GLY A 3 0.39 5.56 -2.49
N CYS A 4 -0.31 4.95 -1.53
CA CYS A 4 -1.77 4.87 -1.53
C CYS A 4 -2.31 5.38 -0.20
N ALA A 5 -3.57 5.82 -0.22
CA ALA A 5 -4.20 6.32 0.98
C ALA A 5 -5.71 6.28 0.80
N VAL A 6 -6.41 6.24 1.93
CA VAL A 6 -7.87 6.29 1.96
C VAL A 6 -8.29 7.66 2.43
N SER A 7 -9.42 8.14 1.92
CA SER A 7 -9.88 9.48 2.27
C SER A 7 -10.33 9.54 3.73
N TRP A 8 -10.67 10.76 4.17
CA TRP A 8 -11.15 10.93 5.53
C TRP A 8 -12.45 10.18 5.78
N SER A 9 -13.36 10.22 4.80
CA SER A 9 -14.63 9.51 4.93
C SER A 9 -14.50 8.01 4.77
N GLY A 10 -13.35 7.51 4.31
CA GLY A 10 -13.16 6.09 4.12
C GLY A 10 -13.82 5.52 2.90
N LYS A 11 -14.38 6.35 2.02
CA LYS A 11 -15.09 5.89 0.85
C LYS A 11 -14.21 5.76 -0.38
N GLU A 12 -12.96 6.23 -0.32
CA GLU A 12 -12.09 6.27 -1.49
C GLU A 12 -10.74 5.65 -1.15
N LEU A 13 -10.07 5.17 -2.19
CA LEU A 13 -8.70 4.66 -2.09
C LEU A 13 -7.93 5.20 -3.30
N LYS A 14 -7.17 6.27 -3.08
CA LYS A 14 -6.48 6.96 -4.17
C LYS A 14 -4.99 6.68 -4.09
N CYS A 15 -4.42 6.20 -5.19
CA CYS A 15 -3.00 5.94 -5.31
C CYS A 15 -2.38 6.90 -6.33
N GLY A 16 -1.18 7.36 -6.04
CA GLY A 16 -0.52 8.30 -6.92
C GLY A 16 0.76 8.81 -6.29
N SER A 17 1.27 9.89 -6.88
CA SER A 17 2.49 10.54 -6.42
C SER A 17 2.19 11.99 -6.06
N GLY A 18 2.78 12.45 -4.96
CA GLY A 18 2.55 13.80 -4.49
C GLY A 18 3.31 14.11 -3.22
N ILE A 19 2.66 14.77 -2.27
CA ILE A 19 3.25 15.09 -0.98
C ILE A 19 2.32 14.58 0.12
N PHE A 20 2.86 13.71 0.98
CA PHE A 20 2.11 13.14 2.09
C PHE A 20 2.61 13.77 3.38
N VAL A 21 1.75 14.53 4.05
CA VAL A 21 2.10 15.18 5.31
C VAL A 21 1.58 14.31 6.44
N ILE A 22 2.49 13.65 7.14
CA ILE A 22 2.15 12.62 8.13
C ILE A 22 2.28 13.20 9.52
N ASP A 23 1.36 12.80 10.40
CA ASP A 23 1.44 13.17 11.81
C ASP A 23 2.63 12.48 12.46
N ASN A 24 3.56 13.27 12.98
CA ASN A 24 4.69 12.75 13.74
C ASN A 24 4.52 12.91 15.25
N VAL A 25 3.41 13.49 15.70
CA VAL A 25 3.12 13.53 17.13
C VAL A 25 2.55 12.19 17.59
N HIS A 26 1.61 11.64 16.83
CA HIS A 26 1.10 10.28 17.00
C HIS A 26 1.68 9.48 15.85
N THR A 27 2.89 8.98 16.06
CA THR A 27 3.82 8.67 14.99
C THR A 27 3.75 7.23 14.46
N TRP A 28 2.94 6.36 15.07
CA TRP A 28 2.72 4.98 14.62
C TRP A 28 3.95 4.08 14.76
N THR A 29 5.09 4.63 15.16
CA THR A 29 6.35 3.89 15.11
C THR A 29 7.33 4.55 16.08
N GLU A 30 8.62 4.24 15.95
CA GLU A 30 9.64 4.88 16.76
C GLU A 30 9.98 6.26 16.19
N GLN A 31 10.40 7.15 17.08
CA GLN A 31 10.64 8.55 16.72
C GLN A 31 11.95 8.71 15.95
N TYR A 32 12.10 9.88 15.33
CA TYR A 32 13.33 10.23 14.67
C TYR A 32 14.46 10.40 15.67
N LYS A 33 15.69 10.16 15.21
CA LYS A 33 16.88 10.31 16.03
C LYS A 33 17.79 11.36 15.40
N PHE A 34 18.25 12.31 16.21
CA PHE A 34 19.20 13.32 15.77
C PHE A 34 20.61 12.80 15.96
N GLN A 35 21.44 12.92 14.92
CA GLN A 35 22.83 12.49 14.96
C GLN A 35 23.72 13.69 14.71
N PRO A 36 24.69 13.97 15.56
CA PRO A 36 25.48 15.20 15.45
C PRO A 36 26.60 15.05 14.43
N GLU A 37 27.41 16.11 14.32
CA GLU A 37 28.52 16.17 13.38
C GLU A 37 29.59 15.12 13.67
N SER A 38 30.27 15.26 14.81
CA SER A 38 31.43 14.43 15.15
C SER A 38 31.88 14.74 16.56
N PRO A 39 32.47 13.79 17.28
CA PRO A 39 33.00 14.10 18.61
C PRO A 39 34.07 15.17 18.60
N ALA A 40 34.89 15.24 17.55
CA ALA A 40 35.97 16.22 17.50
C ALA A 40 35.45 17.63 17.22
N ARG A 41 34.50 17.77 16.30
CA ARG A 41 34.01 19.09 15.93
C ARG A 41 33.19 19.71 17.04
N LEU A 42 32.31 18.93 17.68
CA LEU A 42 31.48 19.48 18.75
C LEU A 42 32.33 19.93 19.93
N ALA A 43 33.35 19.15 20.29
CA ALA A 43 34.23 19.54 21.38
C ALA A 43 34.97 20.83 21.06
N SER A 44 35.46 20.96 19.82
CA SER A 44 36.14 22.19 19.43
C SER A 44 35.21 23.38 19.48
N ALA A 45 33.98 23.22 19.00
CA ALA A 45 33.02 24.32 19.04
C ALA A 45 32.70 24.72 20.47
N ILE A 46 32.49 23.73 21.34
CA ILE A 46 32.17 24.03 22.74
C ILE A 46 33.35 24.72 23.42
N LEU A 47 34.58 24.25 23.16
CA LEU A 47 35.75 24.88 23.74
C LEU A 47 35.90 26.32 23.27
N ASN A 48 35.70 26.57 21.98
CA ASN A 48 35.81 27.93 21.46
C ASN A 48 34.72 28.82 22.04
N ALA A 49 33.51 28.29 22.21
CA ALA A 49 32.44 29.05 22.84
C ALA A 49 32.78 29.41 24.28
N HIS A 50 33.33 28.44 25.03
CA HIS A 50 33.72 28.73 26.40
C HIS A 50 34.84 29.75 26.46
N GLU A 51 35.71 29.75 25.45
CA GLU A 51 36.69 30.82 25.31
C GLU A 51 36.01 32.16 25.07
N ASP A 52 34.95 32.17 24.27
CA ASP A 52 34.27 33.43 23.94
C ASP A 52 33.48 33.96 25.12
N GLY A 53 32.91 33.09 25.95
CA GLY A 53 32.17 33.54 27.11
C GLY A 53 30.81 32.89 27.28
N VAL A 54 30.48 31.93 26.42
CA VAL A 54 29.21 31.23 26.50
C VAL A 54 29.28 30.21 27.64
N CYS A 55 28.27 30.24 28.52
CA CYS A 55 28.28 29.38 29.69
C CYS A 55 27.43 28.13 29.53
N GLY A 56 26.76 27.95 28.39
CA GLY A 56 25.95 26.75 28.22
C GLY A 56 25.20 26.76 26.92
N ILE A 57 24.31 25.78 26.78
CA ILE A 57 23.48 25.58 25.61
C ILE A 57 22.04 25.43 26.04
N ARG A 58 21.13 26.10 25.34
CA ARG A 58 19.70 25.98 25.57
C ARG A 58 19.07 25.36 24.33
N SER A 59 18.36 24.25 24.51
CA SER A 59 17.88 23.47 23.38
C SER A 59 16.70 24.15 22.69
N THR A 60 16.41 23.67 21.48
CA THR A 60 15.30 24.17 20.67
C THR A 60 14.15 23.18 20.56
N THR A 61 14.45 21.89 20.48
CA THR A 61 13.43 20.84 20.44
C THR A 61 13.81 19.74 21.41
N ARG A 62 12.84 18.87 21.70
CA ARG A 62 13.09 17.79 22.66
C ARG A 62 14.01 16.73 22.07
N LEU A 63 13.95 16.52 20.75
CA LEU A 63 14.85 15.58 20.10
C LEU A 63 16.30 16.01 20.25
N GLU A 64 16.57 17.31 20.14
CA GLU A 64 17.90 17.83 20.37
C GLU A 64 18.33 17.64 21.82
N ASN A 65 17.41 17.79 22.77
CA ASN A 65 17.74 17.51 24.16
C ASN A 65 18.10 16.04 24.37
N ILE A 66 17.37 15.14 23.71
CA ILE A 66 17.72 13.72 23.77
C ILE A 66 19.12 13.48 23.22
N MET A 67 19.43 14.10 22.08
CA MET A 67 20.77 13.96 21.50
C MET A 67 21.86 14.48 22.44
N TRP A 68 21.61 15.64 23.07
CA TRP A 68 22.60 16.20 23.99
C TRP A 68 22.79 15.32 25.22
N LYS A 69 21.71 14.78 25.78
CA LYS A 69 21.82 13.84 26.89
C LYS A 69 22.49 12.53 26.47
N GLN A 70 22.42 12.17 25.19
CA GLN A 70 23.04 10.95 24.69
C GLN A 70 24.53 11.07 24.42
N ILE A 71 25.02 12.19 23.90
CA ILE A 71 26.41 12.31 23.47
C ILE A 71 27.30 12.94 24.55
N THR A 72 26.76 13.15 25.75
CA THR A 72 27.49 13.91 26.77
C THR A 72 28.74 13.18 27.25
N ASN A 73 28.65 11.87 27.47
CA ASN A 73 29.80 11.13 27.98
C ASN A 73 30.95 11.13 26.98
N GLU A 74 30.65 10.92 25.71
CA GLU A 74 31.69 10.97 24.69
C GLU A 74 32.28 12.36 24.56
N LEU A 75 31.43 13.40 24.66
CA LEU A 75 31.96 14.76 24.64
C LEU A 75 32.93 15.00 25.80
N ASN A 76 32.56 14.53 26.99
CA ASN A 76 33.43 14.71 28.15
C ASN A 76 34.74 13.96 27.99
N TYR A 77 34.68 12.73 27.45
CA TYR A 77 35.92 11.97 27.26
C TYR A 77 36.82 12.64 26.23
N VAL A 78 36.24 13.16 25.15
CA VAL A 78 37.04 13.88 24.15
C VAL A 78 37.67 15.12 24.77
N LEU A 79 36.92 15.84 25.62
CA LEU A 79 37.48 17.01 26.28
C LEU A 79 38.62 16.63 27.21
N TRP A 80 38.47 15.52 27.94
CA TRP A 80 39.53 15.10 28.86
C TRP A 80 40.78 14.65 28.10
N GLU A 81 40.60 14.02 26.93
CA GLU A 81 41.75 13.58 26.15
C GLU A 81 42.66 14.72 25.71
N GLY A 82 42.14 15.94 25.62
CA GLY A 82 42.96 17.08 25.22
C GLY A 82 43.72 17.70 26.38
N GLY A 83 43.46 17.21 27.59
CA GLY A 83 44.15 17.72 28.77
C GLY A 83 43.81 19.15 29.11
N HIS A 84 42.54 19.52 28.96
CA HIS A 84 42.08 20.86 29.31
C HIS A 84 40.82 20.74 30.15
N ASP A 85 40.62 21.72 31.03
CA ASP A 85 39.60 21.64 32.06
C ASP A 85 38.27 22.18 31.52
N LEU A 86 37.30 21.29 31.39
CA LEU A 86 35.93 21.65 31.05
C LEU A 86 35.05 20.42 31.25
N THR A 87 33.85 20.63 31.78
CA THR A 87 32.90 19.56 32.03
C THR A 87 31.56 19.94 31.42
N VAL A 88 30.93 18.98 30.75
CA VAL A 88 29.62 19.19 30.12
C VAL A 88 28.57 18.45 30.93
N VAL A 89 27.56 19.18 31.40
CA VAL A 89 26.49 18.63 32.22
C VAL A 89 25.19 18.77 31.45
N ALA A 90 24.48 17.67 31.29
CA ALA A 90 23.23 17.63 30.52
C ALA A 90 22.06 17.49 31.49
N GLY A 91 21.14 18.45 31.43
CA GLY A 91 19.95 18.43 32.26
C GLY A 91 18.72 17.99 31.49
N ASP A 92 17.56 18.24 32.08
CA ASP A 92 16.28 17.88 31.50
C ASP A 92 15.48 19.13 31.17
N VAL A 93 14.49 18.97 30.31
CA VAL A 93 13.61 20.05 29.88
C VAL A 93 12.44 20.12 30.85
N LYS A 94 12.22 21.30 31.42
CA LYS A 94 11.13 21.53 32.38
C LYS A 94 10.35 22.77 31.94
N GLY A 95 9.27 22.56 31.21
CA GLY A 95 8.40 23.65 30.82
C GLY A 95 8.65 24.15 29.41
N VAL A 96 8.64 25.47 29.24
CA VAL A 96 8.86 26.07 27.93
C VAL A 96 10.33 25.96 27.55
N LEU A 97 10.58 25.55 26.30
CA LEU A 97 11.95 25.51 25.79
C LEU A 97 12.43 26.93 25.53
N SER A 98 13.08 27.53 26.54
CA SER A 98 13.51 28.92 26.45
C SER A 98 14.57 29.08 25.36
N LYS A 99 14.97 30.33 25.15
CA LYS A 99 15.89 30.69 24.08
C LYS A 99 17.08 31.46 24.64
N GLY A 100 18.26 31.20 24.09
CA GLY A 100 19.45 31.94 24.42
C GLY A 100 19.68 33.09 23.46
N LYS A 101 20.86 33.70 23.58
CA LYS A 101 21.23 34.83 22.75
C LYS A 101 22.59 34.68 22.08
N ARG A 102 23.23 33.52 22.20
CA ARG A 102 24.52 33.28 21.58
C ARG A 102 24.40 32.12 20.59
N ALA A 103 25.54 31.72 20.03
CA ALA A 103 25.55 30.65 19.04
C ALA A 103 26.94 30.03 18.98
N LEU A 104 26.99 28.79 18.50
CA LEU A 104 28.24 28.07 18.30
C LEU A 104 28.65 28.15 16.84
N ALA A 105 29.77 28.81 16.59
CA ALA A 105 30.23 28.93 15.22
C ALA A 105 30.87 27.63 14.75
N PRO A 106 30.82 27.34 13.46
CA PRO A 106 31.54 26.17 12.93
C PRO A 106 33.01 26.24 13.26
N PRO A 107 33.53 25.25 13.97
CA PRO A 107 34.89 25.37 14.51
C PRO A 107 35.96 25.08 13.47
N VAL A 108 36.86 26.04 13.28
CA VAL A 108 38.09 25.81 12.52
C VAL A 108 39.12 25.28 13.51
N ASN A 109 40.21 24.70 12.99
CA ASN A 109 41.24 24.07 13.83
C ASN A 109 40.63 22.98 14.71
N ASP A 110 40.12 21.95 14.05
CA ASP A 110 39.44 20.86 14.74
C ASP A 110 40.40 20.12 15.67
N LEU A 111 39.85 19.58 16.76
CA LEU A 111 40.64 18.85 17.73
C LEU A 111 41.09 17.51 17.15
N LYS A 112 41.74 16.70 17.97
CA LYS A 112 42.32 15.43 17.54
C LYS A 112 41.47 14.28 18.07
N TYR A 113 40.97 13.46 17.15
CA TYR A 113 40.21 12.27 17.52
C TYR A 113 40.34 11.26 16.38
N SER A 114 40.08 9.99 16.70
CA SER A 114 40.27 8.91 15.75
C SER A 114 38.97 8.34 15.18
N TRP A 115 37.84 8.58 15.84
CA TRP A 115 36.58 7.99 15.40
C TRP A 115 35.62 9.07 14.90
N LYS A 116 34.61 8.63 14.15
CA LYS A 116 33.63 9.54 13.59
C LYS A 116 32.22 9.16 14.05
N THR A 117 32.06 7.92 14.52
CA THR A 117 30.78 7.48 15.03
C THR A 117 30.70 7.73 16.55
N TRP A 118 29.57 7.35 17.13
CA TRP A 118 29.28 7.63 18.53
C TRP A 118 28.98 6.33 19.28
N GLY A 119 29.64 6.14 20.41
CA GLY A 119 29.31 5.06 21.32
C GLY A 119 30.23 3.87 21.28
N LYS A 120 31.21 3.83 22.19
CA LYS A 120 32.12 2.70 22.33
C LYS A 120 32.43 2.42 23.79
N ALA A 121 31.48 2.71 24.68
CA ALA A 121 31.58 2.42 26.10
C ALA A 121 32.83 3.06 26.71
N LYS A 122 32.84 4.39 26.70
CA LYS A 122 33.98 5.16 27.19
C LYS A 122 34.04 5.09 28.72
N ILE A 123 35.02 5.76 29.29
CA ILE A 123 35.18 5.81 30.74
C ILE A 123 34.61 7.12 31.26
N PHE A 124 34.03 7.08 32.45
CA PHE A 124 33.44 8.25 33.08
C PHE A 124 34.56 9.07 33.71
N THR A 125 35.00 10.11 33.01
CA THR A 125 36.04 10.98 33.54
C THR A 125 35.51 11.69 34.79
N PRO A 126 36.26 11.68 35.89
CA PRO A 126 35.80 12.40 37.09
C PRO A 126 35.64 13.89 36.80
N GLU A 127 34.61 14.49 37.39
CA GLU A 127 34.30 15.88 37.13
C GLU A 127 35.44 16.80 37.60
N ALA A 128 36.09 17.45 36.64
CA ALA A 128 37.22 18.32 36.95
C ALA A 128 36.81 19.59 37.68
N LYS A 129 35.52 19.92 37.68
CA LYS A 129 34.98 21.10 38.35
C LYS A 129 35.62 22.39 37.87
N ASN A 130 35.24 23.51 38.52
CA ASN A 130 35.84 24.82 38.32
C ASN A 130 35.53 25.38 36.93
N SER A 131 34.87 24.57 36.10
CA SER A 131 34.48 24.98 34.76
C SER A 131 33.42 24.03 34.23
N THR A 132 32.21 24.53 34.00
CA THR A 132 31.10 23.69 33.58
C THR A 132 30.43 24.29 32.36
N PHE A 133 29.83 23.43 31.55
CA PHE A 133 29.08 23.82 30.36
C PHE A 133 27.69 23.21 30.48
N LEU A 134 26.79 23.92 31.15
CA LEU A 134 25.45 23.41 31.44
C LEU A 134 24.62 23.35 30.17
N ILE A 135 23.97 22.21 29.94
CA ILE A 135 23.05 22.06 28.82
C ILE A 135 21.66 21.84 29.39
N ASP A 136 20.73 22.72 29.02
CA ASP A 136 19.33 22.67 29.48
C ASP A 136 19.36 22.79 31.01
N GLY A 137 18.46 22.11 31.72
CA GLY A 137 18.41 22.18 33.16
C GLY A 137 17.51 23.29 33.65
N PRO A 138 17.46 23.49 34.97
CA PRO A 138 16.61 24.54 35.53
C PRO A 138 17.18 25.93 35.25
N ASP A 139 16.29 26.91 35.30
CA ASP A 139 16.69 28.30 35.08
C ASP A 139 17.38 28.84 36.33
N THR A 140 18.68 29.05 36.24
CA THR A 140 19.48 29.55 37.34
C THR A 140 20.00 30.94 37.00
N SER A 141 20.77 31.52 37.93
CA SER A 141 21.34 32.85 37.74
C SER A 141 22.84 32.83 37.49
N GLU A 142 23.52 31.69 37.73
CA GLU A 142 24.94 31.63 37.44
C GLU A 142 25.21 31.54 35.95
N CYS A 143 24.31 30.91 35.21
CA CYS A 143 24.39 30.82 33.75
C CYS A 143 23.04 31.23 33.18
N PRO A 144 22.77 32.52 33.10
CA PRO A 144 21.45 32.98 32.63
C PRO A 144 21.28 32.75 31.14
N ASN A 145 20.04 32.95 30.68
CA ASN A 145 19.71 32.77 29.28
C ASN A 145 20.38 33.78 28.36
N GLU A 146 20.95 34.85 28.91
CA GLU A 146 21.61 35.86 28.09
C GLU A 146 23.01 35.43 27.65
N ARG A 147 23.50 34.29 28.14
CA ARG A 147 24.83 33.80 27.80
C ARG A 147 24.80 32.32 27.42
N ARG A 148 23.73 31.90 26.75
CA ARG A 148 23.56 30.53 26.32
C ARG A 148 23.41 30.47 24.80
N ALA A 149 23.90 29.37 24.22
CA ALA A 149 23.79 29.14 22.79
C ALA A 149 22.42 28.55 22.46
N TRP A 150 21.88 28.93 21.30
CA TRP A 150 20.52 28.53 20.94
C TRP A 150 20.35 28.63 19.43
N ASN A 151 19.70 27.61 18.86
CA ASN A 151 19.33 27.59 17.45
C ASN A 151 20.56 27.72 16.54
N PHE A 152 21.43 26.71 16.62
CA PHE A 152 22.64 26.69 15.82
C PHE A 152 22.81 25.40 15.03
N LEU A 153 21.88 24.45 15.14
CA LEU A 153 21.95 23.20 14.39
C LEU A 153 20.87 23.20 13.31
N GLU A 154 21.13 22.44 12.25
CA GLU A 154 20.18 22.33 11.15
C GLU A 154 20.37 21.01 10.42
N VAL A 155 19.32 20.59 9.74
CA VAL A 155 19.34 19.32 9.02
C VAL A 155 20.26 19.42 7.80
N GLU A 156 21.04 18.37 7.56
CA GLU A 156 21.83 18.27 6.33
C GLU A 156 21.33 17.18 5.39
N ASP A 157 20.73 16.11 5.90
CA ASP A 157 20.06 15.09 5.11
C ASP A 157 19.36 14.12 6.05
N TYR A 158 18.36 13.42 5.52
CA TYR A 158 17.66 12.40 6.28
C TYR A 158 18.33 11.05 6.12
N GLY A 159 17.80 10.05 6.82
CA GLY A 159 18.32 8.71 6.81
C GLY A 159 17.44 7.74 6.03
N PHE A 160 17.55 6.47 6.36
CA PHE A 160 16.77 5.42 5.73
C PHE A 160 16.07 4.59 6.80
N GLY A 161 14.99 3.92 6.40
CA GLY A 161 14.34 2.98 7.27
C GLY A 161 12.85 3.17 7.29
N MET A 162 12.20 2.38 8.11
CA MET A 162 10.75 2.43 8.29
C MET A 162 10.35 2.67 9.75
N PHE A 163 11.07 2.06 10.69
CA PHE A 163 10.81 2.25 12.12
C PHE A 163 11.77 3.25 12.75
N THR A 164 13.07 3.00 12.65
CA THR A 164 14.10 3.88 13.19
C THR A 164 14.75 4.63 12.05
N THR A 165 14.63 5.96 12.06
CA THR A 165 15.20 6.81 11.03
C THR A 165 16.07 7.88 11.69
N ASN A 166 17.22 8.12 11.11
CA ASN A 166 18.18 9.09 11.65
C ASN A 166 18.15 10.38 10.83
N ILE A 167 18.37 11.50 11.52
CA ILE A 167 18.51 12.81 10.89
C ILE A 167 19.88 13.34 11.26
N TRP A 168 20.63 13.78 10.25
CA TRP A 168 22.01 14.20 10.44
C TRP A 168 22.07 15.72 10.52
N MET A 169 22.69 16.22 11.59
CA MET A 169 22.70 17.65 11.90
C MET A 169 24.04 18.27 11.53
N LYS A 170 24.03 19.60 11.44
CA LYS A 170 25.24 20.36 11.20
C LYS A 170 25.03 21.79 11.69
N PHE A 171 26.12 22.53 11.81
CA PHE A 171 26.06 23.88 12.34
C PHE A 171 25.46 24.84 11.31
N ARG A 172 24.85 25.91 11.80
CA ARG A 172 24.35 26.96 10.93
C ARG A 172 25.49 27.89 10.50
N GLU A 173 25.24 28.65 9.44
CA GLU A 173 26.20 29.63 8.97
C GLU A 173 25.97 31.01 9.56
N GLY A 174 24.91 31.21 10.32
CA GLY A 174 24.64 32.50 10.91
C GLY A 174 23.75 32.37 12.13
N SER A 175 23.19 33.50 12.54
CA SER A 175 22.29 33.57 13.67
C SER A 175 20.88 33.89 13.18
N SER A 176 19.93 33.04 13.54
CA SER A 176 18.55 33.21 13.09
C SER A 176 17.60 32.95 14.25
N GLU A 177 16.46 33.61 14.22
CA GLU A 177 15.39 33.40 15.18
C GLU A 177 14.28 32.51 14.63
N VAL A 178 14.39 32.06 13.39
CA VAL A 178 13.35 31.27 12.74
C VAL A 178 13.63 29.80 13.01
N CYS A 179 12.56 29.02 13.13
CA CYS A 179 12.70 27.59 13.35
C CYS A 179 13.30 26.93 12.10
N ASP A 180 13.86 25.74 12.29
CA ASP A 180 14.49 25.03 11.18
C ASP A 180 13.42 24.52 10.22
N HIS A 181 13.46 25.01 8.98
CA HIS A 181 12.38 24.78 8.02
C HIS A 181 12.41 23.38 7.40
N ARG A 182 13.48 22.62 7.56
CA ARG A 182 13.56 21.29 6.96
C ARG A 182 12.89 20.23 7.82
N LEU A 183 12.24 20.62 8.92
CA LEU A 183 11.51 19.70 9.78
C LEU A 183 10.01 19.99 9.79
N MET A 184 9.54 20.89 8.93
CA MET A 184 8.18 21.41 9.01
C MET A 184 7.42 21.10 7.74
N SER A 185 6.09 21.14 7.86
CA SER A 185 5.21 20.85 6.74
C SER A 185 3.96 21.72 6.85
N ALA A 186 3.12 21.64 5.83
CA ALA A 186 1.85 22.34 5.77
C ALA A 186 1.07 21.79 4.57
N ALA A 187 -0.23 21.62 4.75
CA ALA A 187 -1.04 21.01 3.70
C ALA A 187 -2.48 21.45 3.85
N ILE A 188 -3.18 21.53 2.71
CA ILE A 188 -4.61 21.83 2.68
C ILE A 188 -5.22 21.04 1.54
N LYS A 189 -6.44 20.55 1.76
CA LYS A 189 -7.15 19.80 0.73
C LYS A 189 -8.64 19.83 1.06
N ASP A 190 -9.46 20.22 0.08
CA ASP A 190 -10.89 20.34 0.26
C ASP A 190 -11.21 21.36 1.35
N GLN A 191 -11.47 20.88 2.57
CA GLN A 191 -11.85 21.75 3.68
C GLN A 191 -11.09 21.35 4.95
N LYS A 192 -9.81 21.02 4.81
CA LYS A 192 -9.00 20.61 5.96
C LYS A 192 -7.56 21.04 5.75
N ALA A 193 -7.07 21.91 6.63
CA ALA A 193 -5.69 22.36 6.62
C ALA A 193 -4.96 21.77 7.83
N VAL A 194 -3.63 21.85 7.80
CA VAL A 194 -2.82 21.35 8.90
C VAL A 194 -1.45 22.02 8.83
N HIS A 195 -0.89 22.32 10.01
CA HIS A 195 0.47 22.81 10.16
C HIS A 195 1.21 21.86 11.08
N ALA A 196 2.26 21.23 10.59
CA ALA A 196 2.90 20.14 11.31
C ALA A 196 4.41 20.28 11.33
N ASP A 197 5.02 19.79 12.41
CA ASP A 197 6.46 19.59 12.49
C ASP A 197 6.69 18.43 13.46
N MET A 198 7.91 18.31 13.96
CA MET A 198 8.25 17.19 14.84
C MET A 198 7.52 17.24 16.18
N GLY A 199 7.00 18.40 16.58
CA GLY A 199 6.36 18.50 17.89
C GLY A 199 5.05 19.26 17.92
N TYR A 200 4.61 19.79 16.78
CA TYR A 200 3.35 20.50 16.68
C TYR A 200 2.43 19.77 15.71
N TRP A 201 1.13 19.82 15.98
CA TRP A 201 0.14 19.31 15.04
C TRP A 201 -1.11 20.18 15.20
N ILE A 202 -1.21 21.21 14.37
CA ILE A 202 -2.30 22.17 14.42
C ILE A 202 -3.24 21.84 13.27
N GLU A 203 -4.45 21.43 13.60
CA GLU A 203 -5.43 21.02 12.60
C GLU A 203 -6.53 22.07 12.50
N SER A 204 -6.91 22.40 11.27
CA SER A 204 -7.92 23.40 11.00
C SER A 204 -8.91 22.88 9.97
N SER A 205 -10.12 23.44 9.99
CA SER A 205 -11.19 22.97 9.13
C SER A 205 -12.20 24.09 8.93
N LYS A 206 -13.07 23.91 7.94
CA LYS A 206 -14.09 24.88 7.59
C LYS A 206 -15.46 24.37 8.00
N ASN A 207 -16.17 25.16 8.81
CA ASN A 207 -17.59 24.92 9.11
C ASN A 207 -18.25 26.31 9.10
N GLN A 208 -18.70 26.72 7.93
CA GLN A 208 -19.19 28.07 7.59
C GLN A 208 -18.09 29.13 7.64
N THR A 209 -16.87 28.77 8.04
CA THR A 209 -15.72 29.67 8.08
C THR A 209 -14.50 28.85 8.48
N TRP A 210 -13.32 29.40 8.19
CA TRP A 210 -12.05 28.76 8.47
C TRP A 210 -11.57 29.17 9.85
N GLN A 211 -11.36 28.19 10.73
CA GLN A 211 -10.84 28.47 12.06
C GLN A 211 -10.19 27.22 12.63
N ILE A 212 -9.31 27.44 13.61
CA ILE A 212 -8.59 26.33 14.24
C ILE A 212 -9.57 25.47 15.04
N GLU A 213 -9.29 24.18 15.12
CA GLU A 213 -10.16 23.27 15.85
C GLU A 213 -9.39 22.39 16.84
N LYS A 214 -8.12 22.10 16.55
CA LYS A 214 -7.33 21.23 17.42
C LYS A 214 -5.87 21.66 17.38
N ALA A 215 -5.14 21.24 18.41
CA ALA A 215 -3.70 21.47 18.49
C ALA A 215 -3.13 20.53 19.53
N SER A 216 -2.18 19.68 19.13
CA SER A 216 -1.51 18.76 20.02
C SER A 216 -0.05 19.16 20.14
N LEU A 217 0.32 19.73 21.28
CA LEU A 217 1.65 20.30 21.48
C LEU A 217 2.38 19.47 22.53
N ILE A 218 3.25 18.56 22.08
CA ILE A 218 4.10 17.81 23.00
C ILE A 218 5.37 18.56 23.35
N GLU A 219 5.52 19.80 22.87
CA GLU A 219 6.59 20.69 23.29
C GLU A 219 6.15 22.11 23.00
N VAL A 220 6.77 23.06 23.69
CA VAL A 220 6.49 24.48 23.51
C VAL A 220 7.81 25.16 23.16
N LYS A 221 7.96 25.51 21.89
CA LYS A 221 9.17 26.16 21.40
C LYS A 221 9.04 27.68 21.54
N THR A 222 10.09 28.38 21.12
CA THR A 222 10.09 29.84 21.10
C THR A 222 10.66 30.43 19.82
N CYS A 223 11.07 29.62 18.85
CA CYS A 223 11.50 30.17 17.57
C CYS A 223 10.28 30.54 16.74
N LEU A 224 10.52 31.12 15.58
CA LEU A 224 9.45 31.63 14.73
C LEU A 224 9.13 30.62 13.64
N TRP A 225 7.83 30.49 13.34
CA TRP A 225 7.40 29.64 12.24
C TRP A 225 7.72 30.33 10.92
N PRO A 226 8.51 29.72 10.03
CA PRO A 226 8.83 30.39 8.76
C PRO A 226 7.57 30.59 7.93
N LYS A 227 7.55 31.71 7.21
CA LYS A 227 6.39 32.04 6.38
C LYS A 227 6.39 31.31 5.05
N THR A 228 7.51 30.68 4.67
CA THR A 228 7.52 29.84 3.49
C THR A 228 6.71 28.56 3.67
N HIS A 229 6.46 28.16 4.92
CA HIS A 229 5.72 26.96 5.24
C HIS A 229 4.38 27.29 5.91
N THR A 230 3.76 28.39 5.51
CA THR A 230 2.54 28.88 6.14
C THR A 230 1.47 29.14 5.09
N LEU A 231 0.26 28.64 5.36
CA LEU A 231 -0.89 28.86 4.49
C LEU A 231 -1.62 30.14 4.91
N TRP A 232 -2.01 30.94 3.92
CA TRP A 232 -2.86 32.10 4.14
C TRP A 232 -2.19 33.11 5.07
N SER A 233 -1.03 33.60 4.62
CA SER A 233 -0.17 34.45 5.43
C SER A 233 -0.44 35.94 5.26
N ASN A 234 -1.42 36.33 4.44
CA ASN A 234 -1.66 37.73 4.16
C ASN A 234 -2.76 38.28 5.06
N GLY A 235 -2.60 39.54 5.45
CA GLY A 235 -3.59 40.20 6.27
C GLY A 235 -3.69 39.68 7.68
N VAL A 236 -2.65 39.02 8.17
CA VAL A 236 -2.68 38.43 9.51
C VAL A 236 -2.37 39.51 10.54
N LEU A 237 -3.20 39.57 11.58
CA LEU A 237 -3.01 40.51 12.68
C LEU A 237 -2.53 39.73 13.91
N GLU A 238 -1.44 40.20 14.51
CA GLU A 238 -0.78 39.44 15.58
C GLU A 238 -1.65 39.30 16.81
N SER A 239 -2.66 40.15 16.98
CA SER A 239 -3.55 40.07 18.13
C SER A 239 -4.69 39.09 17.94
N GLN A 240 -4.74 38.40 16.79
CA GLN A 240 -5.80 37.45 16.49
C GLN A 240 -5.33 36.00 16.50
N MET A 241 -4.03 35.75 16.42
CA MET A 241 -3.52 34.39 16.36
C MET A 241 -3.70 33.71 17.72
N LEU A 242 -4.44 32.59 17.72
CA LEU A 242 -4.72 31.88 18.96
C LEU A 242 -3.42 31.43 19.63
N ILE A 243 -2.64 30.60 18.95
CA ILE A 243 -1.30 30.26 19.41
C ILE A 243 -0.40 31.46 19.15
N PRO A 244 0.22 32.04 20.18
CA PRO A 244 0.94 33.31 20.00
C PRO A 244 2.12 33.19 19.05
N LYS A 245 2.53 34.33 18.51
CA LYS A 245 3.70 34.37 17.65
C LYS A 245 4.97 34.02 18.41
N ALA A 246 4.99 34.28 19.72
CA ALA A 246 6.19 34.04 20.52
C ALA A 246 6.39 32.56 20.85
N TYR A 247 5.44 31.69 20.53
CA TYR A 247 5.51 30.27 20.85
C TYR A 247 5.45 29.40 19.60
N ALA A 248 6.09 29.87 18.52
CA ALA A 248 6.16 29.14 17.26
C ALA A 248 4.77 28.83 16.70
N GLY A 249 3.88 29.81 16.80
CA GLY A 249 2.57 29.68 16.20
C GLY A 249 2.58 30.21 14.77
N PRO A 250 1.87 29.52 13.88
CA PRO A 250 1.87 29.94 12.48
C PRO A 250 1.32 31.35 12.31
N PHE A 251 1.94 32.10 11.40
CA PHE A 251 1.48 33.45 11.07
C PHE A 251 0.42 33.36 9.99
N SER A 252 -0.68 32.72 10.35
CA SER A 252 -1.70 32.32 9.39
C SER A 252 -3.08 32.74 9.90
N GLN A 253 -4.02 32.82 8.94
CA GLN A 253 -5.42 33.05 9.30
C GLN A 253 -6.17 31.74 9.57
N HIS A 254 -5.53 30.59 9.32
CA HIS A 254 -6.05 29.33 9.81
C HIS A 254 -5.80 29.18 11.31
N ASN A 255 -4.80 29.87 11.84
CA ASN A 255 -4.53 29.89 13.28
C ASN A 255 -5.35 31.01 13.93
N TYR A 256 -6.65 30.75 14.03
CA TYR A 256 -7.61 31.75 14.47
C TYR A 256 -8.87 31.06 14.95
N ARG A 257 -9.46 31.59 16.01
CA ARG A 257 -10.76 31.15 16.49
C ARG A 257 -11.60 32.37 16.80
N GLN A 258 -12.86 32.35 16.38
CA GLN A 258 -13.69 33.54 16.47
C GLN A 258 -14.13 33.79 17.90
N GLY A 259 -14.03 35.05 18.33
CA GLY A 259 -14.36 35.43 19.69
C GLY A 259 -13.20 35.39 20.65
N TYR A 260 -12.06 34.86 20.24
CA TYR A 260 -10.88 34.77 21.10
C TYR A 260 -9.74 35.56 20.50
N ALA A 261 -8.89 36.10 21.37
CA ALA A 261 -7.70 36.84 21.01
C ALA A 261 -6.48 35.97 21.27
N THR A 262 -5.29 36.54 21.09
CA THR A 262 -4.07 35.80 21.31
C THR A 262 -3.96 35.37 22.77
N GLN A 263 -3.57 34.12 22.98
CA GLN A 263 -3.51 33.54 24.33
C GLN A 263 -2.07 33.59 24.85
N THR A 264 -1.66 34.82 25.18
CA THR A 264 -0.29 35.03 25.64
C THR A 264 -0.06 34.53 27.06
N VAL A 265 -1.09 34.45 27.88
CA VAL A 265 -0.93 34.10 29.29
C VAL A 265 -1.60 32.75 29.53
N GLY A 266 -1.53 31.86 28.55
CA GLY A 266 -2.06 30.54 28.70
C GLY A 266 -1.18 29.68 29.59
N PRO A 267 -1.56 28.41 29.74
CA PRO A 267 -0.79 27.47 30.57
C PRO A 267 0.38 26.85 29.80
N TRP A 268 1.22 27.70 29.23
CA TRP A 268 2.36 27.24 28.45
C TRP A 268 3.46 26.63 29.31
N HIS A 269 3.46 26.89 30.62
CA HIS A 269 4.50 26.37 31.49
C HIS A 269 4.42 24.86 31.64
N LEU A 270 3.31 24.24 31.23
CA LEU A 270 3.17 22.79 31.40
C LEU A 270 4.10 22.03 30.47
N GLY A 271 4.33 22.53 29.27
CA GLY A 271 5.08 21.79 28.28
C GLY A 271 4.14 21.08 27.32
N LYS A 272 3.91 19.78 27.54
CA LYS A 272 2.93 19.06 26.75
C LYS A 272 1.54 19.64 26.99
N LEU A 273 0.80 19.85 25.91
CA LEU A 273 -0.53 20.44 25.98
C LEU A 273 -1.45 19.75 24.99
N GLU A 274 -2.73 20.11 25.06
CA GLU A 274 -3.74 19.60 24.13
C GLU A 274 -4.85 20.64 24.05
N ILE A 275 -4.83 21.43 22.98
CA ILE A 275 -5.83 22.47 22.79
C ILE A 275 -7.06 21.87 22.13
N ASP A 276 -8.21 22.03 22.78
CA ASP A 276 -9.47 21.51 22.26
C ASP A 276 -10.59 22.44 22.73
N PHE A 277 -11.73 22.33 22.07
CA PHE A 277 -12.87 23.20 22.35
C PHE A 277 -14.00 22.35 22.93
N GLY A 278 -14.32 22.62 24.18
CA GLY A 278 -15.31 21.85 24.90
C GLY A 278 -15.39 22.33 26.34
N GLU A 279 -16.01 21.51 27.17
CA GLU A 279 -16.18 21.83 28.58
C GLU A 279 -15.47 20.78 29.43
N CYS A 280 -14.67 21.22 30.39
CA CYS A 280 -14.05 20.31 31.32
C CYS A 280 -15.14 19.63 32.15
N PRO A 281 -14.97 18.33 32.47
CA PRO A 281 -16.03 17.58 33.14
C PRO A 281 -16.52 18.23 34.43
N GLY A 282 -17.82 18.50 34.51
CA GLY A 282 -18.43 19.04 35.70
C GLY A 282 -18.55 20.54 35.77
N THR A 283 -18.35 21.25 34.66
CA THR A 283 -18.41 22.70 34.65
C THR A 283 -19.36 23.17 33.54
N THR A 284 -19.89 24.38 33.73
CA THR A 284 -20.75 25.03 32.76
C THR A 284 -20.28 26.47 32.53
N VAL A 285 -20.27 26.88 31.26
CA VAL A 285 -19.86 28.22 30.87
C VAL A 285 -21.03 28.90 30.17
N THR A 286 -21.34 30.12 30.59
CA THR A 286 -22.45 30.89 30.03
C THR A 286 -21.95 32.24 29.55
N ILE A 287 -22.45 32.68 28.41
CA ILE A 287 -22.07 33.96 27.82
C ILE A 287 -22.99 35.03 28.41
N GLN A 288 -22.44 35.85 29.29
CA GLN A 288 -23.18 36.95 29.90
C GLN A 288 -22.30 38.19 29.95
N GLU A 289 -22.89 39.34 29.66
CA GLU A 289 -22.13 40.57 29.50
C GLU A 289 -21.55 41.10 30.80
N ASP A 290 -22.14 40.73 31.94
CA ASP A 290 -21.65 41.21 33.24
C ASP A 290 -20.55 40.29 33.75
N CYS A 291 -19.42 40.33 33.05
CA CYS A 291 -18.27 39.49 33.34
C CYS A 291 -17.01 40.32 33.40
N ASP A 292 -15.97 39.76 34.01
CA ASP A 292 -14.69 40.42 34.14
C ASP A 292 -13.93 40.41 32.81
N HIS A 293 -12.90 41.24 32.72
CA HIS A 293 -12.08 41.33 31.53
C HIS A 293 -11.12 40.13 31.49
N ARG A 294 -10.20 40.15 30.52
CA ARG A 294 -9.28 39.04 30.34
C ARG A 294 -8.27 38.98 31.49
N GLY A 295 -7.53 37.88 31.54
CA GLY A 295 -6.56 37.66 32.58
C GLY A 295 -5.87 36.31 32.42
N PRO A 296 -5.04 35.94 33.40
CA PRO A 296 -4.33 34.67 33.31
C PRO A 296 -5.28 33.48 33.28
N SER A 297 -4.88 32.44 32.57
CA SER A 297 -5.68 31.22 32.49
C SER A 297 -5.70 30.53 33.85
N LEU A 298 -6.88 30.03 34.22
CA LEU A 298 -7.09 29.43 35.53
C LEU A 298 -7.47 27.96 35.39
N ARG A 299 -7.10 27.17 36.40
CA ARG A 299 -7.45 25.77 36.45
C ARG A 299 -8.82 25.59 37.14
N THR A 300 -9.54 24.57 36.72
CA THR A 300 -10.88 24.32 37.26
C THR A 300 -10.87 23.80 38.68
N THR A 301 -9.76 23.22 39.15
CA THR A 301 -9.67 22.64 40.48
C THR A 301 -8.68 23.43 41.32
N THR A 302 -9.11 23.80 42.52
CA THR A 302 -8.25 24.53 43.44
C THR A 302 -7.10 23.63 43.91
N ALA A 303 -6.04 24.26 44.43
CA ALA A 303 -4.90 23.51 44.94
C ALA A 303 -5.31 22.51 46.01
N SER A 304 -6.34 22.83 46.80
CA SER A 304 -6.87 21.86 47.75
C SER A 304 -7.48 20.66 47.04
N GLY A 305 -8.18 20.89 45.93
CA GLY A 305 -8.76 19.81 45.16
C GLY A 305 -10.24 19.99 44.90
N LYS A 306 -10.78 21.17 45.24
CA LYS A 306 -12.19 21.47 45.07
C LYS A 306 -12.42 21.97 43.65
N LEU A 307 -13.48 21.47 43.02
CA LEU A 307 -13.78 21.78 41.62
C LEU A 307 -14.74 22.95 41.55
N VAL A 308 -14.34 24.01 40.86
CA VAL A 308 -15.20 25.16 40.62
C VAL A 308 -16.19 24.81 39.52
N THR A 309 -17.47 25.12 39.74
CA THR A 309 -18.55 24.63 38.90
C THR A 309 -19.02 25.63 37.85
N GLN A 310 -19.13 26.91 38.21
CA GLN A 310 -19.74 27.91 37.35
C GLN A 310 -18.68 28.88 36.83
N TRP A 311 -18.62 29.01 35.50
CA TRP A 311 -17.76 29.99 34.84
C TRP A 311 -18.62 30.80 33.88
N CYS A 312 -18.21 32.04 33.65
CA CYS A 312 -18.92 32.95 32.76
C CYS A 312 -17.93 33.61 31.79
N CYS A 313 -18.39 33.83 30.57
CA CYS A 313 -17.59 34.48 29.53
C CYS A 313 -18.35 35.68 29.00
N ARG A 314 -17.60 36.69 28.54
CA ARG A 314 -18.20 37.95 28.12
C ARG A 314 -18.64 37.94 26.65
N SER A 315 -17.68 37.74 25.74
CA SER A 315 -18.00 37.84 24.32
C SER A 315 -17.32 36.75 23.49
N CYS A 316 -17.06 35.59 24.08
CA CYS A 316 -16.49 34.48 23.32
C CYS A 316 -17.62 33.64 22.72
N THR A 317 -17.25 32.52 22.10
CA THR A 317 -18.20 31.65 21.42
C THR A 317 -18.07 30.22 21.96
N MET A 318 -19.23 29.59 22.15
CA MET A 318 -19.26 28.20 22.60
C MET A 318 -18.96 27.25 21.44
N PRO A 319 -18.32 26.10 21.71
CA PRO A 319 -17.80 25.64 23.01
C PRO A 319 -16.55 26.40 23.43
N PRO A 320 -16.29 26.50 24.73
CA PRO A 320 -15.18 27.34 25.20
C PRO A 320 -13.82 26.70 24.93
N LEU A 321 -12.79 27.55 24.96
CA LEU A 321 -11.43 27.09 24.74
C LEU A 321 -10.91 26.38 25.99
N ARG A 322 -10.32 25.20 25.80
CA ARG A 322 -9.94 24.33 26.90
C ARG A 322 -8.57 23.72 26.65
N PHE A 323 -7.71 23.78 27.66
CA PHE A 323 -6.38 23.19 27.61
C PHE A 323 -6.33 21.93 28.48
N LEU A 324 -5.74 20.87 27.95
CA LEU A 324 -5.60 19.59 28.65
C LEU A 324 -4.14 19.42 29.07
N GLY A 325 -3.82 19.88 30.28
CA GLY A 325 -2.50 19.68 30.85
C GLY A 325 -2.40 18.33 31.54
N GLU A 326 -1.19 18.07 32.07
CA GLU A 326 -0.97 16.82 32.78
C GLU A 326 -1.63 16.84 34.16
N ASP A 327 -1.66 18.00 34.81
CA ASP A 327 -2.17 18.06 36.17
C ASP A 327 -3.68 18.27 36.22
N GLY A 328 -4.23 19.06 35.29
CA GLY A 328 -5.65 19.31 35.31
C GLY A 328 -6.23 19.82 34.01
N CYS A 329 -7.36 20.52 34.10
CA CYS A 329 -8.07 21.06 32.95
C CYS A 329 -8.13 22.58 33.09
N TRP A 330 -7.73 23.29 32.03
CA TRP A 330 -7.65 24.74 32.05
C TRP A 330 -8.60 25.34 31.02
N TYR A 331 -8.94 26.60 31.25
CA TYR A 331 -9.72 27.41 30.32
C TYR A 331 -8.87 28.53 29.76
N GLY A 332 -9.44 29.24 28.78
CA GLY A 332 -8.76 30.34 28.13
C GLY A 332 -8.75 31.59 29.00
N MET A 333 -8.19 32.65 28.43
CA MET A 333 -8.07 33.93 29.13
C MET A 333 -9.38 34.71 29.18
N GLU A 334 -10.35 34.37 28.34
CA GLU A 334 -11.63 35.08 28.31
C GLU A 334 -12.68 34.47 29.24
N ILE A 335 -12.46 33.27 29.75
CA ILE A 335 -13.45 32.58 30.55
C ILE A 335 -13.11 32.83 32.02
N ARG A 336 -13.94 33.64 32.69
CA ARG A 336 -13.72 34.05 34.06
C ARG A 336 -14.63 33.30 35.02
N PRO A 337 -14.22 33.14 36.27
CA PRO A 337 -15.04 32.42 37.25
C PRO A 337 -15.98 33.35 38.00
N LEU A 338 -17.17 32.83 38.36
CA LEU A 338 -18.10 33.56 39.22
C LEU A 338 -18.61 32.72 40.38
N SER A 339 -18.51 31.40 40.31
CA SER A 339 -18.85 30.56 41.44
C SER A 339 -17.94 30.82 42.63
N GLU A 340 -16.65 30.56 42.45
CA GLU A 340 -15.65 30.80 43.48
C GLU A 340 -14.98 32.15 43.23
N LYS A 341 -13.91 32.43 43.98
CA LYS A 341 -13.19 33.69 43.88
C LYS A 341 -11.86 33.47 43.17
N GLU A 342 -11.48 34.45 42.34
CA GLU A 342 -10.27 34.31 41.53
C GLU A 342 -9.01 34.26 42.39
N GLU A 343 -9.01 34.98 43.52
CA GLU A 343 -7.82 35.06 44.35
C GLU A 343 -7.45 33.73 44.99
N ASN A 344 -8.36 32.76 45.00
CA ASN A 344 -8.15 31.49 45.68
C ASN A 344 -8.04 30.32 44.71
N MET A 345 -7.38 30.51 43.57
CA MET A 345 -7.20 29.44 42.60
C MET A 345 -5.82 29.52 41.98
N VAL A 346 -5.48 28.49 41.22
CA VAL A 346 -4.18 28.39 40.54
C VAL A 346 -4.27 29.09 39.20
N LYS A 347 -3.37 30.02 38.95
CA LYS A 347 -3.27 30.75 37.69
C LYS A 347 -2.04 30.29 36.93
N SER A 348 -1.86 30.87 35.74
CA SER A 348 -0.71 30.51 34.90
C SER A 348 0.58 31.03 35.52
N GLN A 349 1.57 30.14 35.62
CA GLN A 349 2.88 30.53 36.14
C GLN A 349 3.65 31.43 35.18
N VAL A 350 3.24 31.52 33.93
CA VAL A 350 3.94 32.37 32.97
C VAL A 350 3.80 33.84 33.39
N SER A 351 4.84 34.61 33.08
CA SER A 351 4.87 36.02 33.46
C SER A 351 3.90 36.83 32.60
N ALA A 352 3.25 37.80 33.25
CA ALA A 352 2.30 38.66 32.56
C ALA A 352 3.01 39.84 31.90
N ASP B 1 8.71 -14.78 -3.01
CA ASP B 1 8.29 -13.56 -2.34
C ASP B 1 7.04 -12.97 -2.98
N THR B 2 6.26 -12.23 -2.20
CA THR B 2 5.04 -11.61 -2.69
C THR B 2 4.85 -10.28 -1.98
N GLY B 3 4.65 -9.21 -2.75
CA GLY B 3 4.48 -7.91 -2.17
C GLY B 3 4.45 -6.84 -3.25
N CYS B 4 4.60 -5.59 -2.80
CA CYS B 4 4.57 -4.43 -3.67
C CYS B 4 5.88 -3.66 -3.54
N ALA B 5 6.22 -2.91 -4.58
CA ALA B 5 7.46 -2.14 -4.58
C ALA B 5 7.31 -0.91 -5.48
N VAL B 6 7.90 0.20 -5.04
CA VAL B 6 7.95 1.42 -5.84
C VAL B 6 9.29 1.46 -6.56
N SER B 7 9.25 1.70 -7.86
CA SER B 7 10.43 1.59 -8.70
C SER B 7 11.48 2.64 -8.33
N TRP B 8 12.63 2.56 -8.99
CA TRP B 8 13.73 3.49 -8.70
C TRP B 8 13.33 4.92 -9.01
N SER B 9 12.63 5.13 -10.11
CA SER B 9 12.20 6.47 -10.49
C SER B 9 11.04 6.98 -9.65
N GLY B 10 10.34 6.11 -8.94
CA GLY B 10 9.23 6.53 -8.11
C GLY B 10 7.94 6.79 -8.85
N LYS B 11 7.82 6.32 -10.10
CA LYS B 11 6.64 6.58 -10.91
C LYS B 11 5.70 5.40 -11.02
N GLU B 12 6.11 4.22 -10.56
CA GLU B 12 5.29 3.02 -10.64
C GLU B 12 5.20 2.34 -9.28
N LEU B 13 4.14 1.56 -9.12
CA LEU B 13 3.93 0.73 -7.94
C LEU B 13 3.49 -0.64 -8.43
N LYS B 14 4.42 -1.58 -8.50
CA LYS B 14 4.18 -2.90 -9.09
C LYS B 14 4.06 -3.93 -7.98
N CYS B 15 2.99 -4.72 -8.02
CA CYS B 15 2.74 -5.78 -7.07
C CYS B 15 2.71 -7.12 -7.78
N GLY B 16 3.19 -8.16 -7.10
CA GLY B 16 3.23 -9.48 -7.70
C GLY B 16 4.08 -10.42 -6.88
N SER B 17 4.58 -11.46 -7.53
CA SER B 17 5.40 -12.48 -6.89
C SER B 17 6.67 -12.70 -7.69
N GLY B 18 7.76 -12.97 -6.98
CA GLY B 18 9.05 -13.19 -7.61
C GLY B 18 10.18 -13.34 -6.63
N ILE B 19 11.29 -12.67 -6.88
CA ILE B 19 12.46 -12.67 -6.00
C ILE B 19 12.81 -11.23 -5.66
N PHE B 20 12.94 -10.94 -4.37
CA PHE B 20 13.20 -9.59 -3.89
C PHE B 20 14.56 -9.57 -3.19
N VAL B 21 15.58 -9.10 -3.90
CA VAL B 21 16.94 -9.00 -3.39
C VAL B 21 17.04 -7.68 -2.65
N ILE B 22 17.33 -7.76 -1.35
CA ILE B 22 17.26 -6.62 -0.45
C ILE B 22 18.66 -6.23 -0.01
N ASP B 23 18.89 -4.93 0.14
CA ASP B 23 20.10 -4.45 0.79
C ASP B 23 20.14 -4.93 2.23
N ASN B 24 21.21 -5.63 2.60
CA ASN B 24 21.40 -6.09 3.97
C ASN B 24 22.50 -5.34 4.69
N VAL B 25 23.31 -4.55 3.98
CA VAL B 25 24.25 -3.65 4.64
C VAL B 25 23.49 -2.55 5.36
N HIS B 26 22.45 -2.01 4.73
CA HIS B 26 21.53 -1.05 5.33
C HIS B 26 20.24 -1.82 5.60
N THR B 27 20.16 -2.42 6.78
CA THR B 27 19.24 -3.52 7.03
C THR B 27 17.79 -3.09 7.20
N TRP B 28 17.56 -1.86 7.68
CA TRP B 28 16.25 -1.34 8.10
C TRP B 28 15.82 -1.95 9.43
N THR B 29 16.59 -2.92 9.92
CA THR B 29 16.31 -3.63 11.18
C THR B 29 17.65 -3.94 11.84
N GLU B 30 17.63 -4.82 12.83
CA GLU B 30 18.85 -5.23 13.50
C GLU B 30 19.54 -6.33 12.70
N GLN B 31 20.84 -6.46 12.91
CA GLN B 31 21.65 -7.38 12.12
C GLN B 31 21.37 -8.83 12.53
N TYR B 32 21.80 -9.75 11.67
CA TYR B 32 21.63 -11.17 11.92
C TYR B 32 22.58 -11.63 13.03
N LYS B 33 22.23 -12.77 13.63
CA LYS B 33 23.06 -13.40 14.65
C LYS B 33 23.40 -14.81 14.20
N PHE B 34 24.68 -15.17 14.26
CA PHE B 34 25.09 -16.53 13.97
C PHE B 34 24.95 -17.41 15.20
N GLN B 35 24.28 -18.55 15.02
CA GLN B 35 24.05 -19.49 16.11
C GLN B 35 24.81 -20.78 15.85
N PRO B 36 25.83 -21.10 16.62
CA PRO B 36 26.62 -22.31 16.38
C PRO B 36 25.82 -23.56 16.75
N GLU B 37 26.45 -24.71 16.52
CA GLU B 37 25.79 -25.99 16.74
C GLU B 37 25.41 -26.20 18.20
N SER B 38 26.41 -26.28 19.07
CA SER B 38 26.20 -26.60 20.48
C SER B 38 27.47 -26.29 21.23
N PRO B 39 27.39 -26.02 22.54
CA PRO B 39 28.60 -25.69 23.31
C PRO B 39 29.61 -26.81 23.41
N ALA B 40 29.21 -28.07 23.21
CA ALA B 40 30.09 -29.20 23.40
C ALA B 40 30.81 -29.65 22.14
N ARG B 41 30.13 -29.62 20.99
CA ARG B 41 30.76 -30.06 19.75
C ARG B 41 31.91 -29.14 19.35
N LEU B 42 31.73 -27.83 19.54
CA LEU B 42 32.81 -26.89 19.21
C LEU B 42 34.02 -27.09 20.10
N ALA B 43 33.80 -27.39 21.39
CA ALA B 43 34.92 -27.64 22.29
C ALA B 43 35.71 -28.87 21.84
N SER B 44 35.02 -29.94 21.48
CA SER B 44 35.71 -31.13 20.99
C SER B 44 36.46 -30.83 19.70
N ALA B 45 35.84 -30.08 18.79
CA ALA B 45 36.48 -29.75 17.52
C ALA B 45 37.75 -28.94 17.74
N ILE B 46 37.69 -27.92 18.61
CA ILE B 46 38.86 -27.09 18.84
C ILE B 46 39.94 -27.87 19.57
N LEU B 47 39.56 -28.76 20.49
CA LEU B 47 40.56 -29.60 21.15
C LEU B 47 41.27 -30.49 20.16
N ASN B 48 40.51 -31.14 19.27
CA ASN B 48 41.12 -32.00 18.25
C ASN B 48 42.00 -31.19 17.30
N ALA B 49 41.58 -29.97 16.94
CA ALA B 49 42.39 -29.14 16.05
C ALA B 49 43.68 -28.70 16.73
N HIS B 50 43.61 -28.37 18.03
CA HIS B 50 44.83 -28.01 18.76
C HIS B 50 45.75 -29.20 18.96
N GLU B 51 45.20 -30.41 19.02
CA GLU B 51 46.04 -31.59 19.22
C GLU B 51 47.02 -31.80 18.07
N ASP B 52 46.60 -31.48 16.84
CA ASP B 52 47.41 -31.78 15.66
C ASP B 52 47.94 -30.55 14.95
N GLY B 53 48.16 -29.45 15.66
CA GLY B 53 48.94 -28.35 15.09
C GLY B 53 48.25 -27.02 14.91
N VAL B 54 46.93 -26.99 14.90
CA VAL B 54 46.20 -25.74 14.66
C VAL B 54 46.30 -24.89 15.92
N CYS B 55 46.83 -23.68 15.79
CA CYS B 55 47.01 -22.78 16.92
C CYS B 55 45.93 -21.69 16.99
N GLY B 56 45.11 -21.53 15.97
CA GLY B 56 44.12 -20.49 15.97
C GLY B 56 43.22 -20.59 14.76
N ILE B 57 42.28 -19.63 14.69
CA ILE B 57 41.33 -19.54 13.59
C ILE B 57 41.20 -18.08 13.15
N ARG B 58 40.78 -17.91 11.90
CA ARG B 58 40.48 -16.60 11.33
C ARG B 58 39.03 -16.56 10.88
N SER B 59 38.33 -15.50 11.26
CA SER B 59 36.94 -15.34 10.86
C SER B 59 36.85 -14.96 9.39
N THR B 60 35.79 -15.44 8.72
CA THR B 60 35.53 -15.14 7.33
C THR B 60 34.56 -13.97 7.14
N THR B 61 33.67 -13.76 8.10
CA THR B 61 32.73 -12.64 8.07
C THR B 61 32.74 -11.95 9.43
N ARG B 62 32.35 -10.67 9.43
CA ARG B 62 32.31 -9.91 10.68
C ARG B 62 31.26 -10.44 11.65
N LEU B 63 30.30 -11.24 11.17
CA LEU B 63 29.34 -11.88 12.04
C LEU B 63 29.94 -13.06 12.79
N GLU B 64 30.85 -13.80 12.16
CA GLU B 64 31.52 -14.91 12.82
C GLU B 64 32.40 -14.44 13.97
N ASN B 65 33.01 -13.27 13.85
CA ASN B 65 33.78 -12.71 14.97
C ASN B 65 32.88 -12.43 16.16
N ILE B 66 31.70 -11.84 15.91
CA ILE B 66 30.75 -11.59 16.99
C ILE B 66 30.32 -12.90 17.62
N MET B 67 30.05 -13.92 16.79
CA MET B 67 29.69 -15.23 17.31
C MET B 67 30.79 -15.79 18.22
N TRP B 68 32.03 -15.73 17.77
CA TRP B 68 33.13 -16.27 18.57
C TRP B 68 33.30 -15.51 19.87
N LYS B 69 33.17 -14.18 19.82
CA LYS B 69 33.26 -13.39 21.04
C LYS B 69 32.16 -13.77 22.03
N GLN B 70 30.95 -14.03 21.52
CA GLN B 70 29.86 -14.45 22.40
C GLN B 70 30.10 -15.85 22.98
N ILE B 71 30.64 -16.77 22.17
CA ILE B 71 30.68 -18.18 22.56
C ILE B 71 31.92 -18.55 23.37
N THR B 72 33.00 -17.75 23.31
CA THR B 72 34.26 -18.14 23.93
C THR B 72 34.10 -18.47 25.42
N ASN B 73 33.19 -17.79 26.12
CA ASN B 73 33.04 -18.03 27.55
C ASN B 73 32.56 -19.44 27.84
N GLU B 74 31.49 -19.88 27.15
CA GLU B 74 31.02 -21.24 27.34
C GLU B 74 31.98 -22.25 26.73
N LEU B 75 32.84 -21.87 25.80
CA LEU B 75 33.73 -22.91 25.22
C LEU B 75 34.89 -23.15 26.18
N ASN B 76 34.90 -22.47 27.32
CA ASN B 76 36.12 -22.57 28.18
C ASN B 76 35.81 -23.36 29.43
N TYR B 77 34.69 -23.06 30.08
CA TYR B 77 34.27 -23.83 31.28
C TYR B 77 34.53 -25.30 30.96
N VAL B 78 33.88 -25.82 29.91
CA VAL B 78 34.04 -27.26 29.56
C VAL B 78 35.51 -27.54 29.24
N LEU B 79 36.14 -26.71 28.41
CA LEU B 79 37.55 -26.94 27.98
C LEU B 79 38.49 -26.97 29.19
N TRP B 80 38.11 -26.39 30.34
CA TRP B 80 38.99 -26.53 31.54
C TRP B 80 38.42 -27.59 32.50
N GLU B 81 37.15 -27.98 32.35
CA GLU B 81 36.58 -29.06 33.20
C GLU B 81 37.26 -30.40 32.90
N GLY B 82 36.93 -31.07 31.79
CA GLY B 82 37.58 -32.27 31.31
C GLY B 82 39.04 -32.41 31.67
N GLY B 83 39.63 -31.38 32.29
CA GLY B 83 41.01 -31.43 32.71
C GLY B 83 42.03 -31.12 31.64
N HIS B 84 41.59 -30.74 30.43
CA HIS B 84 42.52 -30.43 29.37
C HIS B 84 43.13 -29.05 29.61
N ASP B 85 44.47 -28.98 29.54
CA ASP B 85 45.20 -27.75 29.86
C ASP B 85 45.31 -26.90 28.61
N LEU B 86 44.23 -26.18 28.32
CA LEU B 86 44.18 -25.30 27.15
C LEU B 86 43.09 -24.27 27.35
N THR B 87 43.39 -23.01 27.05
CA THR B 87 42.43 -21.92 27.17
C THR B 87 42.39 -21.16 25.85
N VAL B 88 41.20 -20.98 25.30
CA VAL B 88 41.04 -20.25 24.05
C VAL B 88 40.97 -18.76 24.34
N VAL B 89 41.67 -17.97 23.53
CA VAL B 89 41.77 -16.53 23.72
C VAL B 89 41.05 -15.86 22.55
N ALA B 90 40.15 -14.94 22.88
CA ALA B 90 39.37 -14.25 21.86
C ALA B 90 40.20 -13.11 21.26
N GLY B 91 39.56 -12.28 20.46
CA GLY B 91 40.24 -11.17 19.83
C GLY B 91 39.30 -10.42 18.91
N ASP B 92 39.74 -9.23 18.51
CA ASP B 92 38.97 -8.35 17.63
C ASP B 92 39.59 -8.36 16.23
N VAL B 93 38.89 -7.70 15.31
CA VAL B 93 39.31 -7.58 13.93
C VAL B 93 39.63 -6.12 13.62
N LYS B 94 40.76 -5.90 12.96
CA LYS B 94 41.15 -4.55 12.54
C LYS B 94 41.86 -4.69 11.21
N GLY B 95 41.20 -4.29 10.13
CA GLY B 95 41.75 -4.46 8.80
C GLY B 95 41.01 -5.51 8.00
N VAL B 96 41.74 -6.26 7.17
CA VAL B 96 41.12 -7.28 6.34
C VAL B 96 40.96 -8.57 7.12
N LEU B 97 40.01 -9.39 6.69
CA LEU B 97 39.81 -10.72 7.24
C LEU B 97 40.80 -11.66 6.54
N SER B 98 41.99 -11.80 7.13
CA SER B 98 43.08 -12.51 6.47
C SER B 98 42.75 -14.01 6.34
N LYS B 99 43.56 -14.68 5.53
CA LYS B 99 43.31 -16.05 5.13
C LYS B 99 44.13 -17.02 5.97
N GLY B 100 43.59 -18.23 6.12
CA GLY B 100 44.30 -19.30 6.79
C GLY B 100 44.48 -20.49 5.88
N LYS B 101 45.28 -21.44 6.34
CA LYS B 101 45.61 -22.63 5.55
C LYS B 101 45.17 -23.93 6.20
N ARG B 102 44.43 -23.87 7.31
CA ARG B 102 43.94 -25.07 7.98
C ARG B 102 42.41 -24.99 8.08
N ALA B 103 41.83 -26.00 8.73
CA ALA B 103 40.38 -26.05 8.89
C ALA B 103 40.04 -27.05 9.99
N LEU B 104 39.00 -26.74 10.76
CA LEU B 104 38.52 -27.67 11.77
C LEU B 104 37.75 -28.81 11.12
N ALA B 105 37.68 -29.94 11.84
CA ALA B 105 36.94 -31.12 11.41
C ALA B 105 35.79 -31.40 12.37
N PRO B 106 34.73 -32.04 11.88
CA PRO B 106 33.60 -32.38 12.77
C PRO B 106 34.06 -33.32 13.88
N PRO B 107 33.51 -33.17 15.08
CA PRO B 107 33.93 -34.03 16.19
C PRO B 107 33.37 -35.43 16.05
N VAL B 108 33.96 -36.36 16.82
CA VAL B 108 33.52 -37.74 16.83
C VAL B 108 32.99 -38.12 18.21
N SER B 131 50.46 -22.25 24.91
CA SER B 131 49.37 -23.14 25.28
C SER B 131 48.04 -22.40 25.21
N THR B 132 47.84 -21.62 24.16
CA THR B 132 46.63 -20.84 23.99
C THR B 132 46.15 -20.96 22.54
N PHE B 133 44.83 -20.84 22.38
CA PHE B 133 44.20 -20.84 21.07
C PHE B 133 43.65 -19.45 20.81
N LEU B 134 44.11 -18.83 19.73
CA LEU B 134 43.79 -17.43 19.43
C LEU B 134 42.72 -17.38 18.34
N ILE B 135 41.60 -16.75 18.64
CA ILE B 135 40.52 -16.54 17.69
C ILE B 135 40.63 -15.09 17.23
N ASP B 136 41.10 -14.89 16.00
CA ASP B 136 41.33 -13.56 15.43
C ASP B 136 42.37 -12.79 16.22
N GLY B 137 42.65 -11.55 15.81
CA GLY B 137 43.60 -10.72 16.50
C GLY B 137 44.62 -10.11 15.54
N PRO B 138 45.72 -9.61 16.10
CA PRO B 138 46.76 -9.01 15.25
C PRO B 138 47.74 -10.05 14.73
N ASP B 139 48.68 -9.63 13.89
CA ASP B 139 49.65 -10.53 13.29
C ASP B 139 50.72 -10.87 14.32
N THR B 140 50.74 -12.13 14.76
CA THR B 140 51.71 -12.61 15.73
C THR B 140 52.48 -13.78 15.16
N SER B 141 53.80 -13.75 15.35
CA SER B 141 54.65 -14.84 14.89
C SER B 141 54.46 -16.10 15.72
N GLU B 142 53.90 -16.00 16.92
CA GLU B 142 53.67 -17.18 17.75
C GLU B 142 52.65 -18.13 17.12
N CYS B 143 51.62 -17.59 16.48
CA CYS B 143 50.62 -18.40 15.78
C CYS B 143 50.43 -17.83 14.38
N PRO B 144 51.27 -18.22 13.43
CA PRO B 144 51.16 -17.70 12.07
C PRO B 144 49.91 -18.25 11.37
N ASN B 145 49.53 -17.54 10.30
CA ASN B 145 48.30 -17.88 9.59
C ASN B 145 48.35 -19.26 8.94
N GLU B 146 49.54 -19.77 8.64
CA GLU B 146 49.67 -21.08 8.01
C GLU B 146 49.24 -22.21 8.93
N ARG B 147 49.09 -21.96 10.22
CA ARG B 147 48.62 -22.96 11.18
C ARG B 147 47.25 -22.57 11.75
N ARG B 148 46.50 -21.76 11.01
CA ARG B 148 45.23 -21.21 11.48
C ARG B 148 44.10 -21.70 10.60
N ALA B 149 43.02 -22.15 11.23
CA ALA B 149 41.84 -22.58 10.50
C ALA B 149 41.09 -21.38 9.93
N TRP B 150 40.33 -21.64 8.87
CA TRP B 150 39.64 -20.56 8.17
C TRP B 150 38.61 -21.15 7.21
N ASN B 151 37.42 -20.54 7.18
CA ASN B 151 36.34 -20.89 6.26
C ASN B 151 35.93 -22.36 6.42
N PHE B 152 35.38 -22.67 7.60
CA PHE B 152 34.91 -24.02 7.91
C PHE B 152 33.47 -24.05 8.40
N LEU B 153 32.76 -22.92 8.38
CA LEU B 153 31.39 -22.84 8.87
C LEU B 153 30.45 -22.49 7.73
N GLU B 154 29.22 -23.01 7.80
CA GLU B 154 28.25 -22.78 6.75
C GLU B 154 26.84 -22.83 7.32
N VAL B 155 25.91 -22.22 6.59
CA VAL B 155 24.54 -22.07 7.03
C VAL B 155 23.79 -23.38 6.87
N GLU B 156 22.77 -23.59 7.72
CA GLU B 156 21.87 -24.72 7.59
C GLU B 156 20.40 -24.33 7.47
N ASP B 157 20.00 -23.16 7.96
CA ASP B 157 18.67 -22.61 7.70
C ASP B 157 18.66 -21.14 8.13
N TYR B 158 17.49 -20.51 7.98
CA TYR B 158 17.32 -19.08 8.21
C TYR B 158 16.18 -18.79 9.18
N GLY B 159 16.23 -17.59 9.74
CA GLY B 159 15.07 -16.84 10.19
C GLY B 159 15.16 -15.46 9.58
N PHE B 160 14.29 -15.16 8.60
CA PHE B 160 14.47 -14.02 7.71
C PHE B 160 13.21 -13.15 7.80
N GLY B 161 13.18 -12.27 8.78
CA GLY B 161 12.00 -11.48 9.06
C GLY B 161 12.31 -10.16 9.74
N MET B 162 11.38 -9.73 10.59
CA MET B 162 11.42 -8.41 11.19
C MET B 162 11.70 -8.50 12.69
N PHE B 163 12.47 -7.53 13.20
CA PHE B 163 12.66 -7.28 14.62
C PHE B 163 13.52 -8.34 15.30
N THR B 164 13.84 -9.43 14.59
CA THR B 164 14.71 -10.47 15.09
C THR B 164 15.04 -11.42 13.95
N THR B 165 16.31 -11.83 13.88
CA THR B 165 16.78 -12.77 12.88
C THR B 165 17.86 -13.64 13.50
N ASN B 166 17.87 -14.91 13.13
CA ASN B 166 18.89 -15.85 13.59
C ASN B 166 19.27 -16.78 12.45
N ILE B 167 20.55 -17.15 12.42
CA ILE B 167 21.08 -18.10 11.44
C ILE B 167 21.77 -19.22 12.18
N TRP B 168 21.43 -20.46 11.85
CA TRP B 168 22.02 -21.63 12.46
C TRP B 168 23.13 -22.17 11.57
N MET B 169 24.33 -22.25 12.12
CA MET B 169 25.51 -22.68 11.37
C MET B 169 25.82 -24.14 11.64
N LYS B 170 26.71 -24.69 10.81
CA LYS B 170 27.14 -26.08 10.94
C LYS B 170 28.51 -26.22 10.30
N PHE B 171 29.17 -27.33 10.61
CA PHE B 171 30.53 -27.56 10.13
C PHE B 171 30.54 -27.87 8.64
N ARG B 172 31.58 -27.38 7.96
CA ARG B 172 31.80 -27.71 6.56
C ARG B 172 32.61 -28.99 6.47
N GLU B 173 32.34 -29.78 5.42
CA GLU B 173 32.98 -31.09 5.30
C GLU B 173 34.39 -30.97 4.72
N GLY B 174 34.52 -30.40 3.53
CA GLY B 174 35.82 -30.30 2.89
C GLY B 174 36.37 -28.90 2.82
N SER B 175 37.69 -28.79 2.64
CA SER B 175 38.31 -27.49 2.50
C SER B 175 37.88 -26.82 1.20
N SER B 176 37.62 -25.51 1.28
CA SER B 176 37.17 -24.76 0.12
C SER B 176 37.58 -23.30 0.28
N GLU B 177 37.90 -22.66 -0.84
CA GLU B 177 38.26 -21.25 -0.88
C GLU B 177 37.11 -20.37 -1.39
N VAL B 178 35.90 -20.92 -1.49
CA VAL B 178 34.75 -20.22 -2.03
C VAL B 178 33.91 -19.71 -0.87
N CYS B 179 33.45 -18.45 -0.98
CA CYS B 179 32.59 -17.88 0.04
C CYS B 179 31.29 -18.68 0.13
N ASP B 180 30.69 -18.70 1.32
CA ASP B 180 29.43 -19.43 1.50
C ASP B 180 28.32 -18.78 0.69
N HIS B 181 27.72 -19.56 -0.22
CA HIS B 181 26.76 -19.03 -1.17
C HIS B 181 25.37 -18.82 -0.60
N ARG B 182 25.07 -19.37 0.58
CA ARG B 182 23.74 -19.19 1.14
C ARG B 182 23.46 -17.74 1.51
N LEU B 183 24.50 -16.95 1.76
CA LEU B 183 24.35 -15.58 2.24
C LEU B 183 24.40 -14.56 1.12
N MET B 184 24.47 -14.98 -0.14
CA MET B 184 24.72 -14.09 -1.25
C MET B 184 23.50 -13.95 -2.14
N SER B 185 23.55 -12.94 -3.01
CA SER B 185 22.47 -12.64 -3.94
C SER B 185 23.05 -11.90 -5.14
N ALA B 186 22.23 -11.79 -6.18
CA ALA B 186 22.58 -11.05 -7.38
C ALA B 186 21.31 -10.86 -8.20
N ALA B 187 21.17 -9.69 -8.80
CA ALA B 187 19.95 -9.37 -9.54
C ALA B 187 20.25 -8.29 -10.58
N ILE B 188 19.55 -8.38 -11.70
CA ILE B 188 19.61 -7.37 -12.75
C ILE B 188 18.19 -7.16 -13.29
N LYS B 189 17.85 -5.91 -13.55
CA LYS B 189 16.57 -5.57 -14.13
C LYS B 189 16.70 -4.27 -14.90
N ASP B 190 16.25 -4.27 -16.15
CA ASP B 190 16.29 -3.08 -17.00
C ASP B 190 17.72 -2.64 -17.24
N GLN B 191 18.20 -1.67 -16.46
CA GLN B 191 19.53 -1.10 -16.65
C GLN B 191 20.27 -0.92 -15.32
N LYS B 192 20.01 -1.79 -14.36
CA LYS B 192 20.66 -1.69 -13.05
C LYS B 192 20.86 -3.08 -12.48
N ALA B 193 22.12 -3.41 -12.19
CA ALA B 193 22.48 -4.69 -11.58
C ALA B 193 23.01 -4.46 -10.17
N VAL B 194 23.16 -5.55 -9.43
CA VAL B 194 23.64 -5.48 -8.05
C VAL B 194 24.17 -6.85 -7.65
N HIS B 195 25.23 -6.86 -6.86
CA HIS B 195 25.83 -8.07 -6.30
C HIS B 195 25.83 -7.94 -4.79
N ALA B 196 24.76 -8.37 -4.15
CA ALA B 196 24.55 -8.19 -2.73
C ALA B 196 25.25 -9.27 -1.91
N ASP B 197 25.31 -9.05 -0.61
CA ASP B 197 25.95 -9.95 0.34
C ASP B 197 25.62 -9.44 1.74
N MET B 198 26.10 -10.16 2.76
CA MET B 198 25.91 -9.72 4.13
C MET B 198 26.80 -8.54 4.49
N GLY B 199 27.86 -8.30 3.72
CA GLY B 199 28.74 -7.18 3.99
C GLY B 199 29.19 -6.46 2.73
N TYR B 200 28.65 -6.85 1.58
CA TYR B 200 29.00 -6.26 0.30
C TYR B 200 27.76 -5.71 -0.36
N TRP B 201 27.90 -4.59 -1.07
CA TRP B 201 26.80 -4.06 -1.87
C TRP B 201 27.42 -3.33 -3.07
N ILE B 202 27.56 -4.05 -4.18
CA ILE B 202 28.15 -3.52 -5.40
C ILE B 202 27.01 -3.21 -6.37
N GLU B 203 27.01 -1.99 -6.91
CA GLU B 203 25.98 -1.54 -7.83
C GLU B 203 26.57 -1.25 -9.19
N SER B 204 25.84 -1.63 -10.24
CA SER B 204 26.24 -1.36 -11.60
C SER B 204 25.10 -0.65 -12.32
N SER B 205 25.42 0.00 -13.44
CA SER B 205 24.44 0.76 -14.19
C SER B 205 24.91 0.91 -15.62
N LYS B 206 23.98 1.29 -16.49
CA LYS B 206 24.27 1.48 -17.91
C LYS B 206 24.05 2.95 -18.27
N ASN B 207 25.16 3.65 -18.55
CA ASN B 207 25.13 4.99 -19.14
C ASN B 207 26.08 4.93 -20.32
N GLN B 208 25.55 4.49 -21.48
CA GLN B 208 26.27 4.22 -22.72
C GLN B 208 27.13 2.96 -22.64
N THR B 209 27.23 2.33 -21.46
CA THR B 209 28.02 1.12 -21.26
C THR B 209 27.76 0.62 -19.85
N TRP B 210 28.06 -0.66 -19.64
CA TRP B 210 27.91 -1.29 -18.33
C TRP B 210 29.20 -1.14 -17.55
N GLN B 211 29.13 -0.51 -16.38
CA GLN B 211 30.30 -0.34 -15.54
C GLN B 211 29.85 -0.14 -14.10
N ILE B 212 30.79 -0.34 -13.18
CA ILE B 212 30.49 -0.21 -11.76
C ILE B 212 30.13 1.23 -11.44
N GLU B 213 29.21 1.41 -10.49
CA GLU B 213 28.75 2.74 -10.11
C GLU B 213 29.04 3.06 -8.65
N LYS B 214 28.83 2.11 -7.74
CA LYS B 214 29.03 2.32 -6.32
C LYS B 214 29.50 1.04 -5.67
N ALA B 215 29.82 1.14 -4.38
CA ALA B 215 30.17 -0.02 -3.57
C ALA B 215 30.19 0.44 -2.11
N SER B 216 29.68 -0.40 -1.22
CA SER B 216 29.58 -0.08 0.21
C SER B 216 30.12 -1.29 0.96
N LEU B 217 31.42 -1.28 1.23
CA LEU B 217 32.07 -2.42 1.88
C LEU B 217 32.07 -2.19 3.39
N ILE B 218 31.16 -2.86 4.09
CA ILE B 218 31.17 -2.81 5.54
C ILE B 218 32.21 -3.74 6.13
N GLU B 219 32.88 -4.53 5.27
CA GLU B 219 33.98 -5.38 5.68
C GLU B 219 34.81 -5.68 4.44
N VAL B 220 35.89 -6.42 4.65
CA VAL B 220 36.74 -6.90 3.56
C VAL B 220 37.00 -8.38 3.80
N LYS B 221 36.64 -9.21 2.82
CA LYS B 221 36.82 -10.64 2.91
C LYS B 221 38.01 -11.08 2.06
N THR B 222 38.28 -12.39 2.08
CA THR B 222 39.37 -12.96 1.30
C THR B 222 38.96 -14.26 0.59
N CYS B 223 37.74 -14.74 0.80
CA CYS B 223 37.27 -15.90 0.07
C CYS B 223 36.86 -15.48 -1.34
N LEU B 224 36.50 -16.45 -2.17
CA LEU B 224 36.18 -16.20 -3.56
C LEU B 224 34.66 -16.11 -3.75
N TRP B 225 34.24 -15.19 -4.59
CA TRP B 225 32.83 -15.06 -4.93
C TRP B 225 32.43 -16.21 -5.84
N PRO B 226 31.46 -17.05 -5.45
CA PRO B 226 31.07 -18.17 -6.31
C PRO B 226 30.50 -17.67 -7.64
N LYS B 227 30.77 -18.43 -8.70
CA LYS B 227 30.35 -18.04 -10.04
C LYS B 227 28.90 -18.43 -10.34
N THR B 228 28.26 -19.19 -9.45
CA THR B 228 26.83 -19.45 -9.60
C THR B 228 25.98 -18.23 -9.26
N HIS B 229 26.55 -17.25 -8.55
CA HIS B 229 25.85 -16.04 -8.15
C HIS B 229 26.42 -14.81 -8.84
N THR B 230 26.93 -14.98 -10.06
CA THR B 230 27.61 -13.92 -10.79
C THR B 230 26.94 -13.71 -12.14
N LEU B 231 26.66 -12.45 -12.45
CA LEU B 231 26.13 -12.04 -13.75
C LEU B 231 27.26 -11.75 -14.70
N TRP B 232 27.13 -12.21 -15.94
CA TRP B 232 28.06 -11.89 -17.02
C TRP B 232 29.49 -12.34 -16.66
N SER B 233 29.64 -13.65 -16.50
CA SER B 233 30.88 -14.26 -16.05
C SER B 233 31.78 -14.72 -17.18
N ASN B 234 31.47 -14.37 -18.43
CA ASN B 234 32.22 -14.85 -19.58
C ASN B 234 33.14 -13.76 -20.11
N GLY B 235 34.34 -14.17 -20.52
CA GLY B 235 35.31 -13.23 -21.07
C GLY B 235 35.82 -12.21 -20.09
N VAL B 236 36.14 -12.64 -18.87
CA VAL B 236 36.58 -11.75 -17.80
C VAL B 236 38.08 -11.93 -17.59
N LEU B 237 38.81 -10.82 -17.57
CA LEU B 237 40.23 -10.82 -17.27
C LEU B 237 40.45 -10.35 -15.84
N GLU B 238 41.28 -11.08 -15.10
CA GLU B 238 41.54 -10.77 -13.70
C GLU B 238 42.28 -9.45 -13.51
N SER B 239 42.87 -8.89 -14.57
CA SER B 239 43.55 -7.61 -14.50
C SER B 239 42.67 -6.45 -14.90
N GLN B 240 41.35 -6.64 -14.89
CA GLN B 240 40.39 -5.59 -15.18
C GLN B 240 39.35 -5.40 -14.09
N MET B 241 39.25 -6.32 -13.14
CA MET B 241 38.23 -6.25 -12.09
C MET B 241 38.61 -5.17 -11.08
N LEU B 242 37.72 -4.19 -10.90
CA LEU B 242 38.02 -3.08 -9.99
C LEU B 242 38.25 -3.57 -8.58
N ILE B 243 37.35 -4.40 -8.06
CA ILE B 243 37.53 -5.04 -6.77
C ILE B 243 38.25 -6.37 -7.02
N PRO B 244 39.50 -6.53 -6.55
CA PRO B 244 40.28 -7.72 -6.91
C PRO B 244 39.61 -9.00 -6.43
N LYS B 245 39.80 -10.06 -7.21
CA LYS B 245 39.25 -11.37 -6.86
C LYS B 245 39.86 -11.92 -5.58
N ALA B 246 41.02 -11.42 -5.16
CA ALA B 246 41.59 -11.80 -3.88
C ALA B 246 40.84 -11.22 -2.71
N TYR B 247 39.92 -10.27 -2.94
CA TYR B 247 39.13 -9.64 -1.90
C TYR B 247 37.64 -9.84 -2.15
N ALA B 248 37.26 -11.04 -2.57
CA ALA B 248 35.87 -11.43 -2.77
C ALA B 248 35.15 -10.51 -3.76
N GLY B 249 35.85 -10.16 -4.84
CA GLY B 249 35.26 -9.38 -5.90
C GLY B 249 34.62 -10.27 -6.94
N PRO B 250 33.42 -9.90 -7.40
CA PRO B 250 32.71 -10.74 -8.38
C PRO B 250 33.51 -10.89 -9.66
N PHE B 251 33.48 -12.11 -10.21
CA PHE B 251 34.19 -12.42 -11.46
C PHE B 251 33.27 -12.09 -12.64
N SER B 252 33.01 -10.79 -12.79
CA SER B 252 31.98 -10.30 -13.70
C SER B 252 32.51 -9.13 -14.51
N GLN B 253 31.82 -8.83 -15.60
CA GLN B 253 32.09 -7.63 -16.38
C GLN B 253 31.32 -6.42 -15.88
N HIS B 254 30.37 -6.63 -14.96
CA HIS B 254 29.79 -5.51 -14.24
C HIS B 254 30.74 -4.97 -13.18
N ASN B 255 31.73 -5.76 -12.77
CA ASN B 255 32.77 -5.31 -11.85
C ASN B 255 33.93 -4.74 -12.66
N TYR B 256 33.68 -3.55 -13.21
CA TYR B 256 34.59 -2.95 -14.16
C TYR B 256 34.29 -1.46 -14.28
N ARG B 257 35.34 -0.65 -14.32
CA ARG B 257 35.22 0.77 -14.62
C ARG B 257 36.23 1.11 -15.71
N GLN B 258 35.82 1.94 -16.67
CA GLN B 258 36.65 2.22 -17.83
C GLN B 258 37.84 3.08 -17.45
N GLY B 259 39.02 2.72 -17.93
CA GLY B 259 40.24 3.45 -17.67
C GLY B 259 41.01 2.98 -16.45
N TYR B 260 40.44 2.08 -15.66
CA TYR B 260 41.07 1.58 -14.44
C TYR B 260 41.35 0.09 -14.56
N ALA B 261 42.32 -0.37 -13.78
CA ALA B 261 42.69 -1.78 -13.69
C ALA B 261 42.44 -2.27 -12.28
N THR B 262 42.86 -3.50 -12.00
CA THR B 262 42.62 -4.10 -10.69
C THR B 262 43.40 -3.35 -9.60
N GLN B 263 42.70 -2.99 -8.54
CA GLN B 263 43.29 -2.24 -7.44
C GLN B 263 43.93 -3.19 -6.44
N THR B 264 45.02 -3.82 -6.88
CA THR B 264 45.74 -4.76 -6.03
C THR B 264 46.35 -4.07 -4.82
N VAL B 265 46.65 -2.78 -4.92
CA VAL B 265 47.22 -2.00 -3.82
C VAL B 265 46.29 -0.83 -3.57
N GLY B 266 45.35 -1.00 -2.65
CA GLY B 266 44.43 0.04 -2.27
C GLY B 266 44.30 0.14 -0.77
N PRO B 267 43.49 1.09 -0.30
CA PRO B 267 43.26 1.26 1.14
C PRO B 267 42.37 0.19 1.75
N TRP B 268 42.71 -1.08 1.49
CA TRP B 268 41.94 -2.19 2.03
C TRP B 268 42.18 -2.40 3.52
N HIS B 269 43.25 -1.82 4.06
CA HIS B 269 43.57 -1.98 5.48
C HIS B 269 42.58 -1.27 6.39
N LEU B 270 41.73 -0.42 5.86
CA LEU B 270 40.77 0.32 6.69
C LEU B 270 39.71 -0.60 7.29
N GLY B 271 39.27 -1.61 6.54
CA GLY B 271 38.10 -2.37 6.95
C GLY B 271 36.87 -1.88 6.20
N LYS B 272 36.10 -0.98 6.82
CA LYS B 272 35.00 -0.35 6.13
C LYS B 272 35.52 0.54 5.01
N LEU B 273 34.87 0.47 3.85
CA LEU B 273 35.20 1.32 2.72
C LEU B 273 33.90 1.76 2.04
N GLU B 274 34.03 2.74 1.14
CA GLU B 274 32.90 3.17 0.31
C GLU B 274 33.46 3.65 -1.02
N ILE B 275 33.42 2.77 -2.01
CA ILE B 275 33.91 3.11 -3.34
C ILE B 275 32.87 3.96 -4.05
N ASP B 276 33.28 5.12 -4.53
CA ASP B 276 32.43 6.01 -5.31
C ASP B 276 33.32 6.91 -6.13
N PHE B 277 32.72 7.58 -7.11
CA PHE B 277 33.48 8.32 -8.11
C PHE B 277 33.19 9.81 -7.95
N GLY B 278 34.25 10.58 -7.72
CA GLY B 278 34.12 11.99 -7.47
C GLY B 278 35.44 12.56 -6.99
N GLU B 279 35.39 13.80 -6.50
CA GLU B 279 36.54 14.46 -5.93
C GLU B 279 36.35 14.62 -4.43
N CYS B 280 37.40 14.30 -3.66
CA CYS B 280 37.37 14.63 -2.24
C CYS B 280 37.31 16.15 -2.09
N PRO B 281 36.66 16.65 -1.03
CA PRO B 281 36.46 18.09 -0.90
C PRO B 281 37.78 18.86 -0.93
N GLY B 282 37.76 19.99 -1.62
CA GLY B 282 38.95 20.81 -1.75
C GLY B 282 40.07 20.20 -2.55
N THR B 283 39.75 19.46 -3.62
CA THR B 283 40.77 18.82 -4.45
C THR B 283 40.27 18.76 -5.89
N THR B 284 41.22 18.73 -6.83
CA THR B 284 40.91 18.70 -8.26
C THR B 284 41.90 17.76 -8.96
N VAL B 285 41.39 17.01 -9.93
CA VAL B 285 42.18 16.05 -10.71
C VAL B 285 42.02 16.38 -12.19
N THR B 286 43.13 16.37 -12.91
CA THR B 286 43.15 16.58 -14.35
C THR B 286 43.87 15.42 -15.03
N ILE B 287 43.94 15.47 -16.35
CA ILE B 287 44.53 14.40 -17.16
C ILE B 287 45.73 14.98 -17.90
N GLN B 288 46.94 14.66 -17.41
CA GLN B 288 48.17 15.06 -18.06
C GLN B 288 49.12 13.86 -18.09
N GLU B 289 49.91 13.78 -19.16
CA GLU B 289 50.81 12.65 -19.37
C GLU B 289 52.16 12.83 -18.69
N ASP B 290 52.47 14.03 -18.19
CA ASP B 290 53.72 14.25 -17.47
C ASP B 290 53.53 14.00 -15.97
N CYS B 291 53.18 12.76 -15.66
CA CYS B 291 52.88 12.35 -14.30
C CYS B 291 53.55 11.01 -14.01
N ASP B 292 53.79 10.74 -12.74
CA ASP B 292 54.34 9.47 -12.33
C ASP B 292 53.38 8.34 -12.69
N HIS B 293 53.95 7.16 -12.91
CA HIS B 293 53.18 6.01 -13.36
C HIS B 293 52.31 5.48 -12.23
N ARG B 294 51.63 4.37 -12.48
CA ARG B 294 50.72 3.77 -11.51
C ARG B 294 51.47 3.37 -10.24
N GLY B 295 50.84 3.60 -9.09
CA GLY B 295 51.46 3.34 -7.82
C GLY B 295 50.47 3.18 -6.69
N PRO B 296 50.96 2.94 -5.47
CA PRO B 296 50.06 2.69 -4.35
C PRO B 296 49.17 3.89 -4.05
N SER B 297 47.98 3.60 -3.53
CA SER B 297 47.01 4.64 -3.21
C SER B 297 47.53 5.53 -2.09
N LEU B 298 47.20 6.81 -2.19
CA LEU B 298 47.67 7.83 -1.25
C LEU B 298 46.50 8.62 -0.70
N ARG B 299 46.61 8.98 0.58
CA ARG B 299 45.60 9.81 1.24
C ARG B 299 45.75 11.26 0.82
N THR B 300 44.69 12.04 1.07
CA THR B 300 44.69 13.45 0.74
C THR B 300 45.28 14.32 1.84
N THR B 301 45.58 13.75 3.00
CA THR B 301 46.18 14.49 4.11
C THR B 301 47.47 13.81 4.54
N THR B 302 48.51 14.62 4.75
CA THR B 302 49.79 14.13 5.20
C THR B 302 49.73 13.77 6.68
N ALA B 303 50.86 13.31 7.22
CA ALA B 303 50.91 12.94 8.63
C ALA B 303 50.61 14.14 9.53
N SER B 304 51.14 15.31 9.17
CA SER B 304 50.80 16.52 9.92
C SER B 304 49.32 16.86 9.78
N GLY B 305 48.77 16.69 8.58
CA GLY B 305 47.36 16.98 8.34
C GLY B 305 47.16 18.06 7.30
N LYS B 306 48.15 18.27 6.44
CA LYS B 306 48.10 19.29 5.41
C LYS B 306 47.46 18.71 4.15
N LEU B 307 46.43 19.39 3.66
CA LEU B 307 45.69 18.91 2.51
C LEU B 307 46.44 19.21 1.21
N VAL B 308 46.52 18.20 0.35
CA VAL B 308 47.13 18.33 -0.97
C VAL B 308 46.03 18.51 -2.00
N THR B 309 46.19 19.50 -2.87
CA THR B 309 45.10 19.95 -3.74
C THR B 309 45.37 19.80 -5.23
N GLN B 310 46.46 19.13 -5.63
CA GLN B 310 46.79 18.98 -7.05
C GLN B 310 47.17 17.54 -7.33
N TRP B 311 46.31 16.85 -8.07
CA TRP B 311 46.56 15.48 -8.53
C TRP B 311 46.27 15.40 -10.03
N CYS B 312 46.89 14.41 -10.67
CA CYS B 312 46.71 14.19 -12.10
C CYS B 312 46.76 12.69 -12.37
N CYS B 313 46.12 12.30 -13.47
CA CYS B 313 46.08 10.91 -13.90
C CYS B 313 46.53 10.82 -15.36
N ARG B 314 47.12 9.66 -15.71
CA ARG B 314 47.70 9.50 -17.03
C ARG B 314 46.63 9.29 -18.09
N SER B 315 45.85 8.21 -17.97
CA SER B 315 44.84 7.87 -18.97
C SER B 315 43.57 7.39 -18.30
N CYS B 316 43.22 8.00 -17.16
CA CYS B 316 42.01 7.63 -16.43
C CYS B 316 40.81 8.32 -17.06
N THR B 317 39.66 8.23 -16.40
CA THR B 317 38.43 8.89 -16.84
C THR B 317 37.78 9.61 -15.67
N MET B 318 37.00 10.64 -15.97
CA MET B 318 36.39 11.43 -14.93
C MET B 318 34.91 11.07 -14.77
N PRO B 319 34.36 11.15 -13.55
CA PRO B 319 34.99 11.55 -12.29
C PRO B 319 35.94 10.47 -11.76
N PRO B 320 36.94 10.84 -10.97
CA PRO B 320 37.97 9.89 -10.56
C PRO B 320 37.51 8.95 -9.46
N LEU B 321 38.17 7.80 -9.40
CA LEU B 321 37.90 6.83 -8.34
C LEU B 321 38.29 7.40 -6.99
N ARG B 322 37.47 7.15 -5.98
CA ARG B 322 37.67 7.76 -4.66
C ARG B 322 37.23 6.79 -3.58
N PHE B 323 38.09 6.59 -2.59
CA PHE B 323 37.81 5.76 -1.43
C PHE B 323 37.49 6.66 -0.23
N LEU B 324 36.47 6.29 0.54
CA LEU B 324 36.05 7.05 1.71
C LEU B 324 36.13 6.17 2.94
N GLY B 325 37.26 6.21 3.64
CA GLY B 325 37.42 5.50 4.89
C GLY B 325 37.02 6.38 6.06
N GLU B 326 37.22 5.83 7.25
CA GLU B 326 36.90 6.56 8.47
C GLU B 326 38.00 7.54 8.88
N ASP B 327 39.15 7.54 8.20
CA ASP B 327 40.27 8.39 8.57
C ASP B 327 40.62 9.41 7.50
N GLY B 328 39.77 9.59 6.50
CA GLY B 328 40.00 10.58 5.47
C GLY B 328 39.44 10.14 4.14
N CYS B 329 40.06 10.63 3.06
CA CYS B 329 39.63 10.36 1.71
C CYS B 329 40.85 9.95 0.89
N TRP B 330 40.68 8.98 -0.01
CA TRP B 330 41.76 8.43 -0.79
C TRP B 330 41.43 8.46 -2.28
N TYR B 331 42.46 8.25 -3.09
CA TYR B 331 42.34 8.10 -4.53
C TYR B 331 42.91 6.75 -4.96
N GLY B 332 42.59 6.37 -6.20
CA GLY B 332 43.02 5.11 -6.75
C GLY B 332 44.47 5.12 -7.16
N MET B 333 44.92 3.95 -7.64
CA MET B 333 46.32 3.78 -8.05
C MET B 333 46.67 4.58 -9.29
N GLU B 334 45.68 4.98 -10.09
CA GLU B 334 45.94 5.67 -11.34
C GLU B 334 45.99 7.18 -11.19
N ILE B 335 45.86 7.70 -9.98
CA ILE B 335 45.88 9.14 -9.72
C ILE B 335 47.05 9.41 -8.79
N ARG B 336 47.96 10.29 -9.22
CA ARG B 336 49.15 10.63 -8.45
C ARG B 336 49.24 12.14 -8.25
N PRO B 337 49.84 12.60 -7.15
CA PRO B 337 49.97 14.03 -6.91
C PRO B 337 51.08 14.64 -7.76
N LEU B 338 50.93 15.93 -8.04
CA LEU B 338 51.94 16.68 -8.78
C LEU B 338 52.57 17.80 -7.97
N SER B 339 51.80 18.52 -7.17
CA SER B 339 52.35 19.58 -6.33
C SER B 339 52.64 19.11 -4.91
N GLU B 340 53.35 17.99 -4.77
CA GLU B 340 53.78 17.48 -3.47
C GLU B 340 54.61 16.22 -3.72
N LYS B 341 55.45 15.86 -2.74
CA LYS B 341 56.37 14.74 -2.85
C LYS B 341 55.86 13.58 -2.03
N GLU B 342 55.80 12.39 -2.65
CA GLU B 342 55.20 11.22 -2.02
C GLU B 342 55.92 10.77 -0.76
N GLU B 343 57.16 11.24 -0.54
CA GLU B 343 57.89 10.85 0.65
C GLU B 343 57.20 11.30 1.93
N ASN B 344 56.44 12.40 1.86
CA ASN B 344 55.74 12.94 3.02
C ASN B 344 54.26 12.55 3.05
N MET B 345 53.84 11.62 2.18
CA MET B 345 52.45 11.19 2.10
C MET B 345 52.29 9.82 2.74
N VAL B 346 51.07 9.56 3.22
CA VAL B 346 50.71 8.27 3.79
C VAL B 346 50.21 7.37 2.68
N LYS B 347 50.90 6.25 2.49
CA LYS B 347 50.54 5.27 1.47
C LYS B 347 49.82 4.09 2.11
N SER B 348 49.17 3.29 1.26
CA SER B 348 48.38 2.17 1.76
C SER B 348 49.28 1.13 2.40
N GLN B 349 48.88 0.66 3.59
CA GLN B 349 49.66 -0.31 4.35
C GLN B 349 49.22 -1.74 4.00
N VAL B 350 49.43 -2.09 2.72
CA VAL B 350 49.13 -3.42 2.22
C VAL B 350 50.38 -3.95 1.50
N SER B 351 50.45 -5.27 1.39
CA SER B 351 51.62 -5.92 0.79
C SER B 351 51.70 -5.57 -0.69
N ALA B 352 52.72 -4.80 -1.05
CA ALA B 352 52.92 -4.41 -2.44
C ALA B 352 53.76 -5.46 -3.18
N ASP C 1 -14.30 -1.37 6.46
CA ASP C 1 -12.86 -1.45 6.29
C ASP C 1 -12.46 -1.32 4.82
N THR C 2 -12.01 -0.14 4.44
CA THR C 2 -11.59 0.10 3.06
C THR C 2 -10.25 -0.55 2.80
N GLY C 3 -10.14 -1.30 1.71
CA GLY C 3 -8.91 -1.98 1.39
C GLY C 3 -9.10 -2.94 0.24
N CYS C 4 -8.05 -3.72 -0.01
CA CYS C 4 -8.02 -4.70 -1.08
C CYS C 4 -7.60 -6.06 -0.54
N ALA C 5 -7.98 -7.11 -1.27
CA ALA C 5 -7.65 -8.47 -0.87
C ALA C 5 -7.64 -9.36 -2.10
N VAL C 6 -6.80 -10.39 -2.06
CA VAL C 6 -6.72 -11.38 -3.14
C VAL C 6 -7.46 -12.64 -2.70
N SER C 7 -8.29 -13.17 -3.59
CA SER C 7 -9.24 -14.21 -3.23
C SER C 7 -8.53 -15.53 -2.94
N TRP C 8 -9.32 -16.51 -2.48
CA TRP C 8 -8.77 -17.81 -2.14
C TRP C 8 -8.17 -18.49 -3.37
N SER C 9 -8.83 -18.38 -4.53
CA SER C 9 -8.32 -18.98 -5.74
C SER C 9 -7.01 -18.36 -6.18
N GLY C 10 -6.71 -17.14 -5.73
CA GLY C 10 -5.50 -16.45 -6.11
C GLY C 10 -5.56 -15.75 -7.45
N LYS C 11 -6.72 -15.75 -8.10
CA LYS C 11 -6.87 -15.19 -9.45
C LYS C 11 -7.53 -13.83 -9.45
N GLU C 12 -8.14 -13.40 -8.35
CA GLU C 12 -8.93 -12.19 -8.32
C GLU C 12 -8.42 -11.26 -7.23
N LEU C 13 -8.37 -9.96 -7.54
CA LEU C 13 -8.06 -8.92 -6.57
C LEU C 13 -9.26 -8.00 -6.47
N LYS C 14 -10.00 -8.10 -5.37
CA LYS C 14 -11.24 -7.35 -5.18
C LYS C 14 -11.03 -6.27 -4.13
N CYS C 15 -11.38 -5.04 -4.48
CA CYS C 15 -11.27 -3.91 -3.58
C CYS C 15 -12.65 -3.34 -3.29
N GLY C 16 -12.84 -2.87 -2.06
CA GLY C 16 -14.13 -2.33 -1.67
C GLY C 16 -14.14 -1.99 -0.19
N SER C 17 -15.34 -1.66 0.28
CA SER C 17 -15.56 -1.31 1.69
C SER C 17 -16.48 -2.34 2.31
N GLY C 18 -16.22 -2.65 3.58
CA GLY C 18 -17.02 -3.63 4.29
C GLY C 18 -16.42 -4.04 5.62
N ILE C 19 -16.36 -5.33 5.89
CA ILE C 19 -15.80 -5.86 7.13
C ILE C 19 -14.76 -6.91 6.78
N PHE C 20 -13.57 -6.78 7.34
CA PHE C 20 -12.47 -7.71 7.12
C PHE C 20 -12.20 -8.47 8.43
N VAL C 21 -12.47 -9.77 8.42
CA VAL C 21 -12.22 -10.63 9.56
C VAL C 21 -10.86 -11.30 9.35
N ILE C 22 -9.92 -11.01 10.24
CA ILE C 22 -8.52 -11.39 10.05
C ILE C 22 -8.14 -12.47 11.05
N ASP C 23 -7.38 -13.46 10.56
CA ASP C 23 -6.89 -14.54 11.41
C ASP C 23 -5.83 -14.01 12.37
N ASN C 24 -6.15 -13.98 13.66
CA ASN C 24 -5.20 -13.59 14.68
C ASN C 24 -4.39 -14.76 15.24
N VAL C 25 -4.84 -16.00 15.00
CA VAL C 25 -4.09 -17.15 15.47
C VAL C 25 -2.79 -17.35 14.69
N HIS C 26 -2.84 -17.26 13.35
CA HIS C 26 -1.67 -17.44 12.50
C HIS C 26 -1.32 -16.06 11.92
N THR C 27 -0.33 -15.41 12.52
CA THR C 27 0.01 -14.04 12.18
C THR C 27 1.51 -13.91 11.88
N TRP C 28 1.85 -12.86 11.13
CA TRP C 28 3.25 -12.54 10.88
C TRP C 28 3.96 -12.15 12.17
N THR C 29 3.29 -11.40 13.03
CA THR C 29 3.84 -10.93 14.29
C THR C 29 2.73 -10.81 15.33
N GLU C 30 3.11 -10.36 16.53
CA GLU C 30 2.13 -10.10 17.57
C GLU C 30 1.27 -8.90 17.18
N GLN C 31 -0.01 -9.14 16.94
CA GLN C 31 -0.85 -8.12 16.31
C GLN C 31 -1.52 -7.20 17.33
N TYR C 32 -1.80 -7.68 18.53
CA TYR C 32 -2.44 -6.87 19.57
C TYR C 32 -1.67 -7.00 20.87
N LYS C 33 -1.97 -6.08 21.79
CA LYS C 33 -1.29 -6.03 23.09
C LYS C 33 -2.22 -5.33 24.08
N PHE C 34 -2.54 -6.01 25.17
CA PHE C 34 -3.42 -5.41 26.18
C PHE C 34 -2.67 -4.32 26.94
N GLN C 35 -3.41 -3.29 27.35
CA GLN C 35 -2.85 -2.15 28.07
C GLN C 35 -3.69 -1.89 29.31
N PRO C 36 -3.13 -1.99 30.52
CA PRO C 36 -3.94 -1.80 31.73
C PRO C 36 -4.43 -0.37 31.91
N GLU C 37 -5.24 -0.14 32.94
CA GLU C 37 -5.82 1.19 33.16
C GLU C 37 -4.82 2.13 33.81
N SER C 38 -4.37 1.81 35.02
CA SER C 38 -3.47 2.67 35.77
C SER C 38 -2.88 1.88 36.91
N PRO C 39 -1.62 2.14 37.30
CA PRO C 39 -1.04 1.43 38.45
C PRO C 39 -1.69 1.77 39.78
N ALA C 40 -2.38 2.91 39.88
CA ALA C 40 -3.00 3.33 41.14
C ALA C 40 -4.31 2.60 41.40
N ARG C 41 -5.25 2.66 40.45
CA ARG C 41 -6.53 1.97 40.63
C ARG C 41 -6.34 0.47 40.71
N LEU C 42 -5.42 -0.08 39.90
CA LEU C 42 -5.17 -1.52 39.90
C LEU C 42 -4.52 -2.02 41.18
N ALA C 43 -4.06 -1.13 42.05
CA ALA C 43 -3.58 -1.52 43.38
C ALA C 43 -4.66 -1.36 44.45
N SER C 44 -5.43 -0.27 44.39
CA SER C 44 -6.53 -0.10 45.34
C SER C 44 -7.57 -1.19 45.17
N ALA C 45 -7.87 -1.56 43.93
CA ALA C 45 -8.83 -2.65 43.69
C ALA C 45 -8.33 -3.96 44.26
N ILE C 46 -7.04 -4.27 44.08
CA ILE C 46 -6.48 -5.51 44.60
C ILE C 46 -6.52 -5.50 46.12
N LEU C 47 -6.16 -4.37 46.74
CA LEU C 47 -6.21 -4.28 48.20
C LEU C 47 -7.63 -4.47 48.72
N ASN C 48 -8.59 -3.76 48.13
CA ASN C 48 -9.97 -3.88 48.58
C ASN C 48 -10.50 -5.29 48.39
N ALA C 49 -10.11 -5.95 47.30
CA ALA C 49 -10.47 -7.35 47.13
C ALA C 49 -9.81 -8.23 48.18
N HIS C 50 -8.60 -7.88 48.61
CA HIS C 50 -7.92 -8.68 49.62
C HIS C 50 -8.66 -8.60 50.96
N GLU C 51 -9.03 -7.40 51.39
CA GLU C 51 -9.90 -7.33 52.56
C GLU C 51 -11.33 -7.80 52.27
N ASP C 52 -11.69 -7.99 51.00
CA ASP C 52 -13.00 -8.54 50.66
C ASP C 52 -13.05 -10.05 50.79
N GLY C 53 -11.90 -10.73 50.88
CA GLY C 53 -11.88 -12.16 51.06
C GLY C 53 -11.58 -12.96 49.81
N VAL C 54 -10.60 -12.51 49.01
CA VAL C 54 -10.14 -13.25 47.86
C VAL C 54 -8.62 -13.34 47.93
N CYS C 55 -8.06 -14.35 47.26
CA CYS C 55 -6.64 -14.62 47.29
C CYS C 55 -5.99 -14.67 45.91
N GLY C 56 -6.58 -14.02 44.91
CA GLY C 56 -5.96 -13.95 43.60
C GLY C 56 -7.01 -13.82 42.51
N ILE C 57 -6.54 -14.02 41.27
CA ILE C 57 -7.37 -13.92 40.08
C ILE C 57 -6.94 -14.99 39.09
N ARG C 58 -7.88 -15.40 38.22
CA ARG C 58 -7.60 -16.25 37.08
C ARG C 58 -7.73 -15.44 35.80
N SER C 59 -6.73 -15.55 34.93
CA SER C 59 -6.80 -14.85 33.64
C SER C 59 -7.88 -15.45 32.76
N THR C 60 -8.49 -14.59 31.94
CA THR C 60 -9.55 -15.01 31.03
C THR C 60 -9.01 -15.34 29.64
N THR C 61 -8.09 -14.52 29.12
CA THR C 61 -7.43 -14.75 27.85
C THR C 61 -5.92 -14.71 28.04
N ARG C 62 -5.20 -15.33 27.11
CA ARG C 62 -3.75 -15.43 27.22
C ARG C 62 -3.03 -14.11 26.97
N LEU C 63 -3.75 -13.00 26.81
CA LEU C 63 -3.15 -11.68 26.80
C LEU C 63 -3.28 -10.97 28.15
N GLU C 64 -4.37 -11.26 28.87
CA GLU C 64 -4.52 -10.72 30.22
C GLU C 64 -3.43 -11.25 31.15
N ASN C 65 -3.05 -12.52 30.97
CA ASN C 65 -1.95 -13.09 31.77
C ASN C 65 -0.65 -12.37 31.48
N ILE C 66 -0.37 -12.08 30.22
CA ILE C 66 0.86 -11.35 29.87
C ILE C 66 0.83 -9.94 30.46
N MET C 67 -0.33 -9.29 30.40
CA MET C 67 -0.46 -7.96 31.00
C MET C 67 -0.18 -8.00 32.50
N TRP C 68 -0.74 -9.00 33.19
CA TRP C 68 -0.51 -9.13 34.62
C TRP C 68 0.95 -9.39 34.93
N LYS C 69 1.59 -10.30 34.18
CA LYS C 69 3.01 -10.56 34.39
C LYS C 69 3.88 -9.36 34.08
N GLN C 70 3.43 -8.46 33.21
CA GLN C 70 4.19 -7.26 32.89
C GLN C 70 3.99 -6.12 33.87
N ILE C 71 2.83 -6.04 34.53
CA ILE C 71 2.57 -4.91 35.42
C ILE C 71 2.62 -5.33 36.88
N THR C 72 2.94 -6.60 37.14
CA THR C 72 2.99 -7.07 38.53
C THR C 72 4.07 -6.37 39.33
N ASN C 73 5.21 -6.05 38.71
CA ASN C 73 6.28 -5.40 39.44
C ASN C 73 5.89 -3.99 39.88
N GLU C 74 5.27 -3.22 38.98
CA GLU C 74 4.81 -1.88 39.34
C GLU C 74 3.68 -1.96 40.37
N LEU C 75 2.81 -2.96 40.27
CA LEU C 75 1.77 -3.14 41.28
C LEU C 75 2.39 -3.40 42.65
N ASN C 76 3.40 -4.27 42.71
CA ASN C 76 4.08 -4.54 43.97
C ASN C 76 4.76 -3.29 44.51
N TYR C 77 5.40 -2.52 43.63
CA TYR C 77 6.09 -1.30 44.08
C TYR C 77 5.11 -0.30 44.66
N VAL C 78 3.98 -0.09 43.98
CA VAL C 78 2.98 0.85 44.47
C VAL C 78 2.39 0.37 45.80
N LEU C 79 2.06 -0.93 45.89
CA LEU C 79 1.49 -1.46 47.12
C LEU C 79 2.46 -1.33 48.28
N TRP C 80 3.76 -1.60 48.03
CA TRP C 80 4.76 -1.45 49.07
C TRP C 80 4.93 0.02 49.49
N GLU C 81 4.87 0.94 48.52
CA GLU C 81 4.88 2.36 48.89
C GLU C 81 3.67 2.73 49.71
N GLY C 82 2.55 2.04 49.52
CA GLY C 82 1.36 2.31 50.31
C GLY C 82 1.44 1.83 51.74
N GLY C 83 2.48 1.09 52.10
CA GLY C 83 2.64 0.60 53.46
C GLY C 83 1.64 -0.48 53.83
N HIS C 84 1.75 -1.64 53.19
CA HIS C 84 0.82 -2.74 53.43
C HIS C 84 1.57 -4.06 53.49
N ASP C 85 0.84 -5.16 53.67
CA ASP C 85 1.42 -6.49 53.85
C ASP C 85 0.84 -7.46 52.83
N LEU C 86 0.81 -7.04 51.57
CA LEU C 86 0.30 -7.86 50.47
C LEU C 86 1.39 -7.98 49.41
N THR C 87 1.51 -9.18 48.84
CA THR C 87 2.48 -9.45 47.80
C THR C 87 1.80 -10.25 46.69
N VAL C 88 1.86 -9.71 45.47
CA VAL C 88 1.21 -10.33 44.31
C VAL C 88 2.24 -11.15 43.55
N VAL C 89 1.93 -12.41 43.29
CA VAL C 89 2.79 -13.31 42.54
C VAL C 89 2.11 -13.63 41.23
N ALA C 90 2.71 -13.22 40.12
CA ALA C 90 2.16 -13.44 38.79
C ALA C 90 2.72 -14.74 38.24
N GLY C 91 1.95 -15.83 38.37
CA GLY C 91 2.36 -17.13 37.90
C GLY C 91 2.05 -17.34 36.43
N ASP C 92 2.19 -18.59 36.00
CA ASP C 92 1.95 -19.00 34.63
C ASP C 92 0.63 -19.78 34.56
N VAL C 93 0.26 -20.21 33.37
CA VAL C 93 -0.94 -21.00 33.13
C VAL C 93 -0.53 -22.36 32.59
N LYS C 94 -1.17 -23.42 33.09
CA LYS C 94 -0.90 -24.78 32.67
C LYS C 94 -2.18 -25.32 32.02
N GLY C 95 -2.30 -25.13 30.71
CA GLY C 95 -3.42 -25.66 29.97
C GLY C 95 -4.70 -24.85 30.06
N VAL C 96 -5.75 -25.48 30.60
CA VAL C 96 -7.08 -24.88 30.58
C VAL C 96 -7.13 -23.67 31.52
N LEU C 97 -7.87 -22.65 31.09
CA LEU C 97 -8.10 -21.45 31.89
C LEU C 97 -9.35 -21.68 32.74
N SER C 98 -9.17 -22.33 33.88
CA SER C 98 -10.29 -22.57 34.77
C SER C 98 -10.84 -21.26 35.31
N LYS C 99 -12.14 -21.25 35.60
CA LYS C 99 -12.85 -20.04 35.95
C LYS C 99 -12.93 -19.87 37.47
N GLY C 100 -12.91 -18.62 37.92
CA GLY C 100 -13.10 -18.28 39.31
C GLY C 100 -14.55 -18.03 39.64
N LYS C 101 -14.79 -17.69 40.91
CA LYS C 101 -16.14 -17.49 41.41
C LYS C 101 -16.37 -16.11 42.02
N ARG C 102 -15.35 -15.29 42.12
CA ARG C 102 -15.45 -13.95 42.71
C ARG C 102 -15.10 -12.91 41.65
N ALA C 103 -15.01 -11.65 42.07
CA ALA C 103 -14.72 -10.57 41.14
C ALA C 103 -14.06 -9.42 41.88
N LEU C 104 -13.43 -8.54 41.11
CA LEU C 104 -12.82 -7.32 41.61
C LEU C 104 -13.78 -6.15 41.40
N ALA C 105 -13.90 -5.30 42.41
CA ALA C 105 -14.83 -4.18 42.28
C ALA C 105 -14.08 -2.87 42.00
N PRO C 106 -14.67 -2.00 41.17
CA PRO C 106 -14.03 -0.72 40.93
C PRO C 106 -14.07 0.16 42.16
N PRO C 107 -13.13 1.11 42.31
CA PRO C 107 -13.10 2.01 43.47
C PRO C 107 -14.34 2.90 43.54
N PHE C 133 -1.36 -13.04 47.40
CA PHE C 133 -2.30 -12.78 46.31
C PHE C 133 -1.81 -13.44 45.02
N LEU C 134 -1.88 -14.77 44.99
CA LEU C 134 -1.34 -15.54 43.88
C LEU C 134 -2.19 -15.34 42.62
N ILE C 135 -1.54 -14.99 41.53
CA ILE C 135 -2.20 -14.78 40.24
C ILE C 135 -1.83 -15.94 39.32
N ASP C 136 -2.85 -16.62 38.79
CA ASP C 136 -2.69 -17.78 37.90
C ASP C 136 -1.91 -18.85 38.68
N GLY C 137 -0.97 -19.54 38.04
CA GLY C 137 -0.18 -20.54 38.71
C GLY C 137 -0.91 -21.88 38.78
N PRO C 138 -0.24 -22.89 39.33
CA PRO C 138 -0.86 -24.20 39.45
C PRO C 138 -1.99 -24.20 40.48
N ASP C 139 -2.88 -25.17 40.35
CA ASP C 139 -4.00 -25.32 41.27
C ASP C 139 -3.48 -25.66 42.66
N THR C 140 -3.81 -24.83 43.65
CA THR C 140 -3.40 -25.03 45.03
C THR C 140 -4.64 -25.05 45.91
N SER C 141 -4.67 -25.99 46.86
CA SER C 141 -5.79 -26.08 47.79
C SER C 141 -5.76 -24.96 48.81
N GLU C 142 -4.63 -24.26 48.95
CA GLU C 142 -4.57 -23.14 49.89
C GLU C 142 -5.39 -21.96 49.41
N CYS C 143 -5.47 -21.75 48.10
CA CYS C 143 -6.26 -20.66 47.50
C CYS C 143 -7.11 -21.26 46.40
N PRO C 144 -8.28 -21.80 46.74
CA PRO C 144 -9.11 -22.50 45.74
C PRO C 144 -9.79 -21.53 44.78
N ASN C 145 -10.33 -22.10 43.71
CA ASN C 145 -11.06 -21.31 42.72
C ASN C 145 -12.33 -20.69 43.27
N GLU C 146 -12.91 -21.28 44.33
CA GLU C 146 -14.14 -20.74 44.91
C GLU C 146 -13.90 -19.44 45.67
N ARG C 147 -12.65 -19.04 45.86
CA ARG C 147 -12.33 -17.80 46.57
C ARG C 147 -11.38 -16.97 45.73
N ARG C 148 -11.70 -16.82 44.45
CA ARG C 148 -10.80 -16.17 43.50
C ARG C 148 -11.63 -15.49 42.43
N ALA C 149 -11.06 -14.44 41.84
CA ALA C 149 -11.75 -13.60 40.88
C ALA C 149 -11.43 -14.02 39.45
N TRP C 150 -12.32 -13.63 38.52
CA TRP C 150 -12.21 -14.04 37.13
C TRP C 150 -13.19 -13.23 36.29
N ASN C 151 -12.75 -12.86 35.09
CA ASN C 151 -13.59 -12.21 34.07
C ASN C 151 -14.16 -10.89 34.60
N PHE C 152 -13.27 -9.94 34.85
CA PHE C 152 -13.66 -8.61 35.33
C PHE C 152 -13.12 -7.49 34.45
N LEU C 153 -12.37 -7.81 33.40
CA LEU C 153 -11.78 -6.80 32.53
C LEU C 153 -12.50 -6.80 31.19
N GLU C 154 -12.72 -5.60 30.65
CA GLU C 154 -13.40 -5.47 29.36
C GLU C 154 -12.74 -4.34 28.57
N VAL C 155 -12.93 -4.40 27.26
CA VAL C 155 -12.30 -3.44 26.35
C VAL C 155 -12.95 -2.07 26.51
N GLU C 156 -12.12 -1.03 26.55
CA GLU C 156 -12.59 0.35 26.54
C GLU C 156 -12.48 0.99 25.17
N ASP C 157 -11.31 0.89 24.53
CA ASP C 157 -11.09 1.50 23.23
C ASP C 157 -9.97 0.75 22.52
N TYR C 158 -9.76 1.09 21.26
CA TYR C 158 -8.68 0.55 20.45
C TYR C 158 -7.68 1.65 20.12
N GLY C 159 -6.40 1.27 20.14
CA GLY C 159 -5.32 2.18 19.83
C GLY C 159 -5.08 2.31 18.34
N PHE C 160 -4.10 3.14 17.99
CA PHE C 160 -3.71 3.36 16.61
C PHE C 160 -2.39 2.62 16.34
N GLY C 161 -2.10 2.41 15.07
CA GLY C 161 -0.86 1.79 14.66
C GLY C 161 -1.09 0.80 13.55
N MET C 162 -0.04 0.06 13.22
CA MET C 162 -0.09 -0.94 12.17
C MET C 162 0.36 -2.32 12.64
N PHE C 163 1.34 -2.40 13.53
CA PHE C 163 1.85 -3.67 14.03
C PHE C 163 1.62 -3.89 15.52
N THR C 164 1.58 -2.83 16.32
CA THR C 164 1.55 -2.92 17.78
C THR C 164 0.37 -2.14 18.34
N THR C 165 -0.81 -2.37 17.79
CA THR C 165 -2.02 -1.73 18.28
C THR C 165 -2.27 -2.10 19.74
N ASN C 166 -2.57 -1.10 20.56
CA ASN C 166 -2.84 -1.29 21.98
C ASN C 166 -4.33 -1.29 22.25
N ILE C 167 -4.75 -2.16 23.18
CA ILE C 167 -6.15 -2.26 23.59
C ILE C 167 -6.24 -1.86 25.05
N TRP C 168 -7.14 -0.93 25.36
CA TRP C 168 -7.24 -0.34 26.68
C TRP C 168 -8.30 -1.08 27.49
N MET C 169 -7.95 -1.49 28.71
CA MET C 169 -8.83 -2.28 29.55
C MET C 169 -9.45 -1.42 30.65
N LYS C 170 -10.51 -1.96 31.26
CA LYS C 170 -11.21 -1.29 32.34
C LYS C 170 -12.01 -2.34 33.11
N PHE C 171 -12.66 -1.88 34.19
CA PHE C 171 -13.43 -2.77 35.03
C PHE C 171 -14.89 -2.81 34.61
N ARG C 172 -15.56 -3.90 34.97
CA ARG C 172 -16.98 -4.09 34.71
C ARG C 172 -17.79 -3.69 35.93
N GLU C 173 -18.90 -2.99 35.71
CA GLU C 173 -19.79 -2.65 36.82
C GLU C 173 -20.45 -3.91 37.38
N GLY C 174 -20.85 -4.84 36.51
CA GLY C 174 -21.49 -6.06 36.97
C GLY C 174 -20.63 -7.29 36.78
N SER C 175 -21.26 -8.46 36.82
CA SER C 175 -20.57 -9.73 36.65
C SER C 175 -21.31 -10.58 35.63
N SER C 176 -20.55 -11.36 34.87
CA SER C 176 -21.13 -12.19 33.82
C SER C 176 -20.20 -13.36 33.52
N GLU C 177 -20.78 -14.43 32.97
CA GLU C 177 -20.02 -15.58 32.52
C GLU C 177 -19.66 -15.51 31.04
N VAL C 178 -20.06 -14.45 30.36
CA VAL C 178 -19.89 -14.33 28.92
C VAL C 178 -18.52 -13.72 28.62
N CYS C 179 -17.92 -14.16 27.51
CA CYS C 179 -16.65 -13.59 27.08
C CYS C 179 -16.85 -12.14 26.65
N ASP C 180 -15.74 -11.42 26.51
CA ASP C 180 -15.80 -10.03 26.05
C ASP C 180 -16.10 -10.00 24.56
N HIS C 181 -17.15 -9.27 24.19
CA HIS C 181 -17.65 -9.30 22.82
C HIS C 181 -16.96 -8.30 21.90
N ARG C 182 -16.09 -7.43 22.42
CA ARG C 182 -15.38 -6.49 21.58
C ARG C 182 -14.08 -7.05 21.04
N LEU C 183 -13.81 -8.34 21.25
CA LEU C 183 -12.62 -9.01 20.74
C LEU C 183 -12.97 -10.18 19.83
N MET C 184 -14.22 -10.29 19.40
CA MET C 184 -14.70 -11.47 18.70
C MET C 184 -15.26 -11.09 17.34
N SER C 185 -15.29 -12.06 16.44
CA SER C 185 -15.74 -11.84 15.07
C SER C 185 -16.55 -13.03 14.60
N ALA C 186 -17.05 -12.93 13.37
CA ALA C 186 -17.79 -13.98 12.67
C ALA C 186 -18.00 -13.52 11.23
N ALA C 187 -18.00 -14.49 10.32
CA ALA C 187 -18.12 -14.16 8.91
C ALA C 187 -18.63 -15.35 8.13
N ILE C 188 -19.24 -15.08 6.98
CA ILE C 188 -19.67 -16.11 6.05
C ILE C 188 -19.78 -15.48 4.67
N LYS C 189 -19.38 -16.23 3.66
CA LYS C 189 -19.41 -15.74 2.28
C LYS C 189 -19.34 -16.95 1.35
N ASP C 190 -20.23 -16.98 0.36
CA ASP C 190 -20.37 -18.14 -0.52
C ASP C 190 -20.68 -19.36 0.32
N GLN C 191 -19.74 -20.30 0.41
CA GLN C 191 -19.82 -21.41 1.36
C GLN C 191 -18.51 -21.46 2.12
N LYS C 192 -18.37 -20.59 3.13
CA LYS C 192 -17.24 -20.59 4.05
C LYS C 192 -17.56 -19.75 5.28
N ALA C 193 -17.62 -20.37 6.46
CA ALA C 193 -17.87 -19.65 7.70
C ALA C 193 -16.61 -19.65 8.56
N VAL C 194 -16.62 -18.78 9.57
CA VAL C 194 -15.52 -18.71 10.53
C VAL C 194 -16.02 -18.03 11.79
N HIS C 195 -15.61 -18.56 12.94
CA HIS C 195 -15.84 -17.93 14.24
C HIS C 195 -14.47 -17.67 14.86
N ALA C 196 -14.09 -16.40 14.96
CA ALA C 196 -12.73 -16.05 15.33
C ALA C 196 -12.72 -15.03 16.46
N ASP C 197 -11.67 -15.11 17.28
CA ASP C 197 -11.36 -14.09 18.27
C ASP C 197 -9.84 -14.09 18.45
N MET C 198 -9.36 -13.52 19.55
CA MET C 198 -7.92 -13.36 19.75
C MET C 198 -7.19 -14.70 19.88
N GLY C 199 -7.89 -15.80 20.17
CA GLY C 199 -7.22 -17.06 20.37
C GLY C 199 -7.86 -18.27 19.71
N TYR C 200 -9.00 -18.07 19.05
CA TYR C 200 -9.72 -19.15 18.39
C TYR C 200 -9.79 -18.88 16.90
N TRP C 201 -9.81 -19.95 16.10
CA TRP C 201 -10.08 -19.81 14.66
C TRP C 201 -10.80 -21.08 14.23
N ILE C 202 -12.13 -21.05 14.26
CA ILE C 202 -12.96 -22.19 13.91
C ILE C 202 -13.46 -22.00 12.49
N GLU C 203 -13.22 -22.97 11.63
CA GLU C 203 -13.62 -22.90 10.23
C GLU C 203 -14.73 -23.89 9.93
N SER C 204 -15.50 -23.57 8.90
CA SER C 204 -16.55 -24.46 8.41
C SER C 204 -16.64 -24.31 6.90
N SER C 205 -17.36 -25.24 6.28
CA SER C 205 -17.53 -25.24 4.84
C SER C 205 -18.73 -26.11 4.51
N LYS C 206 -19.22 -25.97 3.28
CA LYS C 206 -20.36 -26.75 2.79
C LYS C 206 -19.86 -27.74 1.76
N ASN C 207 -19.91 -29.03 2.10
CA ASN C 207 -19.67 -30.12 1.17
C ASN C 207 -20.87 -31.05 1.32
N GLN C 208 -21.97 -30.72 0.63
CA GLN C 208 -23.24 -31.42 0.69
C GLN C 208 -23.91 -31.26 2.05
N THR C 209 -23.23 -30.59 2.99
CA THR C 209 -23.73 -30.36 4.34
C THR C 209 -22.88 -29.28 4.99
N TRP C 210 -23.50 -28.50 5.87
CA TRP C 210 -22.78 -27.49 6.64
C TRP C 210 -22.24 -28.12 7.91
N GLN C 211 -20.93 -28.34 7.97
CA GLN C 211 -20.31 -28.96 9.12
C GLN C 211 -18.89 -28.44 9.28
N ILE C 212 -18.35 -28.59 10.49
CA ILE C 212 -17.05 -28.03 10.83
C ILE C 212 -15.97 -28.65 9.95
N GLU C 213 -14.88 -27.90 9.75
CA GLU C 213 -13.76 -28.35 8.95
C GLU C 213 -12.47 -28.45 9.73
N LYS C 214 -12.11 -27.42 10.50
CA LYS C 214 -10.89 -27.43 11.30
C LYS C 214 -11.03 -26.41 12.42
N ALA C 215 -10.00 -26.33 13.25
CA ALA C 215 -9.93 -25.35 14.32
C ALA C 215 -8.48 -25.17 14.73
N SER C 216 -8.21 -24.08 15.43
CA SER C 216 -6.87 -23.77 15.92
C SER C 216 -7.01 -22.98 17.21
N LEU C 217 -6.88 -23.65 18.34
CA LEU C 217 -7.05 -23.05 19.66
C LEU C 217 -5.68 -22.82 20.27
N ILE C 218 -5.25 -21.56 20.30
CA ILE C 218 -4.03 -21.21 21.03
C ILE C 218 -4.26 -21.38 22.52
N GLU C 219 -5.46 -21.05 23.00
CA GLU C 219 -5.80 -21.15 24.41
C GLU C 219 -7.11 -21.92 24.54
N VAL C 220 -7.49 -22.18 25.78
CA VAL C 220 -8.74 -22.87 26.10
C VAL C 220 -9.41 -22.09 27.22
N LYS C 221 -10.48 -21.37 26.88
CA LYS C 221 -11.19 -20.55 27.85
C LYS C 221 -12.37 -21.31 28.44
N THR C 222 -13.09 -20.65 29.35
CA THR C 222 -14.28 -21.22 29.94
C THR C 222 -15.46 -20.26 29.99
N CYS C 223 -15.36 -19.08 29.38
CA CYS C 223 -16.51 -18.20 29.30
C CYS C 223 -17.42 -18.64 28.15
N LEU C 224 -18.57 -17.99 28.02
CA LEU C 224 -19.57 -18.37 27.04
C LEU C 224 -19.45 -17.50 25.80
N TRP C 225 -19.51 -18.13 24.63
CA TRP C 225 -19.48 -17.39 23.38
C TRP C 225 -20.77 -16.61 23.22
N PRO C 226 -20.73 -15.29 23.11
CA PRO C 226 -21.97 -14.51 23.01
C PRO C 226 -22.75 -14.86 21.75
N LYS C 227 -24.07 -14.84 21.88
CA LYS C 227 -24.95 -15.19 20.77
C LYS C 227 -25.13 -14.05 19.78
N THR C 228 -24.70 -12.83 20.13
CA THR C 228 -24.72 -11.73 19.18
C THR C 228 -23.63 -11.88 18.11
N HIS C 229 -22.62 -12.71 18.37
CA HIS C 229 -21.52 -12.94 17.44
C HIS C 229 -21.52 -14.39 16.94
N THR C 230 -22.70 -14.97 16.75
CA THR C 230 -22.83 -16.37 16.38
C THR C 230 -23.75 -16.49 15.16
N LEU C 231 -23.30 -17.25 14.16
CA LEU C 231 -24.11 -17.53 12.99
C LEU C 231 -24.94 -18.79 13.21
N TRP C 232 -26.21 -18.74 12.79
CA TRP C 232 -27.09 -19.91 12.79
C TRP C 232 -27.27 -20.45 14.21
N SER C 233 -27.82 -19.59 15.08
CA SER C 233 -27.89 -19.86 16.50
C SER C 233 -29.16 -20.55 16.95
N ASN C 234 -30.05 -20.93 16.03
CA ASN C 234 -31.32 -21.52 16.39
C ASN C 234 -31.30 -23.03 16.18
N GLY C 235 -32.14 -23.73 16.94
CA GLY C 235 -32.22 -25.17 16.83
C GLY C 235 -30.93 -25.89 17.15
N VAL C 236 -30.22 -25.43 18.18
CA VAL C 236 -28.93 -25.99 18.57
C VAL C 236 -29.11 -26.75 19.86
N LEU C 237 -28.64 -27.99 19.88
CA LEU C 237 -28.65 -28.83 21.08
C LEU C 237 -27.24 -28.90 21.66
N GLU C 238 -27.14 -28.75 22.98
CA GLU C 238 -25.84 -28.78 23.62
C GLU C 238 -25.39 -30.22 23.85
N SER C 239 -25.46 -31.03 22.79
CA SER C 239 -24.89 -32.37 22.79
C SER C 239 -24.26 -32.74 21.47
N GLN C 240 -24.26 -31.84 20.49
CA GLN C 240 -23.67 -32.09 19.18
C GLN C 240 -22.53 -31.14 18.85
N MET C 241 -22.31 -30.10 19.64
CA MET C 241 -21.22 -29.16 19.40
C MET C 241 -19.89 -29.82 19.76
N LEU C 242 -19.00 -29.97 18.78
CA LEU C 242 -17.71 -30.60 19.02
C LEU C 242 -16.94 -29.89 20.11
N ILE C 243 -16.79 -28.57 19.97
CA ILE C 243 -16.19 -27.77 21.03
C ILE C 243 -17.29 -27.51 22.06
N PRO C 244 -17.16 -28.00 23.28
CA PRO C 244 -18.27 -27.93 24.23
C PRO C 244 -18.60 -26.51 24.62
N LYS C 245 -19.85 -26.34 25.08
CA LYS C 245 -20.31 -25.05 25.56
C LYS C 245 -19.47 -24.56 26.75
N ALA C 246 -18.89 -25.49 27.51
CA ALA C 246 -18.10 -25.10 28.67
C ALA C 246 -16.80 -24.42 28.24
N TYR C 247 -16.20 -24.86 27.13
CA TYR C 247 -14.90 -24.37 26.68
C TYR C 247 -15.01 -23.28 25.62
N ALA C 248 -16.02 -22.42 25.70
CA ALA C 248 -16.17 -21.28 24.80
C ALA C 248 -16.31 -21.72 23.35
N GLY C 249 -17.21 -22.67 23.12
CA GLY C 249 -17.54 -23.10 21.79
C GLY C 249 -18.78 -22.40 21.28
N PRO C 250 -18.80 -22.06 19.99
CA PRO C 250 -19.95 -21.35 19.43
C PRO C 250 -21.24 -22.17 19.59
N PHE C 251 -22.33 -21.47 19.89
CA PHE C 251 -23.64 -22.09 20.05
C PHE C 251 -24.34 -22.12 18.68
N SER C 252 -23.67 -22.76 17.73
CA SER C 252 -24.02 -22.66 16.32
C SER C 252 -24.13 -24.04 15.70
N GLN C 253 -24.89 -24.12 14.62
CA GLN C 253 -25.00 -25.36 13.85
C GLN C 253 -23.82 -25.58 12.90
N HIS C 254 -22.99 -24.56 12.68
CA HIS C 254 -21.71 -24.78 12.01
C HIS C 254 -20.74 -25.54 12.90
N ASN C 255 -20.88 -25.43 14.22
CA ASN C 255 -20.10 -26.20 15.17
C ASN C 255 -20.72 -27.59 15.29
N TYR C 256 -20.52 -28.39 14.25
CA TYR C 256 -21.22 -29.67 14.10
C TYR C 256 -20.47 -30.53 13.11
N ARG C 257 -20.47 -31.83 13.37
CA ARG C 257 -19.87 -32.82 12.48
C ARG C 257 -20.77 -34.05 12.46
N GLN C 258 -20.80 -34.74 11.32
CA GLN C 258 -21.71 -35.85 11.14
C GLN C 258 -21.25 -37.07 11.94
N GLY C 259 -22.14 -37.58 12.79
CA GLY C 259 -21.91 -38.81 13.52
C GLY C 259 -21.30 -38.67 14.89
N TYR C 260 -20.76 -37.51 15.23
CA TYR C 260 -20.07 -37.29 16.49
C TYR C 260 -21.01 -36.63 17.50
N ALA C 261 -20.44 -36.24 18.63
CA ALA C 261 -21.15 -35.53 19.68
C ALA C 261 -20.16 -34.58 20.36
N THR C 262 -20.54 -34.05 21.52
CA THR C 262 -19.70 -33.10 22.22
C THR C 262 -18.48 -33.80 22.82
N GLN C 263 -17.32 -33.15 22.72
CA GLN C 263 -16.07 -33.70 23.24
C GLN C 263 -15.75 -33.08 24.59
N THR C 264 -16.58 -33.44 25.57
CA THR C 264 -16.43 -32.91 26.92
C THR C 264 -15.21 -33.47 27.65
N VAL C 265 -14.70 -34.63 27.24
CA VAL C 265 -13.62 -35.28 27.95
C VAL C 265 -12.42 -35.39 27.01
N GLY C 266 -12.28 -34.41 26.12
CA GLY C 266 -11.18 -34.40 25.19
C GLY C 266 -9.89 -33.94 25.84
N PRO C 267 -8.82 -33.90 25.05
CA PRO C 267 -7.52 -33.48 25.59
C PRO C 267 -7.41 -31.98 25.79
N TRP C 268 -8.36 -31.41 26.52
CA TRP C 268 -8.38 -29.97 26.79
C TRP C 268 -7.30 -29.52 27.75
N HIS C 269 -6.61 -30.45 28.40
CA HIS C 269 -5.55 -30.13 29.36
C HIS C 269 -4.26 -29.68 28.68
N LEU C 270 -4.14 -29.87 27.37
CA LEU C 270 -2.92 -29.51 26.65
C LEU C 270 -2.68 -28.00 26.58
N GLY C 271 -3.73 -27.20 26.46
CA GLY C 271 -3.56 -25.78 26.22
C GLY C 271 -3.68 -25.47 24.74
N LYS C 272 -2.53 -25.32 24.06
CA LYS C 272 -2.56 -25.19 22.61
C LYS C 272 -3.08 -26.46 21.97
N LEU C 273 -3.84 -26.32 20.89
CA LEU C 273 -4.45 -27.46 20.21
C LEU C 273 -4.56 -27.15 18.72
N GLU C 274 -4.83 -28.21 17.95
CA GLU C 274 -5.06 -28.10 16.51
C GLU C 274 -6.04 -29.21 16.13
N ILE C 275 -7.31 -28.84 16.03
CA ILE C 275 -8.35 -29.79 15.67
C ILE C 275 -8.37 -29.97 14.17
N ASP C 276 -8.43 -31.23 13.72
CA ASP C 276 -8.38 -31.54 12.30
C ASP C 276 -9.02 -32.91 12.10
N PHE C 277 -9.32 -33.21 10.84
CA PHE C 277 -9.89 -34.50 10.46
C PHE C 277 -8.93 -35.17 9.48
N GLY C 278 -8.44 -36.33 9.86
CA GLY C 278 -7.45 -37.02 9.06
C GLY C 278 -7.06 -38.32 9.71
N GLU C 279 -5.83 -38.76 9.45
CA GLU C 279 -5.30 -39.98 10.02
C GLU C 279 -3.84 -39.77 10.41
N CYS C 280 -3.55 -39.96 11.69
CA CYS C 280 -2.16 -39.89 12.15
C CYS C 280 -1.36 -41.05 11.55
N PRO C 281 -0.06 -40.85 11.33
CA PRO C 281 0.72 -41.84 10.59
C PRO C 281 0.65 -43.22 11.22
N GLY C 282 0.51 -44.24 10.35
CA GLY C 282 0.54 -45.62 10.77
C GLY C 282 -0.70 -46.14 11.47
N THR C 283 -1.78 -45.38 11.50
CA THR C 283 -2.99 -45.78 12.21
C THR C 283 -4.14 -45.98 11.23
N THR C 284 -5.10 -46.80 11.66
CA THR C 284 -6.26 -47.13 10.85
C THR C 284 -7.48 -47.26 11.75
N VAL C 285 -8.61 -46.73 11.28
CA VAL C 285 -9.87 -46.78 12.01
C VAL C 285 -10.89 -47.49 11.13
N THR C 286 -11.62 -48.45 11.71
CA THR C 286 -12.65 -49.21 11.01
C THR C 286 -13.94 -49.09 11.80
N ILE C 287 -15.07 -49.08 11.08
CA ILE C 287 -16.38 -48.91 11.71
C ILE C 287 -17.05 -50.27 11.86
N GLN C 288 -17.27 -50.69 13.11
CA GLN C 288 -18.01 -51.89 13.43
C GLN C 288 -18.95 -51.59 14.59
N GLU C 289 -20.04 -52.36 14.70
CA GLU C 289 -21.02 -52.11 15.74
C GLU C 289 -20.55 -52.65 17.10
N ASP C 290 -19.73 -53.70 17.08
CA ASP C 290 -19.36 -54.37 18.32
C ASP C 290 -18.27 -53.62 19.11
N CYS C 291 -17.74 -52.53 18.56
CA CYS C 291 -16.62 -51.82 19.19
C CYS C 291 -16.98 -51.27 20.56
N ASP C 292 -15.95 -50.92 21.34
CA ASP C 292 -16.16 -50.42 22.69
C ASP C 292 -16.94 -49.12 22.67
N HIS C 293 -17.75 -48.91 23.71
CA HIS C 293 -18.64 -47.76 23.76
C HIS C 293 -17.84 -46.47 23.98
N ARG C 294 -18.56 -45.35 23.93
CA ARG C 294 -17.93 -44.04 24.03
C ARG C 294 -17.25 -43.85 25.38
N GLY C 295 -16.05 -43.27 25.35
CA GLY C 295 -15.29 -43.04 26.55
C GLY C 295 -14.32 -41.88 26.41
N PRO C 296 -13.46 -41.70 27.40
CA PRO C 296 -12.49 -40.58 27.35
C PRO C 296 -11.48 -40.77 26.23
N SER C 297 -10.88 -39.66 25.82
CA SER C 297 -9.90 -39.67 24.74
C SER C 297 -8.65 -40.45 25.13
N LEU C 298 -8.02 -41.08 24.14
CA LEU C 298 -6.81 -41.86 24.34
C LEU C 298 -5.75 -41.43 23.34
N ARG C 299 -4.51 -41.34 23.81
CA ARG C 299 -3.41 -40.99 22.92
C ARG C 299 -3.02 -42.18 22.05
N THR C 300 -2.44 -41.88 20.89
CA THR C 300 -2.05 -42.91 19.94
C THR C 300 -0.86 -43.73 20.39
N THR C 301 -0.01 -43.20 21.28
CA THR C 301 1.17 -43.88 21.75
C THR C 301 1.03 -44.17 23.24
N THR C 302 1.52 -45.34 23.65
CA THR C 302 1.43 -45.76 25.04
C THR C 302 2.44 -44.99 25.89
N ALA C 303 2.46 -45.29 27.19
CA ALA C 303 3.39 -44.61 28.09
C ALA C 303 4.84 -44.88 27.71
N SER C 304 5.17 -46.14 27.39
CA SER C 304 6.51 -46.46 26.94
C SER C 304 6.82 -45.80 25.60
N GLY C 305 5.85 -45.78 24.69
CA GLY C 305 6.03 -45.20 23.38
C GLY C 305 5.64 -46.13 22.25
N LYS C 306 5.05 -47.27 22.60
CA LYS C 306 4.60 -48.22 21.59
C LYS C 306 3.45 -47.63 20.81
N LEU C 307 3.55 -47.70 19.47
CA LEU C 307 2.58 -47.06 18.58
C LEU C 307 1.47 -48.04 18.27
N VAL C 308 0.26 -47.76 18.76
CA VAL C 308 -0.90 -48.56 18.40
C VAL C 308 -1.27 -48.27 16.95
N THR C 309 -1.41 -49.32 16.15
CA THR C 309 -1.61 -49.19 14.71
C THR C 309 -2.94 -49.77 14.25
N GLN C 310 -3.92 -49.89 15.14
CA GLN C 310 -5.22 -50.42 14.76
C GLN C 310 -6.25 -49.92 15.76
N TRP C 311 -7.19 -49.09 15.28
CA TRP C 311 -8.25 -48.51 16.11
C TRP C 311 -9.60 -48.92 15.53
N CYS C 312 -10.67 -48.52 16.23
CA CYS C 312 -12.02 -48.86 15.81
C CYS C 312 -12.98 -47.82 16.34
N CYS C 313 -14.16 -47.77 15.72
CA CYS C 313 -15.22 -46.84 16.11
C CYS C 313 -16.57 -47.52 15.94
N ARG C 314 -17.55 -47.05 16.70
CA ARG C 314 -18.89 -47.63 16.62
C ARG C 314 -19.69 -47.03 15.47
N SER C 315 -19.93 -45.73 15.51
CA SER C 315 -20.74 -45.05 14.50
C SER C 315 -20.07 -43.76 14.06
N CYS C 316 -18.77 -43.74 13.92
CA CYS C 316 -18.09 -42.52 13.43
C CYS C 316 -18.19 -42.36 11.92
N THR C 317 -17.88 -41.17 11.42
CA THR C 317 -17.78 -40.95 9.97
C THR C 317 -16.34 -40.53 9.76
N MET C 318 -15.69 -41.00 8.69
CA MET C 318 -14.29 -40.59 8.38
C MET C 318 -14.31 -39.16 7.83
N PRO C 319 -13.15 -38.47 7.74
CA PRO C 319 -12.00 -38.74 8.64
C PRO C 319 -12.33 -38.51 10.12
N PRO C 320 -11.69 -39.24 11.06
CA PRO C 320 -12.02 -39.13 12.49
C PRO C 320 -11.47 -37.88 13.19
N LEU C 321 -11.99 -37.59 14.39
CA LEU C 321 -11.48 -36.43 15.17
C LEU C 321 -10.00 -36.64 15.45
N ARG C 322 -9.16 -35.65 15.09
CA ARG C 322 -7.73 -35.80 15.28
C ARG C 322 -7.19 -34.56 15.99
N PHE C 323 -6.98 -34.66 17.30
CA PHE C 323 -6.33 -33.59 18.05
C PHE C 323 -4.82 -33.71 17.90
N LEU C 324 -4.17 -32.57 17.67
CA LEU C 324 -2.72 -32.50 17.56
C LEU C 324 -2.22 -31.41 18.49
N GLY C 325 -1.20 -31.73 19.28
CA GLY C 325 -0.62 -30.78 20.22
C GLY C 325 0.82 -31.10 20.50
N GLU C 326 1.21 -30.98 21.78
CA GLU C 326 2.59 -31.25 22.17
C GLU C 326 2.88 -32.74 22.29
N ASP C 327 1.84 -33.57 22.32
CA ASP C 327 2.01 -35.01 22.46
C ASP C 327 1.92 -35.76 21.13
N GLY C 328 1.92 -35.03 20.01
CA GLY C 328 1.89 -35.66 18.70
C GLY C 328 0.49 -35.87 18.14
N CYS C 329 -0.28 -36.78 18.75
CA CYS C 329 -1.60 -37.12 18.25
C CYS C 329 -2.52 -37.53 19.39
N TRP C 330 -3.81 -37.22 19.23
CA TRP C 330 -4.86 -37.78 20.07
C TRP C 330 -6.05 -38.10 19.17
N TYR C 331 -6.92 -38.98 19.65
CA TYR C 331 -8.16 -39.31 18.96
C TYR C 331 -9.35 -38.96 19.82
N GLY C 332 -10.52 -38.91 19.19
CA GLY C 332 -11.74 -38.47 19.83
C GLY C 332 -12.30 -39.52 20.78
N MET C 333 -13.44 -39.16 21.37
CA MET C 333 -14.11 -39.99 22.36
C MET C 333 -14.76 -41.23 21.78
N GLU C 334 -14.79 -41.38 20.44
CA GLU C 334 -15.41 -42.52 19.81
C GLU C 334 -14.43 -43.43 19.08
N ILE C 335 -13.19 -43.02 18.90
CA ILE C 335 -12.17 -43.84 18.24
C ILE C 335 -11.43 -44.61 19.32
N ARG C 336 -11.80 -45.89 19.51
CA ARG C 336 -11.25 -46.81 20.48
C ARG C 336 -10.27 -47.77 19.82
N PRO C 337 -9.27 -48.28 20.56
CA PRO C 337 -8.35 -49.25 19.98
C PRO C 337 -8.89 -50.68 20.07
N LEU C 338 -8.83 -51.41 18.95
CA LEU C 338 -9.28 -52.79 18.92
C LEU C 338 -8.14 -53.79 19.05
N SER C 339 -6.92 -53.42 18.66
CA SER C 339 -5.75 -54.26 18.84
C SER C 339 -4.95 -53.85 20.08
N GLU C 340 -5.64 -53.31 21.08
CA GLU C 340 -4.99 -52.86 22.30
C GLU C 340 -6.02 -52.81 23.41
N LYS C 341 -5.55 -52.88 24.64
CA LYS C 341 -6.38 -52.86 25.84
C LYS C 341 -6.25 -51.51 26.53
N GLU C 342 -7.19 -51.24 27.44
CA GLU C 342 -7.20 -50.00 28.19
C GLU C 342 -6.28 -50.02 29.39
N GLU C 343 -5.62 -51.15 29.66
CA GLU C 343 -4.78 -51.27 30.85
C GLU C 343 -3.60 -50.31 30.80
N ASN C 344 -2.95 -50.19 29.64
CA ASN C 344 -1.77 -49.33 29.49
C ASN C 344 -2.00 -48.40 28.30
N MET C 345 -2.67 -47.28 28.56
CA MET C 345 -2.91 -46.25 27.55
C MET C 345 -2.88 -44.89 28.23
N VAL C 346 -2.66 -43.85 27.44
CA VAL C 346 -2.70 -42.48 27.94
C VAL C 346 -4.12 -41.93 27.75
N LYS C 347 -4.73 -41.49 28.84
CA LYS C 347 -6.11 -41.01 28.81
C LYS C 347 -6.16 -39.52 29.13
N SER C 348 -7.28 -38.90 28.76
CA SER C 348 -7.46 -37.47 28.97
C SER C 348 -7.52 -37.15 30.46
N GLN C 349 -6.83 -36.08 30.86
CA GLN C 349 -6.68 -35.76 32.28
C GLN C 349 -8.01 -35.36 32.91
N VAL C 350 -8.86 -34.64 32.18
CA VAL C 350 -10.11 -34.14 32.75
C VAL C 350 -10.99 -35.31 33.19
N SER C 351 -11.71 -35.11 34.29
CA SER C 351 -12.53 -36.15 34.89
C SER C 351 -14.00 -35.78 34.81
N ALA C 352 -14.84 -36.79 34.63
CA ALA C 352 -16.28 -36.60 34.55
C ALA C 352 -17.00 -37.43 35.60
N ASP D 1 -6.08 11.24 5.99
CA ASP D 1 -5.84 10.17 5.04
C ASP D 1 -4.85 9.15 5.59
N THR D 2 -5.33 7.95 5.87
CA THR D 2 -4.50 6.86 6.37
C THR D 2 -3.92 6.09 5.20
N GLY D 3 -2.60 5.89 5.22
CA GLY D 3 -1.96 5.18 4.14
C GLY D 3 -0.46 5.16 4.32
N CYS D 4 0.24 4.70 3.28
CA CYS D 4 1.68 4.61 3.27
C CYS D 4 2.23 5.28 2.02
N ALA D 5 3.50 5.66 2.08
CA ALA D 5 4.14 6.32 0.96
C ALA D 5 5.66 6.14 1.06
N VAL D 6 6.30 6.14 -0.11
CA VAL D 6 7.76 6.07 -0.22
C VAL D 6 8.25 7.46 -0.59
N SER D 7 9.26 7.94 0.15
CA SER D 7 9.68 9.32 0.03
C SER D 7 10.29 9.61 -1.34
N TRP D 8 10.63 10.89 -1.56
CA TRP D 8 11.18 11.31 -2.84
C TRP D 8 12.51 10.61 -3.13
N SER D 9 13.36 10.48 -2.11
CA SER D 9 14.65 9.83 -2.29
C SER D 9 14.51 8.32 -2.42
N GLY D 10 13.38 7.75 -2.01
CA GLY D 10 13.15 6.33 -2.15
C GLY D 10 13.86 5.45 -1.15
N LYS D 11 14.28 6.00 -0.01
CA LYS D 11 14.97 5.22 1.02
C LYS D 11 14.16 5.11 2.30
N GLU D 12 12.92 5.58 2.31
CA GLU D 12 12.07 5.50 3.49
C GLU D 12 10.67 5.04 3.10
N LEU D 13 9.95 4.52 4.08
CA LEU D 13 8.56 4.11 3.91
C LEU D 13 7.81 4.48 5.18
N LYS D 14 7.01 5.55 5.11
CA LYS D 14 6.33 6.09 6.26
C LYS D 14 4.83 5.88 6.13
N CYS D 15 4.21 5.33 7.17
CA CYS D 15 2.78 5.11 7.23
C CYS D 15 2.19 5.91 8.38
N GLY D 16 1.00 6.45 8.19
CA GLY D 16 0.38 7.24 9.22
C GLY D 16 -0.87 7.93 8.71
N SER D 17 -1.33 8.91 9.48
CA SER D 17 -2.51 9.69 9.15
C SER D 17 -2.12 11.13 8.88
N GLY D 18 -2.75 11.73 7.87
CA GLY D 18 -2.47 13.11 7.53
C GLY D 18 -3.22 13.58 6.30
N ILE D 19 -2.55 14.31 5.43
CA ILE D 19 -3.15 14.80 4.18
C ILE D 19 -2.23 14.41 3.03
N PHE D 20 -2.77 13.67 2.06
CA PHE D 20 -2.02 13.23 0.90
C PHE D 20 -2.51 14.03 -0.31
N VAL D 21 -1.66 14.92 -0.80
CA VAL D 21 -1.97 15.74 -1.96
C VAL D 21 -1.44 15.02 -3.19
N ILE D 22 -2.34 14.55 -4.05
CA ILE D 22 -2.02 13.65 -5.14
C ILE D 22 -2.08 14.42 -6.45
N ASP D 23 -1.18 14.08 -7.37
CA ASP D 23 -1.20 14.64 -8.73
C ASP D 23 -2.43 14.11 -9.46
N ASN D 24 -3.32 15.03 -9.88
CA ASN D 24 -4.50 14.65 -10.64
C ASN D 24 -4.37 14.94 -12.12
N VAL D 25 -3.32 15.66 -12.54
CA VAL D 25 -3.04 15.82 -13.95
C VAL D 25 -2.59 14.49 -14.55
N HIS D 26 -1.71 13.79 -13.85
CA HIS D 26 -1.28 12.43 -14.19
C HIS D 26 -1.95 11.52 -13.18
N THR D 27 -3.14 11.02 -13.54
CA THR D 27 -4.09 10.54 -12.54
C THR D 27 -3.70 9.19 -11.96
N TRP D 28 -3.05 8.33 -12.73
CA TRP D 28 -2.82 6.90 -12.50
C TRP D 28 -4.10 6.10 -12.72
N THR D 29 -5.24 6.75 -12.93
CA THR D 29 -6.54 6.08 -13.03
C THR D 29 -7.40 6.92 -13.99
N GLU D 30 -8.70 6.66 -13.98
CA GLU D 30 -9.62 7.47 -14.76
C GLU D 30 -9.90 8.79 -14.04
N GLN D 31 -10.22 9.81 -14.83
CA GLN D 31 -10.46 11.14 -14.29
C GLN D 31 -11.75 11.19 -13.48
N TYR D 32 -11.91 12.28 -12.73
CA TYR D 32 -13.14 12.51 -12.00
C TYR D 32 -14.28 12.80 -12.99
N LYS D 33 -15.51 12.56 -12.53
CA LYS D 33 -16.69 12.69 -13.37
C LYS D 33 -17.70 13.58 -12.66
N PHE D 34 -17.96 14.76 -13.21
CA PHE D 34 -18.93 15.67 -12.64
C PHE D 34 -20.35 15.13 -12.87
N GLN D 35 -21.20 15.28 -11.87
CA GLN D 35 -22.60 14.84 -11.95
C GLN D 35 -23.51 16.00 -11.56
N PRO D 36 -24.38 16.47 -12.44
CA PRO D 36 -25.18 17.67 -12.13
C PRO D 36 -26.35 17.40 -11.21
N GLU D 37 -27.16 18.43 -10.97
CA GLU D 37 -28.25 18.34 -10.00
C GLU D 37 -29.35 17.39 -10.46
N SER D 38 -30.03 17.72 -11.56
CA SER D 38 -31.19 16.98 -12.03
C SER D 38 -31.66 17.51 -13.38
N PRO D 39 -32.28 16.67 -14.22
CA PRO D 39 -32.84 17.19 -15.47
C PRO D 39 -33.93 18.23 -15.27
N ALA D 40 -34.65 18.18 -14.15
CA ALA D 40 -35.73 19.13 -13.93
C ALA D 40 -35.21 20.48 -13.45
N ARG D 41 -34.22 20.47 -12.55
CA ARG D 41 -33.70 21.72 -12.00
C ARG D 41 -32.88 22.49 -13.04
N LEU D 42 -32.02 21.79 -13.77
CA LEU D 42 -31.15 22.45 -14.73
C LEU D 42 -31.95 23.09 -15.86
N ALA D 43 -32.95 22.38 -16.39
CA ALA D 43 -33.77 22.93 -17.46
C ALA D 43 -34.53 24.16 -16.99
N SER D 44 -35.09 24.10 -15.78
CA SER D 44 -35.81 25.25 -15.25
C SER D 44 -34.88 26.44 -15.07
N ALA D 45 -33.69 26.21 -14.53
CA ALA D 45 -32.73 27.30 -14.35
C ALA D 45 -32.32 27.90 -15.68
N ILE D 46 -32.08 27.05 -16.69
CA ILE D 46 -31.69 27.53 -18.01
C ILE D 46 -32.81 28.36 -18.63
N LEU D 47 -34.06 27.90 -18.51
CA LEU D 47 -35.18 28.64 -19.07
C LEU D 47 -35.36 29.98 -18.36
N ASN D 48 -35.23 29.99 -17.03
CA ASN D 48 -35.34 31.25 -16.28
C ASN D 48 -34.23 32.21 -16.67
N ALA D 49 -33.00 31.72 -16.83
CA ALA D 49 -31.90 32.57 -17.26
C ALA D 49 -32.13 33.13 -18.66
N HIS D 50 -32.65 32.29 -19.57
CA HIS D 50 -32.93 32.75 -20.92
C HIS D 50 -34.01 33.83 -20.92
N GLU D 51 -35.05 33.66 -20.11
CA GLU D 51 -36.05 34.71 -19.97
C GLU D 51 -35.45 35.98 -19.38
N ASP D 52 -34.54 35.84 -18.42
CA ASP D 52 -33.90 37.00 -17.82
C ASP D 52 -33.00 37.74 -18.79
N GLY D 53 -32.33 37.01 -19.68
CA GLY D 53 -31.48 37.66 -20.66
C GLY D 53 -30.14 36.98 -20.88
N VAL D 54 -29.91 35.86 -20.19
CA VAL D 54 -28.65 35.13 -20.34
C VAL D 54 -28.64 34.44 -21.70
N CYS D 55 -27.54 34.58 -22.42
CA CYS D 55 -27.45 34.04 -23.78
C CYS D 55 -26.81 32.65 -23.83
N GLY D 56 -25.80 32.39 -23.00
CA GLY D 56 -25.13 31.11 -23.07
C GLY D 56 -24.40 30.78 -21.79
N ILE D 57 -23.49 29.82 -21.90
CA ILE D 57 -22.73 29.31 -20.77
C ILE D 57 -21.26 29.18 -21.17
N ARG D 58 -20.37 29.63 -20.29
CA ARG D 58 -18.94 29.42 -20.45
C ARG D 58 -18.46 28.48 -19.35
N SER D 59 -17.75 27.42 -19.72
CA SER D 59 -17.24 26.47 -18.75
C SER D 59 -16.05 27.05 -17.99
N THR D 60 -15.97 26.71 -16.71
CA THR D 60 -14.86 27.12 -15.87
C THR D 60 -13.73 26.09 -15.87
N THR D 61 -14.06 24.81 -15.94
CA THR D 61 -13.09 23.73 -15.96
C THR D 61 -13.38 22.82 -17.15
N ARG D 62 -12.34 22.13 -17.62
CA ARG D 62 -12.51 21.21 -18.74
C ARG D 62 -13.31 19.97 -18.35
N LEU D 63 -13.50 19.74 -17.05
CA LEU D 63 -14.33 18.64 -16.58
C LEU D 63 -15.82 18.99 -16.60
N GLU D 64 -16.16 20.27 -16.67
CA GLU D 64 -17.55 20.73 -16.74
C GLU D 64 -18.10 20.66 -18.17
N ASN D 65 -17.22 20.87 -19.15
CA ASN D 65 -17.64 20.78 -20.55
C ASN D 65 -18.13 19.38 -20.89
N ILE D 66 -17.45 18.35 -20.37
CA ILE D 66 -17.87 16.97 -20.62
C ILE D 66 -19.25 16.72 -20.03
N MET D 67 -19.50 17.23 -18.81
CA MET D 67 -20.81 17.09 -18.19
C MET D 67 -21.89 17.77 -19.03
N TRP D 68 -21.62 18.98 -19.50
CA TRP D 68 -22.59 19.67 -20.33
C TRP D 68 -22.86 18.90 -21.62
N LYS D 69 -21.81 18.37 -22.23
CA LYS D 69 -21.96 17.64 -23.49
C LYS D 69 -22.75 16.35 -23.30
N GLN D 70 -22.61 15.71 -22.13
CA GLN D 70 -23.34 14.47 -21.92
C GLN D 70 -24.77 14.69 -21.42
N ILE D 71 -25.07 15.87 -20.86
CA ILE D 71 -26.43 16.13 -20.39
C ILE D 71 -27.23 17.03 -21.33
N THR D 72 -26.63 17.47 -22.44
CA THR D 72 -27.34 18.33 -23.38
C THR D 72 -28.59 17.64 -23.94
N ASN D 73 -28.48 16.35 -24.28
CA ASN D 73 -29.61 15.65 -24.88
C ASN D 73 -30.78 15.54 -23.92
N GLU D 74 -30.50 15.21 -22.65
CA GLU D 74 -31.58 15.15 -21.67
C GLU D 74 -32.18 16.53 -21.42
N LEU D 75 -31.34 17.58 -21.40
CA LEU D 75 -31.88 18.92 -21.27
C LEU D 75 -32.83 19.26 -22.41
N ASN D 76 -32.43 18.93 -23.64
CA ASN D 76 -33.28 19.20 -24.80
C ASN D 76 -34.57 18.40 -24.73
N TYR D 77 -34.50 17.14 -24.30
CA TYR D 77 -35.71 16.32 -24.19
C TYR D 77 -36.66 16.89 -23.15
N VAL D 78 -36.14 17.32 -22.00
CA VAL D 78 -36.99 17.92 -20.98
C VAL D 78 -37.64 19.20 -21.50
N LEU D 79 -36.86 20.04 -22.18
CA LEU D 79 -37.40 21.28 -22.71
C LEU D 79 -38.48 21.02 -23.76
N TRP D 80 -38.28 20.02 -24.61
CA TRP D 80 -39.26 19.72 -25.64
C TRP D 80 -40.53 19.11 -25.07
N GLU D 81 -40.41 18.16 -24.14
CA GLU D 81 -41.60 17.56 -23.55
C GLU D 81 -42.33 18.53 -22.63
N GLY D 82 -41.65 19.58 -22.16
CA GLY D 82 -42.31 20.64 -21.43
C GLY D 82 -42.99 21.68 -22.30
N GLY D 83 -42.90 21.53 -23.62
CA GLY D 83 -43.52 22.47 -24.54
C GLY D 83 -42.91 23.85 -24.50
N HIS D 84 -41.58 23.93 -24.48
CA HIS D 84 -40.87 25.19 -24.45
C HIS D 84 -40.09 25.37 -25.74
N ASP D 85 -40.02 26.62 -26.19
CA ASP D 85 -39.45 26.98 -27.50
C ASP D 85 -38.00 27.39 -27.27
N LEU D 86 -37.11 26.40 -27.22
CA LEU D 86 -35.69 26.63 -26.96
C LEU D 86 -34.92 25.35 -27.27
N THR D 87 -33.68 25.52 -27.72
CA THR D 87 -32.78 24.39 -27.96
C THR D 87 -31.42 24.69 -27.32
N VAL D 88 -30.74 23.63 -26.90
CA VAL D 88 -29.44 23.75 -26.24
C VAL D 88 -28.39 23.10 -27.15
N VAL D 89 -27.33 23.85 -27.45
CA VAL D 89 -26.25 23.40 -28.30
C VAL D 89 -24.95 23.42 -27.49
N ALA D 90 -24.26 22.29 -27.46
CA ALA D 90 -23.04 22.13 -26.68
C ALA D 90 -21.85 22.16 -27.62
N GLY D 91 -21.01 23.19 -27.48
CA GLY D 91 -19.79 23.32 -28.24
C GLY D 91 -18.62 22.64 -27.56
N ASP D 92 -17.41 22.98 -28.02
CA ASP D 92 -16.19 22.39 -27.47
C ASP D 92 -15.26 23.52 -27.02
N VAL D 93 -14.34 23.17 -26.13
CA VAL D 93 -13.40 24.12 -25.56
C VAL D 93 -12.15 24.16 -26.44
N LYS D 94 -11.81 25.35 -26.92
CA LYS D 94 -10.61 25.55 -27.73
C LYS D 94 -9.90 26.81 -27.23
N GLY D 95 -8.74 26.62 -26.59
CA GLY D 95 -7.97 27.75 -26.10
C GLY D 95 -8.18 28.02 -24.64
N VAL D 96 -8.31 29.30 -24.29
CA VAL D 96 -8.52 29.69 -22.90
C VAL D 96 -9.99 29.56 -22.54
N LEU D 97 -10.26 29.03 -21.35
CA LEU D 97 -11.63 28.95 -20.84
C LEU D 97 -12.07 30.35 -20.46
N SER D 98 -12.64 31.07 -21.42
CA SER D 98 -12.95 32.48 -21.23
C SER D 98 -14.00 32.66 -20.13
N LYS D 99 -14.19 33.92 -19.74
CA LYS D 99 -14.98 34.28 -18.58
C LYS D 99 -16.26 34.99 -19.00
N GLY D 100 -17.40 34.53 -18.46
CA GLY D 100 -18.67 35.21 -18.67
C GLY D 100 -18.93 36.25 -17.60
N LYS D 101 -20.04 36.99 -17.79
CA LYS D 101 -20.39 38.10 -16.91
C LYS D 101 -21.75 37.92 -16.25
N ARG D 102 -22.34 36.73 -16.31
CA ARG D 102 -23.62 36.47 -15.65
C ARG D 102 -23.59 35.13 -14.92
N ALA D 103 -24.75 34.68 -14.44
CA ALA D 103 -24.81 33.42 -13.71
C ALA D 103 -26.24 32.88 -13.76
N LEU D 104 -26.36 31.59 -13.46
CA LEU D 104 -27.65 30.93 -13.33
C LEU D 104 -28.04 30.86 -11.86
N ALA D 105 -29.20 31.43 -11.54
CA ALA D 105 -29.69 31.41 -10.17
C ALA D 105 -30.38 30.08 -9.88
N PRO D 106 -30.40 29.65 -8.62
CA PRO D 106 -31.13 28.44 -8.25
C PRO D 106 -32.60 28.58 -8.58
N PRO D 107 -33.24 27.54 -9.12
CA PRO D 107 -34.63 27.67 -9.56
C PRO D 107 -35.64 27.27 -8.50
N VAL D 108 -36.81 27.92 -8.54
CA VAL D 108 -37.95 27.53 -7.73
C VAL D 108 -39.05 27.04 -8.67
N ASN D 109 -39.91 26.17 -8.15
CA ASN D 109 -41.00 25.56 -8.93
C ASN D 109 -40.45 24.84 -10.15
N ASP D 110 -39.69 23.78 -9.87
CA ASP D 110 -38.99 23.03 -10.89
C ASP D 110 -39.97 22.44 -11.90
N LEU D 111 -39.41 22.00 -13.03
CA LEU D 111 -40.19 21.40 -14.10
C LEU D 111 -40.61 19.98 -13.70
N LYS D 112 -41.26 19.26 -14.61
CA LYS D 112 -41.73 17.91 -14.36
C LYS D 112 -40.93 16.94 -15.21
N TYR D 113 -40.49 15.85 -14.59
CA TYR D 113 -39.70 14.84 -15.29
C TYR D 113 -39.92 13.49 -14.62
N SER D 114 -39.61 12.43 -15.36
CA SER D 114 -39.91 11.07 -14.89
C SER D 114 -39.00 10.67 -13.74
N TRP D 115 -37.69 10.61 -13.98
CA TRP D 115 -36.74 10.14 -12.99
C TRP D 115 -35.91 11.28 -12.42
N LYS D 116 -35.08 10.93 -11.43
CA LYS D 116 -34.17 11.88 -10.80
C LYS D 116 -32.74 11.76 -11.33
N THR D 117 -32.31 10.55 -11.69
CA THR D 117 -30.96 10.32 -12.18
C THR D 117 -30.88 10.68 -13.67
N TRP D 118 -29.74 10.36 -14.29
CA TRP D 118 -29.51 10.62 -15.70
C TRP D 118 -29.38 9.31 -16.44
N GLY D 119 -30.09 9.19 -17.57
CA GLY D 119 -30.00 7.99 -18.38
C GLY D 119 -31.28 7.17 -18.40
N LYS D 120 -32.04 7.28 -19.49
CA LYS D 120 -33.25 6.50 -19.67
C LYS D 120 -33.58 6.49 -21.16
N ALA D 121 -34.54 5.64 -21.53
CA ALA D 121 -34.98 5.59 -22.91
C ALA D 121 -35.67 6.91 -23.27
N LYS D 122 -35.20 7.53 -24.36
CA LYS D 122 -35.67 8.84 -24.76
C LYS D 122 -35.89 8.84 -26.26
N ILE D 123 -36.12 10.03 -26.82
CA ILE D 123 -36.24 10.23 -28.25
C ILE D 123 -35.40 11.45 -28.62
N PHE D 124 -35.04 11.55 -29.90
CA PHE D 124 -34.24 12.66 -30.39
C PHE D 124 -35.18 13.75 -30.89
N THR D 125 -35.20 14.88 -30.20
CA THR D 125 -36.04 15.99 -30.62
C THR D 125 -35.40 16.72 -31.80
N PRO D 126 -36.18 17.27 -32.73
CA PRO D 126 -35.61 17.98 -33.87
C PRO D 126 -34.93 19.27 -33.44
N GLU D 127 -33.85 19.61 -34.14
CA GLU D 127 -33.14 20.87 -33.92
C GLU D 127 -33.95 21.98 -34.57
N ALA D 128 -34.72 22.70 -33.77
CA ALA D 128 -35.69 23.66 -34.28
C ALA D 128 -35.97 24.70 -33.19
N LYS D 129 -37.07 25.43 -33.33
CA LYS D 129 -37.62 26.40 -32.39
C LYS D 129 -36.95 27.78 -32.49
N ASN D 130 -35.94 27.93 -33.34
CA ASN D 130 -35.38 29.24 -33.69
C ASN D 130 -34.90 30.02 -32.46
N SER D 131 -34.43 29.31 -31.44
CA SER D 131 -33.91 29.96 -30.24
C SER D 131 -32.89 29.02 -29.61
N THR D 132 -31.62 29.41 -29.62
CA THR D 132 -30.52 28.54 -29.23
C THR D 132 -29.87 29.05 -27.96
N PHE D 133 -29.53 28.12 -27.07
CA PHE D 133 -28.79 28.39 -25.84
C PHE D 133 -27.42 27.74 -25.99
N LEU D 134 -26.47 28.50 -26.53
CA LEU D 134 -25.15 27.98 -26.81
C LEU D 134 -24.40 27.66 -25.52
N ILE D 135 -23.68 26.55 -25.52
CA ILE D 135 -22.80 26.16 -24.42
C ILE D 135 -21.39 26.04 -24.99
N ASP D 136 -20.49 26.91 -24.53
CA ASP D 136 -19.11 26.95 -25.00
C ASP D 136 -19.03 27.15 -26.51
N GLY D 137 -17.92 26.75 -27.11
CA GLY D 137 -17.74 26.87 -28.53
C GLY D 137 -16.82 28.02 -28.91
N PRO D 138 -16.82 28.38 -30.19
CA PRO D 138 -15.99 29.49 -30.65
C PRO D 138 -16.57 30.82 -30.21
N ASP D 139 -15.70 31.82 -30.16
CA ASP D 139 -16.10 33.19 -29.79
C ASP D 139 -16.94 33.77 -30.92
N THR D 140 -18.20 34.05 -30.63
CA THR D 140 -19.13 34.61 -31.61
C THR D 140 -19.52 36.03 -31.21
N SER D 141 -20.34 36.65 -32.05
CA SER D 141 -20.90 37.96 -31.77
C SER D 141 -22.40 37.95 -31.57
N GLU D 142 -23.08 36.89 -32.01
CA GLU D 142 -24.50 36.74 -31.69
C GLU D 142 -24.69 36.41 -30.21
N CYS D 143 -23.69 35.81 -29.58
CA CYS D 143 -23.73 35.44 -28.17
C CYS D 143 -22.42 35.87 -27.52
N PRO D 144 -22.24 37.17 -27.29
CA PRO D 144 -20.98 37.64 -26.68
C PRO D 144 -20.88 37.22 -25.22
N ASN D 145 -19.64 37.29 -24.71
CA ASN D 145 -19.36 36.90 -23.34
C ASN D 145 -20.01 37.81 -22.31
N GLU D 146 -20.50 38.98 -22.71
CA GLU D 146 -21.18 39.87 -21.79
C GLU D 146 -22.56 39.35 -21.37
N ARG D 147 -23.09 38.36 -22.06
CA ARG D 147 -24.40 37.80 -21.76
C ARG D 147 -24.33 36.30 -21.51
N ARG D 148 -23.20 35.81 -21.02
CA ARG D 148 -22.99 34.39 -20.78
C ARG D 148 -22.82 34.13 -19.29
N ALA D 149 -23.19 32.92 -18.88
CA ALA D 149 -23.05 32.48 -17.50
C ALA D 149 -21.70 31.85 -17.28
N TRP D 150 -21.17 31.99 -16.06
CA TRP D 150 -19.84 31.51 -15.75
C TRP D 150 -19.69 31.36 -14.24
N ASN D 151 -19.10 30.23 -13.83
CA ASN D 151 -18.77 29.97 -12.43
C ASN D 151 -20.02 30.03 -11.53
N PHE D 152 -20.95 29.10 -11.79
CA PHE D 152 -22.16 28.99 -10.99
C PHE D 152 -22.36 27.59 -10.42
N LEU D 153 -21.34 26.73 -10.46
CA LEU D 153 -21.43 25.39 -9.92
C LEU D 153 -20.40 25.21 -8.81
N GLU D 154 -20.70 24.34 -7.86
CA GLU D 154 -19.77 24.03 -6.79
C GLU D 154 -20.04 22.62 -6.26
N VAL D 155 -19.01 22.04 -5.68
CA VAL D 155 -19.07 20.67 -5.16
C VAL D 155 -19.93 20.65 -3.91
N GLU D 156 -20.73 19.59 -3.74
CA GLU D 156 -21.49 19.39 -2.52
C GLU D 156 -21.20 18.07 -1.82
N ASP D 157 -20.61 17.09 -2.50
CA ASP D 157 -20.01 15.92 -1.87
C ASP D 157 -19.25 15.14 -2.94
N TYR D 158 -18.51 14.14 -2.50
CA TYR D 158 -17.73 13.28 -3.38
C TYR D 158 -18.38 11.89 -3.47
N GLY D 159 -17.85 11.07 -4.38
CA GLY D 159 -18.32 9.72 -4.59
C GLY D 159 -17.46 8.69 -3.87
N PHE D 160 -17.38 7.50 -4.46
CA PHE D 160 -16.61 6.39 -3.91
C PHE D 160 -15.93 5.65 -5.04
N GLY D 161 -14.89 4.91 -4.69
CA GLY D 161 -14.20 4.04 -5.64
C GLY D 161 -12.71 4.33 -5.68
N MET D 162 -12.04 3.59 -6.54
CA MET D 162 -10.60 3.74 -6.77
C MET D 162 -10.27 4.22 -8.16
N PHE D 163 -10.93 3.69 -9.18
CA PHE D 163 -10.67 4.09 -10.57
C PHE D 163 -11.56 5.26 -10.99
N THR D 164 -12.88 5.09 -10.89
CA THR D 164 -13.84 6.09 -11.29
C THR D 164 -14.56 6.62 -10.05
N THR D 165 -14.51 7.94 -9.86
CA THR D 165 -15.16 8.60 -8.74
C THR D 165 -16.01 9.74 -9.28
N ASN D 166 -17.20 9.90 -8.71
CA ASN D 166 -18.13 10.94 -9.13
C ASN D 166 -18.08 12.12 -8.16
N ILE D 167 -18.32 13.32 -8.70
CA ILE D 167 -18.42 14.53 -7.90
C ILE D 167 -19.77 15.17 -8.21
N TRP D 168 -20.55 15.40 -7.17
CA TRP D 168 -21.91 15.91 -7.31
C TRP D 168 -21.91 17.42 -7.12
N MET D 169 -22.41 18.14 -8.11
CA MET D 169 -22.37 19.59 -8.12
C MET D 169 -23.72 20.17 -7.73
N LYS D 170 -23.70 21.45 -7.34
CA LYS D 170 -24.91 22.19 -6.99
C LYS D 170 -24.78 23.59 -7.57
N PHE D 171 -25.67 24.49 -7.13
CA PHE D 171 -25.68 25.87 -7.59
C PHE D 171 -25.10 26.79 -6.53
N ARG D 172 -24.28 27.73 -6.97
CA ARG D 172 -23.73 28.73 -6.07
C ARG D 172 -24.83 29.66 -5.57
N GLU D 173 -24.75 30.03 -4.30
CA GLU D 173 -25.76 30.92 -3.73
C GLU D 173 -25.57 32.35 -4.24
N GLY D 174 -24.34 32.79 -4.39
CA GLY D 174 -24.05 34.12 -4.89
C GLY D 174 -23.20 34.12 -6.14
N SER D 175 -22.52 35.23 -6.41
CA SER D 175 -21.63 35.36 -7.55
C SER D 175 -20.21 35.60 -7.06
N SER D 176 -19.25 34.97 -7.71
CA SER D 176 -17.85 35.08 -7.31
C SER D 176 -16.95 34.87 -8.51
N GLU D 177 -15.80 35.54 -8.47
CA GLU D 177 -14.75 35.37 -9.48
C GLU D 177 -13.68 34.39 -9.05
N VAL D 178 -13.82 33.78 -7.89
CA VAL D 178 -12.80 32.89 -7.33
C VAL D 178 -13.12 31.47 -7.73
N CYS D 179 -12.08 30.67 -7.97
CA CYS D 179 -12.25 29.28 -8.34
C CYS D 179 -12.84 28.50 -7.16
N ASP D 180 -13.52 27.41 -7.48
CA ASP D 180 -14.11 26.58 -6.43
C ASP D 180 -13.01 25.93 -5.59
N HIS D 181 -13.09 26.12 -4.27
CA HIS D 181 -12.01 25.73 -3.37
C HIS D 181 -12.07 24.28 -2.94
N ARG D 182 -13.14 23.54 -3.27
CA ARG D 182 -13.24 22.14 -2.89
C ARG D 182 -12.57 21.22 -3.90
N LEU D 183 -11.99 21.76 -4.98
CA LEU D 183 -11.26 20.98 -5.96
C LEU D 183 -9.76 21.30 -5.93
N MET D 184 -9.30 22.09 -4.96
CA MET D 184 -7.93 22.58 -4.93
C MET D 184 -7.21 22.09 -3.69
N SER D 185 -5.89 22.22 -3.71
CA SER D 185 -5.04 21.77 -2.62
C SER D 185 -3.69 22.44 -2.73
N ALA D 186 -2.90 22.32 -1.66
CA ALA D 186 -1.55 22.87 -1.61
C ALA D 186 -0.80 22.16 -0.48
N ALA D 187 0.49 21.96 -0.67
CA ALA D 187 1.28 21.24 0.32
C ALA D 187 2.74 21.67 0.24
N ILE D 188 3.44 21.53 1.36
CA ILE D 188 4.88 21.79 1.43
C ILE D 188 5.47 20.85 2.47
N LYS D 189 6.70 20.39 2.22
CA LYS D 189 7.40 19.50 3.13
C LYS D 189 8.87 19.53 2.81
N ASP D 190 9.70 19.77 3.84
CA ASP D 190 11.15 19.85 3.67
C ASP D 190 11.51 20.98 2.72
N GLN D 191 11.76 20.64 1.45
CA GLN D 191 12.17 21.63 0.47
C GLN D 191 11.44 21.47 -0.85
N LYS D 192 10.16 21.11 -0.81
CA LYS D 192 9.35 20.94 -2.00
C LYS D 192 7.92 21.33 -1.73
N ALA D 193 7.41 22.31 -2.49
CA ALA D 193 6.03 22.75 -2.40
C ALA D 193 5.29 22.36 -3.67
N VAL D 194 3.95 22.46 -3.62
CA VAL D 194 3.12 22.16 -4.76
C VAL D 194 1.80 22.88 -4.59
N HIS D 195 1.23 23.32 -5.72
CA HIS D 195 -0.10 23.94 -5.76
C HIS D 195 -0.93 23.13 -6.74
N ALA D 196 -1.63 22.12 -6.23
CA ALA D 196 -2.34 21.17 -7.09
C ALA D 196 -3.75 21.66 -7.37
N ASP D 197 -4.39 20.98 -8.33
CA ASP D 197 -5.71 21.33 -8.84
C ASP D 197 -6.11 20.25 -9.83
N MET D 198 -7.36 20.31 -10.31
CA MET D 198 -7.85 19.32 -11.26
C MET D 198 -7.15 19.43 -12.61
N GLY D 199 -6.62 20.60 -12.95
CA GLY D 199 -5.94 20.79 -14.22
C GLY D 199 -4.65 21.58 -14.10
N TYR D 200 -4.25 21.90 -12.88
CA TYR D 200 -3.02 22.63 -12.60
C TYR D 200 -2.12 21.79 -11.70
N TRP D 201 -0.82 21.85 -11.97
CA TRP D 201 0.15 21.19 -11.09
C TRP D 201 1.44 22.02 -11.14
N ILE D 202 1.57 22.94 -10.19
CA ILE D 202 2.73 23.83 -10.11
C ILE D 202 3.68 23.29 -9.07
N GLU D 203 4.95 23.13 -9.44
CA GLU D 203 5.96 22.58 -8.55
C GLU D 203 7.01 23.64 -8.25
N SER D 204 7.55 23.58 -7.02
CA SER D 204 8.56 24.52 -6.57
C SER D 204 9.53 23.80 -5.65
N SER D 205 10.72 24.37 -5.51
CA SER D 205 11.77 23.74 -4.73
C SER D 205 12.77 24.80 -4.29
N LYS D 206 13.70 24.39 -3.43
CA LYS D 206 14.71 25.27 -2.88
C LYS D 206 16.10 24.79 -3.32
N ASN D 207 16.76 25.59 -4.15
CA ASN D 207 18.19 25.46 -4.44
C ASN D 207 18.78 26.85 -4.26
N GLN D 208 19.12 27.18 -3.02
CA GLN D 208 19.59 28.49 -2.57
C GLN D 208 18.50 29.56 -2.60
N THR D 209 17.31 29.24 -3.11
CA THR D 209 16.22 30.20 -3.23
C THR D 209 14.95 29.44 -3.60
N TRP D 210 13.83 29.86 -3.03
CA TRP D 210 12.53 29.26 -3.37
C TRP D 210 12.01 29.87 -4.67
N GLN D 211 11.89 29.05 -5.70
CA GLN D 211 11.38 29.53 -6.98
C GLN D 211 10.72 28.37 -7.72
N ILE D 212 9.84 28.73 -8.66
CA ILE D 212 9.11 27.74 -9.43
C ILE D 212 10.07 26.94 -10.31
N GLU D 213 9.73 25.68 -10.56
CA GLU D 213 10.60 24.81 -11.33
C GLU D 213 9.85 24.06 -12.42
N LYS D 214 8.54 23.86 -12.23
CA LYS D 214 7.74 23.12 -13.20
C LYS D 214 6.29 23.56 -13.10
N ALA D 215 5.55 23.31 -14.18
CA ALA D 215 4.13 23.59 -14.22
C ALA D 215 3.51 22.81 -15.37
N SER D 216 2.54 21.95 -15.07
CA SER D 216 1.82 21.17 -16.07
C SER D 216 0.37 21.63 -16.08
N LEU D 217 -0.03 22.32 -17.14
CA LEU D 217 -1.38 22.85 -17.26
C LEU D 217 -2.07 22.17 -18.44
N ILE D 218 -3.06 21.33 -18.14
CA ILE D 218 -3.92 20.75 -19.16
C ILE D 218 -5.16 21.59 -19.41
N GLU D 219 -5.20 22.80 -18.85
CA GLU D 219 -6.25 23.77 -19.10
C GLU D 219 -5.73 25.14 -18.68
N VAL D 220 -6.41 26.18 -19.13
CA VAL D 220 -6.06 27.56 -18.81
C VAL D 220 -7.35 28.24 -18.33
N LYS D 221 -7.52 28.30 -17.01
CA LYS D 221 -8.70 28.91 -16.43
C LYS D 221 -8.52 30.43 -16.36
N THR D 222 -9.57 31.13 -15.91
CA THR D 222 -9.51 32.56 -15.70
C THR D 222 -10.10 33.01 -14.37
N CYS D 223 -10.49 32.09 -13.49
CA CYS D 223 -10.90 32.50 -12.16
C CYS D 223 -9.66 32.73 -11.29
N LEU D 224 -9.89 33.15 -10.05
CA LEU D 224 -8.79 33.49 -9.16
C LEU D 224 -8.50 32.35 -8.21
N TRP D 225 -7.23 32.12 -7.95
CA TRP D 225 -6.83 31.12 -6.97
C TRP D 225 -7.17 31.62 -5.58
N PRO D 226 -7.98 30.90 -4.80
CA PRO D 226 -8.32 31.37 -3.45
C PRO D 226 -7.07 31.49 -2.58
N LYS D 227 -7.05 32.51 -1.74
CA LYS D 227 -5.88 32.75 -0.90
C LYS D 227 -5.90 31.93 0.38
N THR D 228 -6.97 31.16 0.62
CA THR D 228 -6.98 30.21 1.72
C THR D 228 -6.20 28.95 1.37
N HIS D 229 -5.93 28.70 0.09
CA HIS D 229 -5.20 27.53 -0.37
C HIS D 229 -3.84 27.90 -0.96
N THR D 230 -3.21 28.95 -0.41
CA THR D 230 -1.97 29.48 -0.95
C THR D 230 -0.91 29.51 0.14
N LEU D 231 0.29 29.06 -0.19
CA LEU D 231 1.44 29.10 0.70
C LEU D 231 2.24 30.38 0.47
N TRP D 232 2.62 31.06 1.55
CA TRP D 232 3.53 32.18 1.49
C TRP D 232 2.97 33.30 0.62
N SER D 233 1.79 33.79 1.01
CA SER D 233 1.03 34.74 0.21
C SER D 233 1.10 36.16 0.77
N ASN D 234 2.19 36.51 1.45
CA ASN D 234 2.38 37.85 1.98
C ASN D 234 3.53 38.55 1.27
N GLY D 235 3.35 39.85 1.03
CA GLY D 235 4.37 40.62 0.34
C GLY D 235 4.59 40.19 -1.09
N VAL D 236 3.51 39.91 -1.81
CA VAL D 236 3.57 39.44 -3.20
C VAL D 236 3.25 40.60 -4.11
N LEU D 237 4.10 40.82 -5.11
CA LEU D 237 3.86 41.81 -6.15
C LEU D 237 3.27 41.10 -7.37
N GLU D 238 2.17 41.65 -7.90
CA GLU D 238 1.53 41.05 -9.07
C GLU D 238 2.40 41.13 -10.32
N SER D 239 3.45 41.94 -10.30
CA SER D 239 4.36 42.07 -11.43
C SER D 239 5.40 40.97 -11.49
N GLN D 240 5.47 40.09 -10.49
CA GLN D 240 6.50 39.08 -10.41
C GLN D 240 5.97 37.65 -10.54
N MET D 241 4.66 37.44 -10.44
CA MET D 241 4.10 36.10 -10.58
C MET D 241 4.34 35.58 -11.98
N LEU D 242 5.07 34.46 -12.08
CA LEU D 242 5.38 33.90 -13.39
C LEU D 242 4.10 33.53 -14.14
N ILE D 243 3.19 32.83 -13.48
CA ILE D 243 1.86 32.57 -14.02
C ILE D 243 0.95 33.72 -13.58
N PRO D 244 0.37 34.48 -14.51
CA PRO D 244 -0.33 35.70 -14.12
C PRO D 244 -1.54 35.43 -13.24
N LYS D 245 -1.94 36.47 -12.50
CA LYS D 245 -3.13 36.39 -11.67
C LYS D 245 -4.39 36.16 -12.50
N ALA D 246 -4.40 36.62 -13.74
CA ALA D 246 -5.57 36.51 -14.59
C ALA D 246 -5.78 35.10 -15.15
N TYR D 247 -4.86 34.19 -14.90
CA TYR D 247 -4.95 32.82 -15.41
C TYR D 247 -4.88 31.81 -14.27
N ALA D 248 -5.49 32.16 -13.13
CA ALA D 248 -5.58 31.28 -11.97
C ALA D 248 -4.20 30.88 -11.46
N GLY D 249 -3.26 31.82 -11.47
CA GLY D 249 -1.96 31.60 -10.89
C GLY D 249 -1.97 31.91 -9.41
N PRO D 250 -1.30 31.08 -8.62
CA PRO D 250 -1.29 31.31 -7.17
C PRO D 250 -0.70 32.66 -6.81
N PHE D 251 -1.30 33.30 -5.82
CA PHE D 251 -0.83 34.60 -5.31
C PHE D 251 0.25 34.37 -4.26
N SER D 252 1.33 33.72 -4.69
CA SER D 252 2.36 33.23 -3.78
C SER D 252 3.74 33.67 -4.25
N GLN D 253 4.71 33.54 -3.36
CA GLN D 253 6.10 33.79 -3.70
C GLN D 253 6.82 32.53 -4.17
N HIS D 254 6.18 31.36 -4.07
CA HIS D 254 6.66 30.19 -4.80
C HIS D 254 6.31 30.27 -6.28
N ASN D 255 5.40 31.16 -6.65
CA ASN D 255 5.06 31.42 -8.05
C ASN D 255 5.95 32.56 -8.55
N TYR D 256 7.24 32.23 -8.71
CA TYR D 256 8.26 33.22 -8.96
C TYR D 256 9.51 32.53 -9.51
N ARG D 257 10.16 33.18 -10.46
CA ARG D 257 11.45 32.75 -10.97
C ARG D 257 12.33 33.98 -11.13
N GLN D 258 13.59 33.85 -10.72
CA GLN D 258 14.48 35.01 -10.68
C GLN D 258 14.83 35.48 -12.08
N GLY D 259 14.79 36.79 -12.28
CA GLY D 259 15.11 37.39 -13.56
C GLY D 259 13.95 37.53 -14.52
N TYR D 260 12.79 36.99 -14.18
CA TYR D 260 11.61 37.04 -15.03
C TYR D 260 10.49 37.81 -14.35
N ALA D 261 9.58 38.34 -15.17
CA ALA D 261 8.42 39.06 -14.67
C ALA D 261 7.15 38.31 -15.06
N THR D 262 5.99 38.90 -14.83
CA THR D 262 4.74 38.24 -15.14
C THR D 262 4.60 38.03 -16.65
N GLN D 263 4.17 36.82 -17.02
CA GLN D 263 4.10 36.43 -18.44
C GLN D 263 2.68 36.62 -18.95
N THR D 264 2.32 37.89 -19.11
CA THR D 264 0.96 38.24 -19.52
C THR D 264 0.69 37.87 -20.97
N VAL D 265 1.71 37.88 -21.83
CA VAL D 265 1.50 37.72 -23.27
C VAL D 265 2.17 36.43 -23.71
N GLY D 266 2.14 35.41 -22.86
CA GLY D 266 2.66 34.12 -23.20
C GLY D 266 1.75 33.39 -24.17
N PRO D 267 2.13 32.15 -24.51
CA PRO D 267 1.33 31.34 -25.45
C PRO D 267 0.16 30.65 -24.75
N TRP D 268 -0.67 31.44 -24.07
CA TRP D 268 -1.81 30.91 -23.33
C TRP D 268 -2.94 30.46 -24.22
N HIS D 269 -2.93 30.81 -25.51
CA HIS D 269 -3.98 30.42 -26.43
C HIS D 269 -3.95 28.94 -26.78
N LEU D 270 -2.90 28.22 -26.39
CA LEU D 270 -2.77 26.81 -26.72
C LEU D 270 -3.68 25.91 -25.90
N GLY D 271 -3.94 26.27 -24.64
CA GLY D 271 -4.65 25.37 -23.75
C GLY D 271 -3.67 24.51 -22.97
N LYS D 272 -3.41 23.30 -23.45
CA LYS D 272 -2.40 22.46 -22.83
C LYS D 272 -1.03 23.14 -22.87
N LEU D 273 -0.29 23.01 -21.77
CA LEU D 273 1.02 23.63 -21.67
C LEU D 273 1.91 22.80 -20.76
N GLU D 274 3.22 22.99 -20.91
CA GLU D 274 4.22 22.36 -20.04
C GLU D 274 5.33 23.39 -19.83
N ILE D 275 5.32 24.03 -18.68
CA ILE D 275 6.31 25.05 -18.35
C ILE D 275 7.49 24.39 -17.65
N ASP D 276 8.68 24.52 -18.25
CA ASP D 276 9.91 24.04 -17.65
C ASP D 276 11.05 24.89 -18.19
N PHE D 277 12.18 24.86 -17.50
CA PHE D 277 13.29 25.76 -17.78
C PHE D 277 14.41 24.97 -18.43
N GLY D 278 14.76 25.35 -19.65
CA GLY D 278 15.75 24.62 -20.41
C GLY D 278 15.89 25.20 -21.80
N GLU D 279 16.40 24.37 -22.71
CA GLU D 279 16.66 24.77 -24.08
C GLU D 279 15.78 23.95 -25.01
N CYS D 280 15.11 24.63 -25.95
CA CYS D 280 14.43 23.91 -27.01
C CYS D 280 15.47 23.22 -27.90
N PRO D 281 15.15 22.05 -28.45
CA PRO D 281 16.14 21.29 -29.22
C PRO D 281 16.65 22.06 -30.41
N GLY D 282 17.96 22.30 -30.44
CA GLY D 282 18.62 22.91 -31.56
C GLY D 282 18.83 24.42 -31.47
N THR D 283 18.62 25.03 -30.31
CA THR D 283 18.74 26.46 -30.15
C THR D 283 19.74 26.80 -29.05
N THR D 284 20.00 28.10 -28.89
CA THR D 284 20.89 28.59 -27.85
C THR D 284 20.50 29.99 -27.45
N VAL D 285 20.65 30.29 -26.16
CA VAL D 285 20.32 31.59 -25.60
C VAL D 285 21.53 32.10 -24.81
N THR D 286 21.89 33.37 -25.04
CA THR D 286 23.04 33.98 -24.38
C THR D 286 22.65 35.35 -23.86
N ILE D 287 23.36 35.80 -22.83
CA ILE D 287 23.07 37.07 -22.18
C ILE D 287 23.76 38.20 -22.93
N GLN D 288 22.99 39.21 -23.32
CA GLN D 288 23.53 40.41 -23.97
C GLN D 288 22.77 41.62 -23.47
N GLU D 289 23.47 42.76 -23.35
CA GLU D 289 22.82 43.97 -22.87
C GLU D 289 22.43 44.92 -24.01
N ASP D 290 22.71 44.55 -25.26
CA ASP D 290 22.25 45.34 -26.40
C ASP D 290 20.93 44.83 -26.96
N CYS D 291 20.34 43.81 -26.34
CA CYS D 291 19.08 43.25 -26.83
C CYS D 291 17.93 44.21 -26.58
N ASP D 292 16.88 44.08 -27.38
CA ASP D 292 15.71 44.92 -27.25
C ASP D 292 14.85 44.48 -26.06
N HIS D 293 13.81 45.25 -25.78
CA HIS D 293 12.97 45.01 -24.61
C HIS D 293 12.09 43.78 -24.83
N ARG D 294 11.47 43.32 -23.75
CA ARG D 294 10.60 42.16 -23.79
C ARG D 294 9.32 42.47 -24.56
N GLY D 295 8.77 41.43 -25.19
CA GLY D 295 7.55 41.55 -25.95
C GLY D 295 6.75 40.27 -25.93
N PRO D 296 5.84 40.12 -26.89
CA PRO D 296 5.05 38.88 -26.97
C PRO D 296 5.94 37.67 -27.23
N SER D 297 5.50 36.53 -26.69
CA SER D 297 6.25 35.29 -26.85
C SER D 297 6.32 34.87 -28.32
N LEU D 298 7.43 34.26 -28.69
CA LEU D 298 7.67 33.85 -30.07
C LEU D 298 8.07 32.38 -30.11
N ARG D 299 7.75 31.73 -31.22
CA ARG D 299 8.08 30.33 -31.43
C ARG D 299 9.42 30.21 -32.14
N THR D 300 10.11 29.10 -31.86
CA THR D 300 11.40 28.84 -32.49
C THR D 300 11.28 28.37 -33.92
N THR D 301 10.06 28.09 -34.39
CA THR D 301 9.81 27.65 -35.76
C THR D 301 8.93 28.68 -36.45
N THR D 302 9.37 29.14 -37.62
CA THR D 302 8.62 30.13 -38.37
C THR D 302 7.39 29.49 -39.01
N ALA D 303 6.61 30.31 -39.72
CA ALA D 303 5.43 29.81 -40.41
C ALA D 303 5.80 28.81 -41.50
N SER D 304 6.87 29.09 -42.24
CA SER D 304 7.29 28.16 -43.28
C SER D 304 7.74 26.83 -42.69
N GLY D 305 8.46 26.86 -41.56
CA GLY D 305 8.88 25.65 -40.91
C GLY D 305 10.36 25.60 -40.58
N LYS D 306 11.09 26.65 -40.94
CA LYS D 306 12.51 26.69 -40.65
C LYS D 306 12.75 26.98 -39.18
N LEU D 307 13.99 26.77 -38.74
CA LEU D 307 14.34 26.88 -37.33
C LEU D 307 15.22 28.11 -37.08
N VAL D 308 14.98 28.76 -35.95
CA VAL D 308 15.76 29.91 -35.52
C VAL D 308 16.74 29.42 -34.46
N THR D 309 18.02 29.76 -34.62
CA THR D 309 19.08 29.19 -33.79
C THR D 309 19.62 30.18 -32.76
N GLN D 310 19.70 31.47 -33.10
CA GLN D 310 20.33 32.46 -32.23
C GLN D 310 19.26 33.25 -31.48
N TRP D 311 19.31 33.20 -30.15
CA TRP D 311 18.44 33.98 -29.28
C TRP D 311 19.27 34.63 -28.19
N CYS D 312 18.75 35.74 -27.66
CA CYS D 312 19.44 36.47 -26.61
C CYS D 312 18.40 37.17 -25.73
N CYS D 313 18.70 37.25 -24.44
CA CYS D 313 17.90 38.00 -23.48
C CYS D 313 18.74 39.13 -22.89
N ARG D 314 18.05 40.09 -22.27
CA ARG D 314 18.72 41.28 -21.75
C ARG D 314 19.29 41.05 -20.36
N SER D 315 18.44 40.71 -19.39
CA SER D 315 18.90 40.49 -18.02
C SER D 315 18.25 39.27 -17.39
N CYS D 316 17.90 38.27 -18.21
CA CYS D 316 17.24 37.07 -17.72
C CYS D 316 18.26 36.16 -17.03
N THR D 317 17.83 34.97 -16.64
CA THR D 317 18.68 34.02 -15.94
C THR D 317 18.60 32.67 -16.66
N MET D 318 19.72 31.93 -16.64
CA MET D 318 19.76 30.64 -17.32
C MET D 318 19.50 29.51 -16.33
N PRO D 319 18.83 28.43 -16.77
CA PRO D 319 18.31 28.17 -18.12
C PRO D 319 17.08 29.01 -18.45
N PRO D 320 16.79 29.24 -19.72
CA PRO D 320 15.69 30.15 -20.07
C PRO D 320 14.33 29.49 -19.93
N LEU D 321 13.31 30.34 -19.81
CA LEU D 321 11.93 29.88 -19.71
C LEU D 321 11.47 29.31 -21.04
N ARG D 322 10.79 28.16 -20.98
CA ARG D 322 10.42 27.42 -22.18
C ARG D 322 9.01 26.87 -22.04
N PHE D 323 8.14 27.20 -23.01
CA PHE D 323 6.80 26.65 -23.09
C PHE D 323 6.76 25.54 -24.14
N LEU D 324 6.14 24.43 -23.79
CA LEU D 324 5.98 23.28 -24.68
C LEU D 324 4.51 23.04 -24.95
N GLY D 325 4.14 23.02 -26.23
CA GLY D 325 2.77 22.76 -26.62
C GLY D 325 2.66 21.79 -27.77
N GLU D 326 1.46 21.68 -28.36
CA GLU D 326 1.29 20.80 -29.51
C GLU D 326 1.89 21.40 -30.78
N ASP D 327 1.91 22.73 -30.89
CA ASP D 327 2.52 23.37 -32.05
C ASP D 327 4.03 23.13 -32.06
N GLY D 328 4.70 23.42 -30.96
CA GLY D 328 6.14 23.27 -30.89
C GLY D 328 6.71 23.75 -29.58
N CYS D 329 7.82 24.47 -29.64
CA CYS D 329 8.52 24.94 -28.45
C CYS D 329 8.56 26.46 -28.47
N TRP D 330 8.25 27.07 -27.32
CA TRP D 330 8.14 28.53 -27.20
C TRP D 330 9.09 29.05 -26.13
N TYR D 331 9.40 30.34 -26.23
CA TYR D 331 10.18 31.06 -25.24
C TYR D 331 9.33 32.11 -24.53
N GLY D 332 9.86 32.56 -23.39
CA GLY D 332 9.21 33.58 -22.60
C GLY D 332 9.31 34.96 -23.24
N MET D 333 8.69 35.92 -22.56
CA MET D 333 8.61 37.28 -23.09
C MET D 333 9.97 37.97 -23.12
N GLU D 334 10.93 37.52 -22.32
CA GLU D 334 12.24 38.17 -22.25
C GLU D 334 13.19 37.73 -23.35
N ILE D 335 13.21 36.46 -23.70
CA ILE D 335 14.14 35.97 -24.72
C ILE D 335 13.69 36.47 -26.08
N ARG D 336 14.63 37.07 -26.82
CA ARG D 336 14.33 37.68 -28.11
C ARG D 336 15.13 37.01 -29.21
N PRO D 337 14.61 37.02 -30.45
CA PRO D 337 15.38 36.43 -31.56
C PRO D 337 16.52 37.34 -31.98
N LEU D 338 17.60 36.72 -32.45
CA LEU D 338 18.79 37.46 -32.87
C LEU D 338 19.20 37.16 -34.30
N SER D 339 18.49 36.29 -35.01
CA SER D 339 18.92 35.85 -36.33
C SER D 339 17.82 35.80 -37.38
N GLU D 340 16.55 35.97 -37.03
CA GLU D 340 15.49 35.62 -37.97
C GLU D 340 14.38 36.68 -38.03
N LYS D 341 14.76 37.96 -37.97
CA LYS D 341 13.90 39.05 -38.46
C LYS D 341 12.51 39.01 -37.82
N GLU D 342 12.48 39.35 -36.53
CA GLU D 342 11.33 39.19 -35.65
C GLU D 342 10.00 39.54 -36.29
N GLU D 343 10.01 40.44 -37.29
CA GLU D 343 8.81 40.77 -38.06
C GLU D 343 8.36 39.63 -38.96
N ASN D 344 9.05 38.49 -38.94
CA ASN D 344 8.67 37.34 -39.75
C ASN D 344 8.53 36.07 -38.93
N MET D 345 8.04 36.16 -37.69
CA MET D 345 7.94 35.03 -36.80
C MET D 345 6.53 34.93 -36.23
N VAL D 346 6.17 33.73 -35.78
CA VAL D 346 4.85 33.49 -35.20
C VAL D 346 4.84 34.05 -33.78
N LYS D 347 3.88 34.93 -33.51
CA LYS D 347 3.74 35.57 -32.21
C LYS D 347 2.48 35.09 -31.53
N SER D 348 2.44 35.28 -30.21
CA SER D 348 1.29 34.83 -29.42
C SER D 348 0.04 35.61 -29.78
N GLN D 349 -1.08 34.89 -29.89
CA GLN D 349 -2.36 35.51 -30.22
C GLN D 349 -3.02 36.19 -29.03
N VAL D 350 -2.45 36.05 -27.83
CA VAL D 350 -2.96 36.78 -26.67
C VAL D 350 -2.83 38.28 -26.94
N SER D 351 -3.90 39.01 -26.66
CA SER D 351 -3.93 40.44 -26.95
C SER D 351 -2.85 41.17 -26.16
N ALA D 352 -2.08 41.99 -26.87
CA ALA D 352 -0.97 42.73 -26.25
C ALA D 352 -1.40 44.14 -25.85
N ASP E 1 14.18 -0.49 -5.61
CA ASP E 1 12.75 -0.75 -5.43
C ASP E 1 12.40 -0.88 -3.95
N THR E 2 12.08 0.25 -3.33
CA THR E 2 11.67 0.26 -1.93
C THR E 2 10.29 -0.35 -1.80
N GLY E 3 10.13 -1.28 -0.86
CA GLY E 3 8.86 -1.95 -0.69
C GLY E 3 8.99 -3.08 0.32
N CYS E 4 7.92 -3.84 0.44
CA CYS E 4 7.84 -4.97 1.36
C CYS E 4 7.42 -6.23 0.62
N ALA E 5 7.88 -7.37 1.11
CA ALA E 5 7.57 -8.65 0.49
C ALA E 5 7.44 -9.72 1.55
N VAL E 6 6.48 -10.63 1.36
CA VAL E 6 6.27 -11.77 2.24
C VAL E 6 7.10 -12.93 1.71
N SER E 7 7.83 -13.59 2.60
CA SER E 7 8.81 -14.58 2.21
C SER E 7 8.16 -15.77 1.50
N TRP E 8 9.01 -16.66 0.99
CA TRP E 8 8.52 -17.82 0.23
C TRP E 8 7.62 -18.70 1.09
N SER E 9 8.03 -18.95 2.33
CA SER E 9 7.25 -19.80 3.22
C SER E 9 6.00 -19.11 3.74
N GLY E 10 5.85 -17.81 3.54
CA GLY E 10 4.67 -17.10 3.99
C GLY E 10 4.63 -16.79 5.47
N LYS E 11 5.71 -17.10 6.20
CA LYS E 11 5.76 -16.91 7.64
C LYS E 11 6.55 -15.67 8.05
N GLU E 12 6.98 -14.85 7.08
CA GLU E 12 7.89 -13.76 7.37
C GLU E 12 7.49 -12.54 6.55
N LEU E 13 7.93 -11.37 7.00
CA LEU E 13 7.75 -10.12 6.26
C LEU E 13 9.05 -9.35 6.32
N LYS E 14 9.53 -8.88 5.17
CA LYS E 14 10.78 -8.15 5.09
C LYS E 14 10.62 -6.94 4.18
N CYS E 15 11.17 -5.80 4.61
CA CYS E 15 11.11 -4.56 3.86
C CYS E 15 12.52 -4.01 3.69
N GLY E 16 12.75 -3.34 2.57
CA GLY E 16 14.05 -2.78 2.28
C GLY E 16 14.11 -2.23 0.88
N SER E 17 15.33 -1.93 0.45
CA SER E 17 15.60 -1.39 -0.87
C SER E 17 16.46 -2.36 -1.65
N GLY E 18 16.12 -2.56 -2.93
CA GLY E 18 16.86 -3.47 -3.78
C GLY E 18 16.29 -3.57 -5.18
N ILE E 19 16.19 -4.79 -5.69
CA ILE E 19 15.63 -5.05 -7.02
C ILE E 19 14.59 -6.15 -6.88
N PHE E 20 13.36 -5.88 -7.34
CA PHE E 20 12.25 -6.79 -7.19
C PHE E 20 11.83 -7.27 -8.58
N VAL E 21 12.12 -8.53 -8.87
CA VAL E 21 11.85 -9.14 -10.17
C VAL E 21 10.51 -9.86 -10.07
N ILE E 22 9.57 -9.46 -10.92
CA ILE E 22 8.18 -9.89 -10.83
C ILE E 22 7.85 -10.85 -11.95
N ASP E 23 7.07 -11.87 -11.65
CA ASP E 23 6.54 -12.75 -12.68
C ASP E 23 5.48 -12.01 -13.49
N ASN E 24 5.80 -11.76 -14.77
CA ASN E 24 4.88 -11.09 -15.68
C ASN E 24 4.05 -12.08 -16.49
N VAL E 25 4.21 -13.38 -16.24
CA VAL E 25 3.48 -14.42 -16.96
C VAL E 25 2.14 -14.72 -16.29
N HIS E 26 2.13 -14.84 -14.96
CA HIS E 26 0.91 -15.08 -14.19
C HIS E 26 0.76 -13.91 -13.23
N THR E 27 0.17 -12.83 -13.71
CA THR E 27 0.11 -11.58 -12.97
C THR E 27 -1.29 -10.98 -13.02
N TRP E 28 -2.30 -11.81 -12.75
CA TRP E 28 -3.69 -11.37 -12.64
C TRP E 28 -4.19 -10.81 -13.96
N THR E 29 -3.70 -9.63 -14.33
CA THR E 29 -4.08 -8.96 -15.57
C THR E 29 -2.83 -8.51 -16.30
N GLU E 30 -3.02 -8.04 -17.54
CA GLU E 30 -1.90 -7.51 -18.29
C GLU E 30 -1.32 -6.30 -17.57
N GLN E 31 0.01 -6.25 -17.46
CA GLN E 31 0.69 -5.22 -16.70
C GLN E 31 1.43 -4.21 -17.55
N TYR E 32 1.73 -4.53 -18.81
CA TYR E 32 2.49 -3.62 -19.67
C TYR E 32 1.81 -3.53 -21.04
N LYS E 33 2.05 -2.42 -21.71
CA LYS E 33 1.39 -2.11 -22.97
C LYS E 33 2.32 -1.25 -23.81
N PHE E 34 2.55 -1.65 -25.05
CA PHE E 34 3.48 -0.94 -25.91
C PHE E 34 2.81 0.27 -26.54
N GLN E 35 3.59 1.33 -26.74
CA GLN E 35 3.12 2.56 -27.36
C GLN E 35 4.08 2.94 -28.48
N PRO E 36 3.60 3.02 -29.72
CA PRO E 36 4.47 3.37 -30.84
C PRO E 36 4.89 4.84 -30.79
N GLU E 37 5.67 5.24 -31.79
CA GLU E 37 6.23 6.59 -31.81
C GLU E 37 5.19 7.64 -32.19
N SER E 38 4.66 7.55 -33.41
CA SER E 38 3.70 8.52 -33.94
C SER E 38 3.14 8.01 -35.27
N PRO E 39 1.91 8.37 -35.62
CA PRO E 39 1.36 7.89 -36.90
C PRO E 39 2.15 8.31 -38.11
N ALA E 40 2.72 9.52 -38.09
CA ALA E 40 3.46 10.01 -39.25
C ALA E 40 4.74 9.22 -39.48
N ARG E 41 5.46 8.88 -38.40
CA ARG E 41 6.78 8.28 -38.56
C ARG E 41 6.68 6.83 -39.02
N LEU E 42 5.74 6.06 -38.46
CA LEU E 42 5.63 4.65 -38.85
C LEU E 42 5.23 4.50 -40.31
N ALA E 43 4.29 5.33 -40.77
CA ALA E 43 3.88 5.28 -42.18
C ALA E 43 5.04 5.66 -43.10
N SER E 44 5.80 6.69 -42.72
CA SER E 44 6.95 7.08 -43.52
C SER E 44 7.98 5.95 -43.57
N ALA E 45 8.22 5.30 -42.44
CA ALA E 45 9.15 4.18 -42.42
C ALA E 45 8.66 3.04 -43.30
N ILE E 46 7.35 2.77 -43.28
CA ILE E 46 6.79 1.70 -44.10
C ILE E 46 6.99 2.00 -45.59
N LEU E 47 6.72 3.25 -46.01
CA LEU E 47 6.95 3.62 -47.39
C LEU E 47 8.43 3.54 -47.76
N ASN E 48 9.32 4.03 -46.89
CA ASN E 48 10.74 3.97 -47.18
C ASN E 48 11.25 2.54 -47.28
N ALA E 49 10.71 1.62 -46.48
CA ALA E 49 11.10 0.22 -46.58
C ALA E 49 10.53 -0.44 -47.84
N HIS E 50 9.26 -0.16 -48.15
CA HIS E 50 8.67 -0.71 -49.36
C HIS E 50 9.37 -0.22 -50.62
N GLU E 51 9.89 1.01 -50.60
CA GLU E 51 10.69 1.51 -51.71
C GLU E 51 11.99 0.74 -51.90
N ASP E 52 12.43 0.01 -50.89
CA ASP E 52 13.67 -0.75 -50.97
C ASP E 52 13.46 -2.25 -51.17
N GLY E 53 12.32 -2.79 -50.78
CA GLY E 53 12.05 -4.19 -51.03
C GLY E 53 11.33 -4.93 -49.91
N VAL E 54 11.34 -4.36 -48.70
CA VAL E 54 10.69 -5.01 -47.57
C VAL E 54 9.19 -5.07 -47.80
N CYS E 55 8.62 -6.28 -47.66
CA CYS E 55 7.21 -6.51 -47.95
C CYS E 55 6.43 -7.02 -46.76
N GLY E 56 6.91 -6.79 -45.54
CA GLY E 56 6.18 -7.26 -44.38
C GLY E 56 6.94 -6.99 -43.10
N ILE E 57 6.37 -7.52 -42.01
CA ILE E 57 6.93 -7.37 -40.66
C ILE E 57 6.62 -8.64 -39.87
N ARG E 58 7.62 -9.14 -39.17
CA ARG E 58 7.45 -10.21 -38.19
C ARG E 58 7.60 -9.64 -36.80
N SER E 59 6.82 -10.15 -35.85
CA SER E 59 6.85 -9.64 -34.49
C SER E 59 7.90 -10.37 -33.65
N THR E 60 8.59 -9.61 -32.80
CA THR E 60 9.61 -10.15 -31.91
C THR E 60 9.03 -10.66 -30.60
N THR E 61 7.98 -10.03 -30.09
CA THR E 61 7.28 -10.46 -28.90
C THR E 61 5.78 -10.46 -29.17
N ARG E 62 5.00 -11.03 -28.25
CA ARG E 62 3.56 -11.04 -28.43
C ARG E 62 2.91 -9.75 -27.91
N LEU E 63 3.67 -8.91 -27.20
CA LEU E 63 3.17 -7.60 -26.80
C LEU E 63 3.34 -6.56 -27.90
N GLU E 64 4.08 -6.90 -28.96
CA GLU E 64 4.23 -6.03 -30.11
C GLU E 64 3.22 -6.36 -31.21
N ASN E 65 2.82 -7.63 -31.31
CA ASN E 65 1.75 -8.00 -32.23
C ASN E 65 0.44 -7.31 -31.86
N ILE E 66 0.14 -7.24 -30.55
CA ILE E 66 -1.05 -6.53 -30.11
C ILE E 66 -0.97 -5.06 -30.49
N MET E 67 0.20 -4.44 -30.31
CA MET E 67 0.36 -3.04 -30.68
C MET E 67 0.12 -2.85 -32.17
N TRP E 68 0.71 -3.71 -33.00
CA TRP E 68 0.52 -3.60 -34.45
C TRP E 68 -0.94 -3.76 -34.83
N LYS E 69 -1.61 -4.75 -34.25
CA LYS E 69 -3.02 -4.99 -34.54
C LYS E 69 -3.89 -3.82 -34.11
N GLN E 70 -3.52 -3.14 -33.02
CA GLN E 70 -4.33 -2.03 -32.53
C GLN E 70 -3.99 -0.69 -33.18
N ILE E 71 -2.85 -0.58 -33.87
CA ILE E 71 -2.53 0.65 -34.59
C ILE E 71 -2.58 0.48 -36.10
N THR E 72 -3.02 -0.68 -36.60
CA THR E 72 -3.07 -0.84 -38.06
C THR E 72 -4.20 -0.04 -38.74
N ASN E 73 -4.91 0.88 -38.10
CA ASN E 73 -5.97 1.64 -38.75
C ASN E 73 -5.56 3.08 -39.05
N GLU E 74 -4.95 3.76 -38.09
CA GLU E 74 -4.44 5.11 -38.35
C GLU E 74 -3.34 5.09 -39.41
N LEU E 75 -2.60 3.98 -39.50
CA LEU E 75 -1.62 3.84 -40.58
C LEU E 75 -2.32 3.88 -41.94
N ASN E 76 -3.40 3.11 -42.08
CA ASN E 76 -4.17 3.13 -43.32
C ASN E 76 -4.72 4.51 -43.60
N TYR E 77 -5.21 5.20 -42.56
CA TYR E 77 -5.73 6.55 -42.73
C TYR E 77 -4.67 7.49 -43.28
N VAL E 78 -3.47 7.46 -42.68
CA VAL E 78 -2.39 8.34 -43.12
C VAL E 78 -1.99 8.01 -44.55
N LEU E 79 -1.87 6.72 -44.86
CA LEU E 79 -1.46 6.33 -46.20
C LEU E 79 -2.47 6.76 -47.25
N TRP E 80 -3.76 6.61 -46.94
CA TRP E 80 -4.79 7.03 -47.88
C TRP E 80 -4.80 8.54 -48.07
N GLU E 81 -4.73 9.30 -46.99
CA GLU E 81 -4.78 10.75 -47.13
C GLU E 81 -3.50 11.34 -47.72
N GLY E 82 -2.39 10.59 -47.69
CA GLY E 82 -1.16 11.10 -48.27
C GLY E 82 -1.16 11.19 -49.78
N GLY E 83 -2.04 10.44 -50.44
CA GLY E 83 -2.13 10.42 -51.89
C GLY E 83 -1.58 9.15 -52.52
N HIS E 84 -0.45 8.66 -52.01
CA HIS E 84 0.11 7.40 -52.48
C HIS E 84 -0.75 6.24 -52.00
N ASP E 85 -0.65 5.11 -52.72
CA ASP E 85 -1.48 3.95 -52.43
C ASP E 85 -0.64 2.84 -51.82
N LEU E 86 -1.05 2.40 -50.63
CA LEU E 86 -0.44 1.24 -49.97
C LEU E 86 -1.34 0.84 -48.81
N THR E 87 -1.69 -0.43 -48.75
CA THR E 87 -2.55 -0.94 -47.67
C THR E 87 -1.75 -1.85 -46.75
N VAL E 88 -2.07 -1.76 -45.46
CA VAL E 88 -1.38 -2.53 -44.42
C VAL E 88 -2.41 -3.43 -43.75
N VAL E 89 -2.15 -4.73 -43.76
CA VAL E 89 -3.02 -5.72 -43.13
C VAL E 89 -2.24 -6.36 -41.99
N ALA E 90 -2.88 -6.49 -40.83
CA ALA E 90 -2.25 -7.04 -39.63
C ALA E 90 -2.90 -8.38 -39.33
N GLY E 91 -2.11 -9.45 -39.44
CA GLY E 91 -2.57 -10.79 -39.13
C GLY E 91 -2.28 -11.18 -37.69
N ASP E 92 -2.51 -12.46 -37.40
CA ASP E 92 -2.26 -13.03 -36.08
C ASP E 92 -0.93 -13.78 -36.11
N VAL E 93 -0.64 -14.47 -35.01
CA VAL E 93 0.59 -15.23 -34.85
C VAL E 93 0.25 -16.70 -34.60
N LYS E 94 0.98 -17.59 -35.26
CA LYS E 94 0.82 -19.02 -35.08
C LYS E 94 2.16 -19.61 -34.64
N GLY E 95 2.18 -20.26 -33.48
CA GLY E 95 3.36 -20.96 -33.04
C GLY E 95 4.53 -20.03 -32.77
N VAL E 96 5.67 -20.35 -33.37
CA VAL E 96 6.94 -19.69 -33.06
C VAL E 96 6.99 -18.32 -33.74
N LEU E 97 7.54 -17.35 -33.03
CA LEU E 97 7.81 -16.03 -33.59
C LEU E 97 9.03 -16.14 -34.50
N SER E 98 8.81 -16.45 -35.76
CA SER E 98 9.90 -16.69 -36.69
C SER E 98 10.71 -15.40 -36.90
N LYS E 99 11.83 -15.55 -37.60
CA LYS E 99 12.83 -14.50 -37.71
C LYS E 99 12.87 -13.97 -39.13
N GLY E 100 12.93 -12.64 -39.27
CA GLY E 100 13.10 -11.99 -40.56
C GLY E 100 14.54 -11.52 -40.77
N LYS E 101 14.78 -10.99 -41.97
CA LYS E 101 16.12 -10.60 -42.38
C LYS E 101 16.25 -9.12 -42.72
N ARG E 102 15.17 -8.35 -42.60
CA ARG E 102 15.19 -6.93 -42.95
C ARG E 102 14.87 -6.10 -41.71
N ALA E 103 14.75 -4.78 -41.91
CA ALA E 103 14.48 -3.87 -40.82
C ALA E 103 13.98 -2.55 -41.38
N LEU E 104 13.38 -1.74 -40.50
CA LEU E 104 12.88 -0.43 -40.89
C LEU E 104 13.80 0.65 -40.35
N ALA E 105 14.41 1.42 -41.24
CA ALA E 105 15.24 2.52 -40.77
C ALA E 105 14.38 3.73 -40.44
N PRO E 106 14.80 4.56 -39.50
CA PRO E 106 14.07 5.79 -39.19
C PRO E 106 13.97 6.69 -40.41
N PRO E 107 12.79 7.21 -40.73
CA PRO E 107 12.66 8.07 -41.90
C PRO E 107 13.39 9.38 -41.72
N VAL E 108 13.90 9.91 -42.83
CA VAL E 108 14.58 11.19 -42.85
C VAL E 108 13.60 12.35 -43.01
N ASN E 109 12.57 12.16 -43.83
CA ASN E 109 11.47 13.11 -43.95
C ASN E 109 10.27 12.57 -43.19
N ASP E 110 9.13 13.26 -43.31
CA ASP E 110 7.92 12.82 -42.63
C ASP E 110 6.71 13.25 -43.45
N LEU E 111 5.59 12.57 -43.20
CA LEU E 111 4.33 12.88 -43.85
C LEU E 111 3.52 13.83 -42.99
N LYS E 112 2.80 14.75 -43.64
CA LYS E 112 2.02 15.74 -42.91
C LYS E 112 0.89 15.09 -42.12
N TYR E 113 0.70 15.56 -40.89
CA TYR E 113 -0.35 15.06 -40.02
C TYR E 113 -0.65 16.14 -38.98
N SER E 114 -1.87 16.08 -38.43
CA SER E 114 -2.32 17.06 -37.46
C SER E 114 -2.49 16.48 -36.06
N TRP E 115 -2.03 15.26 -35.81
CA TRP E 115 -2.13 14.63 -34.50
C TRP E 115 -0.82 13.95 -34.14
N LYS E 116 -0.39 14.15 -32.91
CA LYS E 116 0.75 13.43 -32.35
C LYS E 116 0.34 12.19 -31.58
N THR E 117 -0.95 11.88 -31.52
CA THR E 117 -1.45 10.74 -30.77
C THR E 117 -2.25 9.80 -31.67
N TRP E 118 -2.85 8.77 -31.08
CA TRP E 118 -3.59 7.75 -31.81
C TRP E 118 -5.03 7.67 -31.31
N GLY E 119 -5.96 7.45 -32.24
CA GLY E 119 -7.34 7.23 -31.88
C GLY E 119 -8.30 8.30 -32.36
N LYS E 120 -7.99 8.93 -33.50
CA LYS E 120 -8.83 10.00 -34.02
C LYS E 120 -8.78 9.99 -35.54
N ALA E 121 -9.82 10.59 -36.15
CA ALA E 121 -9.86 10.90 -37.58
C ALA E 121 -9.69 9.64 -38.43
N LYS E 122 -10.70 8.78 -38.36
CA LYS E 122 -10.72 7.54 -39.14
C LYS E 122 -12.16 7.25 -39.57
N ILE E 123 -12.33 6.81 -40.82
CA ILE E 123 -13.67 6.44 -41.25
C ILE E 123 -13.74 4.94 -41.57
N PHE E 124 -13.14 4.51 -42.68
CA PHE E 124 -12.91 3.08 -42.88
C PHE E 124 -11.62 2.82 -43.65
N THR E 125 -11.11 3.84 -44.33
CA THR E 125 -10.03 3.73 -45.32
C THR E 125 -10.32 2.61 -46.33
N PRO E 126 -11.29 2.78 -47.25
CA PRO E 126 -11.62 1.71 -48.21
C PRO E 126 -10.69 1.72 -49.44
N GLU E 127 -9.40 1.50 -49.21
CA GLU E 127 -8.43 1.51 -50.30
C GLU E 127 -7.38 0.43 -50.05
N ALA E 128 -7.36 -0.60 -50.92
CA ALA E 128 -6.33 -1.63 -50.87
C ALA E 128 -5.47 -1.63 -52.11
N LYS E 129 -6.05 -1.82 -53.30
CA LYS E 129 -5.33 -1.77 -54.58
C LYS E 129 -4.10 -2.67 -54.57
N ASN E 130 -4.26 -3.87 -53.99
CA ASN E 130 -3.30 -4.98 -54.06
C ASN E 130 -1.87 -4.59 -53.67
N SER E 131 -1.71 -3.45 -53.01
CA SER E 131 -0.41 -2.99 -52.50
C SER E 131 -0.40 -3.30 -51.00
N THR E 132 -0.11 -4.57 -50.68
CA THR E 132 -0.28 -5.09 -49.33
C THR E 132 1.04 -5.10 -48.58
N PHE E 133 0.99 -4.76 -47.29
CA PHE E 133 2.13 -4.84 -46.38
C PHE E 133 1.71 -5.74 -45.23
N LEU E 134 1.92 -7.05 -45.40
CA LEU E 134 1.42 -8.05 -44.46
C LEU E 134 2.20 -7.96 -43.15
N ILE E 135 1.48 -7.89 -42.03
CA ILE E 135 2.07 -7.92 -40.71
C ILE E 135 1.70 -9.25 -40.07
N ASP E 136 2.71 -10.05 -39.75
CA ASP E 136 2.55 -11.39 -39.15
C ASP E 136 1.69 -12.23 -40.10
N GLY E 137 0.77 -13.04 -39.59
CA GLY E 137 -0.04 -13.88 -40.43
C GLY E 137 0.55 -15.28 -40.58
N PRO E 138 0.17 -15.96 -41.65
CA PRO E 138 0.70 -17.31 -41.89
C PRO E 138 1.99 -17.27 -42.71
N ASP E 139 2.55 -18.45 -42.91
CA ASP E 139 3.79 -18.60 -43.69
C ASP E 139 3.41 -18.71 -45.17
N THR E 140 3.49 -17.59 -45.87
CA THR E 140 3.18 -17.55 -47.29
C THR E 140 4.47 -17.57 -48.10
N SER E 141 4.36 -17.57 -49.43
CA SER E 141 5.53 -17.54 -50.30
C SER E 141 5.59 -16.32 -51.19
N GLU E 142 4.52 -15.50 -51.24
CA GLU E 142 4.58 -14.25 -51.98
C GLU E 142 5.59 -13.29 -51.35
N CYS E 143 5.63 -13.23 -50.02
CA CYS E 143 6.60 -12.42 -49.29
C CYS E 143 7.24 -13.33 -48.24
N PRO E 144 8.32 -14.02 -48.61
CA PRO E 144 8.95 -14.96 -47.67
C PRO E 144 9.68 -14.23 -46.55
N ASN E 145 10.17 -15.01 -45.60
CA ASN E 145 10.88 -14.46 -44.45
C ASN E 145 12.20 -13.81 -44.86
N GLU E 146 12.73 -14.13 -46.04
CA GLU E 146 13.98 -13.54 -46.51
C GLU E 146 13.85 -12.06 -46.86
N ARG E 147 12.64 -11.56 -47.02
CA ARG E 147 12.40 -10.19 -47.46
C ARG E 147 11.40 -9.50 -46.55
N ARG E 148 11.58 -9.64 -45.23
CA ARG E 148 10.57 -9.22 -44.27
C ARG E 148 11.25 -8.74 -43.00
N ALA E 149 10.84 -7.57 -42.52
CA ALA E 149 11.51 -6.90 -41.41
C ALA E 149 11.23 -7.62 -40.09
N TRP E 150 12.14 -7.41 -39.13
CA TRP E 150 12.08 -8.09 -37.85
C TRP E 150 13.06 -7.43 -36.88
N ASN E 151 12.60 -7.22 -35.63
CA ASN E 151 13.43 -6.76 -34.52
C ASN E 151 14.08 -5.40 -34.82
N PHE E 152 13.21 -4.40 -34.94
CA PHE E 152 13.68 -3.03 -35.21
C PHE E 152 13.21 -2.03 -34.16
N LEU E 153 12.51 -2.46 -33.10
CA LEU E 153 12.00 -1.57 -32.08
C LEU E 153 12.73 -1.81 -30.76
N GLU E 154 12.91 -0.73 -29.99
CA GLU E 154 13.52 -0.81 -28.68
C GLU E 154 12.84 0.19 -27.75
N VAL E 155 12.99 -0.06 -26.46
CA VAL E 155 12.32 0.73 -25.43
C VAL E 155 13.01 2.08 -25.29
N GLU E 156 12.21 3.15 -25.22
CA GLU E 156 12.72 4.48 -24.94
C GLU E 156 12.71 4.77 -23.44
N ASP E 157 11.55 4.59 -22.80
CA ASP E 157 11.44 4.74 -21.35
C ASP E 157 10.13 4.08 -20.92
N TYR E 158 9.98 3.94 -19.60
CA TYR E 158 8.77 3.37 -19.03
C TYR E 158 7.79 4.47 -18.63
N GLY E 159 6.54 4.08 -18.46
CA GLY E 159 5.47 4.99 -18.09
C GLY E 159 5.25 5.04 -16.59
N PHE E 160 4.06 5.49 -16.20
CA PHE E 160 3.67 5.58 -14.80
C PHE E 160 2.34 4.86 -14.60
N GLY E 161 2.15 4.30 -13.41
CA GLY E 161 0.92 3.63 -13.08
C GLY E 161 1.08 2.54 -12.04
N MET E 162 0.00 1.81 -11.79
CA MET E 162 0.00 0.72 -10.83
C MET E 162 -0.46 -0.61 -11.43
N PHE E 163 -1.46 -0.58 -12.31
CA PHE E 163 -2.00 -1.80 -12.91
C PHE E 163 -1.56 -1.99 -14.35
N THR E 164 -1.71 -0.97 -15.19
CA THR E 164 -1.26 -1.03 -16.58
C THR E 164 -0.34 0.15 -16.84
N THR E 165 0.86 -0.15 -17.34
CA THR E 165 1.88 0.85 -17.58
C THR E 165 2.27 0.83 -19.05
N ASN E 166 2.47 2.01 -19.62
CA ASN E 166 2.87 2.14 -21.01
C ASN E 166 4.37 2.03 -21.15
N ILE E 167 4.82 1.35 -22.19
CA ILE E 167 6.22 1.27 -22.56
C ILE E 167 6.39 1.99 -23.89
N TRP E 168 7.24 3.02 -23.90
CA TRP E 168 7.37 3.88 -25.07
C TRP E 168 8.48 3.33 -25.95
N MET E 169 8.13 2.94 -27.17
CA MET E 169 9.07 2.32 -28.10
C MET E 169 9.63 3.35 -29.07
N LYS E 170 10.72 2.97 -29.74
CA LYS E 170 11.34 3.81 -30.73
C LYS E 170 12.18 2.94 -31.67
N PHE E 171 12.66 3.54 -32.74
CA PHE E 171 13.37 2.80 -33.77
C PHE E 171 14.82 2.55 -33.37
N ARG E 172 15.29 1.33 -33.58
CA ARG E 172 16.68 1.00 -33.38
C ARG E 172 17.55 1.68 -34.42
N GLU E 173 18.82 1.88 -34.08
CA GLU E 173 19.77 2.53 -34.98
C GLU E 173 20.49 1.53 -35.89
N GLY E 174 20.78 0.33 -35.40
CA GLY E 174 21.46 -0.66 -36.20
C GLY E 174 20.83 -2.03 -36.02
N SER E 175 21.09 -2.90 -37.00
CA SER E 175 20.55 -4.25 -36.97
C SER E 175 21.24 -5.08 -35.90
N SER E 176 20.48 -5.98 -35.28
CA SER E 176 21.03 -6.87 -34.26
C SER E 176 20.10 -8.07 -34.12
N GLU E 177 20.69 -9.21 -33.73
CA GLU E 177 19.94 -10.44 -33.52
C GLU E 177 19.67 -10.72 -32.05
N VAL E 178 19.96 -9.76 -31.17
CA VAL E 178 19.80 -9.93 -29.73
C VAL E 178 18.49 -9.30 -29.30
N CYS E 179 17.84 -9.91 -28.31
CA CYS E 179 16.61 -9.35 -27.79
C CYS E 179 16.89 -8.03 -27.08
N ASP E 180 15.83 -7.23 -26.90
CA ASP E 180 15.98 -5.95 -26.24
C ASP E 180 16.28 -6.16 -24.77
N HIS E 181 17.47 -5.76 -24.34
CA HIS E 181 17.91 -6.01 -22.97
C HIS E 181 17.12 -5.23 -21.94
N ARG E 182 16.35 -4.22 -22.36
CA ARG E 182 15.67 -3.34 -21.43
C ARG E 182 14.32 -3.90 -20.96
N LEU E 183 13.95 -5.10 -21.42
CA LEU E 183 12.71 -5.76 -21.00
C LEU E 183 12.98 -7.05 -20.24
N MET E 184 14.21 -7.27 -19.78
CA MET E 184 14.61 -8.55 -19.23
C MET E 184 15.09 -8.40 -17.79
N SER E 185 15.18 -9.54 -17.11
CA SER E 185 15.56 -9.57 -15.70
C SER E 185 16.26 -10.89 -15.41
N ALA E 186 16.87 -10.96 -14.23
CA ALA E 186 17.53 -12.13 -13.71
C ALA E 186 17.84 -11.90 -12.24
N ALA E 187 17.67 -12.92 -11.41
CA ALA E 187 17.85 -12.76 -9.98
C ALA E 187 18.12 -14.12 -9.34
N ILE E 188 19.03 -14.10 -8.37
CA ILE E 188 19.35 -15.29 -7.57
C ILE E 188 19.46 -14.87 -6.12
N LYS E 189 18.91 -15.69 -5.23
CA LYS E 189 19.00 -15.44 -3.80
C LYS E 189 18.97 -16.78 -3.08
N ASP E 190 20.00 -17.04 -2.27
CA ASP E 190 20.14 -18.30 -1.54
C ASP E 190 20.25 -19.46 -2.53
N GLN E 191 19.17 -20.19 -2.73
CA GLN E 191 19.16 -21.33 -3.64
C GLN E 191 17.94 -21.31 -4.57
N LYS E 192 17.60 -20.14 -5.11
CA LYS E 192 16.53 -19.98 -6.07
C LYS E 192 16.94 -18.96 -7.12
N ALA E 193 17.06 -19.40 -8.37
CA ALA E 193 17.39 -18.51 -9.48
C ALA E 193 16.16 -18.37 -10.38
N VAL E 194 16.24 -17.40 -11.29
CA VAL E 194 15.16 -17.15 -12.24
C VAL E 194 15.71 -16.28 -13.36
N HIS E 195 15.18 -16.49 -14.56
CA HIS E 195 15.51 -15.68 -15.74
C HIS E 195 14.18 -15.21 -16.33
N ALA E 196 13.75 -14.02 -15.96
CA ALA E 196 12.43 -13.53 -16.31
C ALA E 196 12.45 -12.73 -17.61
N ASP E 197 11.26 -12.46 -18.11
CA ASP E 197 11.06 -11.76 -19.38
C ASP E 197 9.59 -11.36 -19.45
N MET E 198 9.21 -10.77 -20.59
CA MET E 198 7.82 -10.39 -20.78
C MET E 198 6.95 -11.61 -21.09
N GLY E 199 7.55 -12.71 -21.54
CA GLY E 199 6.81 -13.92 -21.84
C GLY E 199 7.50 -15.18 -21.34
N TYR E 200 8.69 -15.02 -20.76
CA TYR E 200 9.47 -16.14 -20.25
C TYR E 200 9.55 -16.06 -18.74
N TRP E 201 9.50 -17.22 -18.10
CA TRP E 201 9.75 -17.30 -16.65
C TRP E 201 10.40 -18.66 -16.40
N ILE E 202 11.72 -18.67 -16.40
CA ILE E 202 12.52 -19.89 -16.29
C ILE E 202 13.07 -19.95 -14.87
N GLU E 203 12.75 -21.02 -14.16
CA GLU E 203 13.13 -21.16 -12.75
C GLU E 203 14.16 -22.27 -12.58
N SER E 204 15.10 -22.03 -11.67
CA SER E 204 16.10 -23.02 -11.33
C SER E 204 16.20 -23.09 -9.81
N SER E 205 16.84 -24.16 -9.33
CA SER E 205 16.96 -24.38 -7.89
C SER E 205 18.09 -25.36 -7.65
N LYS E 206 18.52 -25.44 -6.40
CA LYS E 206 19.58 -26.34 -5.98
C LYS E 206 19.03 -27.42 -5.06
N ASN E 207 19.19 -28.67 -5.47
CA ASN E 207 18.97 -29.85 -4.64
C ASN E 207 20.13 -30.79 -4.96
N GLN E 208 21.24 -30.60 -4.25
CA GLN E 208 22.50 -31.30 -4.44
C GLN E 208 23.20 -30.86 -5.72
N THR E 209 22.53 -30.06 -6.54
CA THR E 209 23.05 -29.63 -7.83
C THR E 209 22.14 -28.53 -8.38
N TRP E 210 22.74 -27.60 -9.11
CA TRP E 210 22.01 -26.49 -9.73
C TRP E 210 21.53 -26.95 -11.10
N GLN E 211 20.20 -27.03 -11.27
CA GLN E 211 19.63 -27.42 -12.55
C GLN E 211 18.23 -26.84 -12.68
N ILE E 212 17.78 -26.73 -13.93
CA ILE E 212 16.46 -26.16 -14.19
C ILE E 212 15.38 -27.06 -13.58
N GLU E 213 14.29 -26.43 -13.13
CA GLU E 213 13.24 -27.17 -12.45
C GLU E 213 11.86 -26.88 -13.03
N LYS E 214 11.68 -25.73 -13.68
CA LYS E 214 10.38 -25.35 -14.19
C LYS E 214 10.52 -24.18 -15.15
N ALA E 215 9.80 -24.24 -16.27
CA ALA E 215 9.72 -23.15 -17.23
C ALA E 215 8.27 -22.90 -17.60
N SER E 216 7.98 -21.67 -18.01
CA SER E 216 6.61 -21.26 -18.34
C SER E 216 6.67 -20.25 -19.47
N LEU E 217 6.49 -20.72 -20.70
CA LEU E 217 6.55 -19.88 -21.88
C LEU E 217 5.15 -19.62 -22.41
N ILE E 218 4.81 -18.36 -22.61
CA ILE E 218 3.60 -17.97 -23.33
C ILE E 218 3.89 -17.52 -24.74
N GLU E 219 5.14 -17.60 -25.18
CA GLU E 219 5.54 -17.32 -26.54
C GLU E 219 6.89 -17.99 -26.77
N VAL E 220 7.22 -18.19 -28.04
CA VAL E 220 8.49 -18.81 -28.43
C VAL E 220 9.20 -17.82 -29.34
N LYS E 221 10.17 -17.09 -28.79
CA LYS E 221 10.93 -16.11 -29.54
C LYS E 221 12.09 -16.79 -30.27
N THR E 222 12.78 -16.03 -31.11
CA THR E 222 13.95 -16.53 -31.80
C THR E 222 15.15 -15.60 -31.72
N CYS E 223 15.10 -14.53 -30.93
CA CYS E 223 16.26 -13.69 -30.73
C CYS E 223 17.20 -14.34 -29.72
N LEU E 224 18.28 -13.63 -29.38
CA LEU E 224 19.29 -14.16 -28.48
C LEU E 224 19.22 -13.48 -27.13
N TRP E 225 19.26 -14.27 -26.07
CA TRP E 225 19.27 -13.73 -24.72
C TRP E 225 20.60 -13.02 -24.47
N PRO E 226 20.61 -11.74 -24.16
CA PRO E 226 21.87 -11.05 -23.90
C PRO E 226 22.59 -11.64 -22.71
N LYS E 227 23.92 -11.71 -22.80
CA LYS E 227 24.72 -12.29 -21.73
C LYS E 227 24.92 -11.33 -20.56
N THR E 228 24.58 -10.06 -20.72
CA THR E 228 24.63 -9.13 -19.59
C THR E 228 23.53 -9.40 -18.57
N HIS E 229 22.51 -10.17 -18.94
CA HIS E 229 21.40 -10.50 -18.06
C HIS E 229 21.36 -11.98 -17.73
N THR E 230 22.50 -12.65 -17.80
CA THR E 230 22.58 -14.10 -17.65
C THR E 230 23.47 -14.45 -16.46
N LEU E 231 22.93 -15.25 -15.55
CA LEU E 231 23.67 -15.77 -14.41
C LEU E 231 24.52 -16.96 -14.81
N TRP E 232 25.77 -16.97 -14.38
CA TRP E 232 26.65 -18.13 -14.52
C TRP E 232 26.82 -18.52 -15.99
N SER E 233 27.37 -17.58 -16.76
CA SER E 233 27.46 -17.71 -18.22
C SER E 233 28.87 -18.07 -18.68
N ASN E 234 29.61 -18.86 -17.92
CA ASN E 234 30.94 -19.29 -18.32
C ASN E 234 31.00 -20.81 -18.40
N GLY E 235 31.83 -21.30 -19.31
CA GLY E 235 31.97 -22.73 -19.50
C GLY E 235 30.70 -23.42 -19.93
N VAL E 236 29.89 -22.76 -20.75
CA VAL E 236 28.60 -23.26 -21.20
C VAL E 236 28.77 -23.89 -22.57
N LEU E 237 28.27 -25.11 -22.72
CA LEU E 237 28.23 -25.78 -24.02
C LEU E 237 26.84 -25.62 -24.62
N GLU E 238 26.78 -25.24 -25.90
CA GLU E 238 25.50 -25.08 -26.57
C GLU E 238 24.77 -26.41 -26.75
N SER E 239 25.46 -27.53 -26.54
CA SER E 239 24.87 -28.85 -26.71
C SER E 239 24.18 -29.36 -25.45
N GLN E 240 24.15 -28.58 -24.37
CA GLN E 240 23.53 -29.01 -23.14
C GLN E 240 22.49 -28.04 -22.59
N MET E 241 22.29 -26.89 -23.24
CA MET E 241 21.24 -25.97 -22.82
C MET E 241 19.88 -26.59 -23.11
N LEU E 242 19.09 -26.80 -22.04
CA LEU E 242 17.82 -27.50 -22.20
C LEU E 242 16.89 -26.74 -23.12
N ILE E 243 16.79 -25.41 -22.95
CA ILE E 243 16.09 -24.55 -23.88
C ILE E 243 17.11 -24.07 -24.92
N PRO E 244 16.94 -24.38 -26.20
CA PRO E 244 18.01 -24.13 -27.16
C PRO E 244 18.34 -22.65 -27.31
N LYS E 245 19.56 -22.37 -27.78
CA LYS E 245 20.00 -21.00 -27.99
C LYS E 245 19.17 -20.30 -29.05
N ALA E 246 18.67 -21.05 -30.03
CA ALA E 246 17.90 -20.46 -31.13
C ALA E 246 16.53 -19.97 -30.70
N TYR E 247 16.07 -20.32 -29.50
CA TYR E 247 14.75 -19.96 -29.01
C TYR E 247 14.81 -19.05 -27.79
N ALA E 248 15.80 -18.14 -27.78
CA ALA E 248 15.99 -17.18 -26.71
C ALA E 248 16.15 -17.86 -25.35
N GLY E 249 16.84 -19.00 -25.34
CA GLY E 249 17.18 -19.67 -24.11
C GLY E 249 18.44 -19.09 -23.52
N PRO E 250 18.46 -18.89 -22.20
CA PRO E 250 19.63 -18.27 -21.56
C PRO E 250 20.89 -19.08 -21.79
N PHE E 251 22.00 -18.37 -22.00
CA PHE E 251 23.31 -18.99 -22.20
C PHE E 251 23.97 -19.22 -20.84
N SER E 252 23.29 -20.02 -20.02
CA SER E 252 23.63 -20.17 -18.62
C SER E 252 23.75 -21.63 -18.26
N GLN E 253 24.48 -21.90 -17.18
CA GLN E 253 24.56 -23.24 -16.63
C GLN E 253 23.40 -23.56 -15.69
N HIS E 254 22.53 -22.58 -15.41
CA HIS E 254 21.26 -22.87 -14.78
C HIS E 254 20.24 -23.40 -15.77
N ASN E 255 20.53 -23.29 -17.07
CA ASN E 255 19.68 -23.82 -18.12
C ASN E 255 20.15 -25.23 -18.49
N TYR E 256 20.12 -26.10 -17.48
CA TYR E 256 20.73 -27.41 -17.60
C TYR E 256 19.94 -28.42 -16.79
N ARG E 257 19.98 -29.67 -17.24
CA ARG E 257 19.37 -30.78 -16.53
C ARG E 257 20.22 -32.02 -16.75
N GLN E 258 20.33 -32.86 -15.73
CA GLN E 258 21.19 -34.04 -15.81
C GLN E 258 20.55 -35.11 -16.69
N GLY E 259 21.34 -35.65 -17.61
CA GLY E 259 20.90 -36.73 -18.47
C GLY E 259 20.25 -36.29 -19.76
N TYR E 260 20.00 -35.00 -19.94
CA TYR E 260 19.35 -34.48 -21.13
C TYR E 260 20.32 -33.61 -21.93
N ALA E 261 19.89 -33.20 -23.10
CA ALA E 261 20.65 -32.33 -23.99
C ALA E 261 19.72 -31.24 -24.54
N THR E 262 20.22 -30.50 -25.53
CA THR E 262 19.43 -29.44 -26.13
C THR E 262 18.25 -30.02 -26.90
N GLN E 263 17.07 -29.44 -26.68
CA GLN E 263 15.83 -29.94 -27.29
C GLN E 263 15.49 -29.11 -28.53
N THR E 264 16.30 -29.32 -29.58
CA THR E 264 16.12 -28.57 -30.81
C THR E 264 14.87 -28.98 -31.58
N VAL E 265 14.34 -30.19 -31.34
CA VAL E 265 13.24 -30.71 -32.14
C VAL E 265 12.05 -30.96 -31.21
N GLY E 266 11.94 -30.15 -30.16
CA GLY E 266 10.83 -30.27 -29.24
C GLY E 266 9.58 -29.62 -29.80
N PRO E 267 8.50 -29.69 -29.01
CA PRO E 267 7.22 -29.11 -29.45
C PRO E 267 7.21 -27.59 -29.34
N TRP E 268 8.07 -26.92 -30.10
CA TRP E 268 8.19 -25.48 -30.07
C TRP E 268 7.20 -24.79 -31.00
N HIS E 269 6.36 -25.55 -31.70
CA HIS E 269 5.40 -25.01 -32.66
C HIS E 269 4.06 -24.66 -32.01
N LEU E 270 3.91 -24.93 -30.72
CA LEU E 270 2.64 -24.73 -30.04
C LEU E 270 2.43 -23.31 -29.55
N GLY E 271 3.50 -22.52 -29.42
CA GLY E 271 3.38 -21.22 -28.80
C GLY E 271 3.52 -21.31 -27.29
N LYS E 272 2.39 -21.29 -26.59
CA LYS E 272 2.41 -21.45 -25.14
C LYS E 272 2.93 -22.84 -24.77
N LEU E 273 3.65 -22.90 -23.65
CA LEU E 273 4.19 -24.15 -23.14
C LEU E 273 4.32 -24.06 -21.62
N GLU E 274 4.43 -25.22 -20.99
CA GLU E 274 4.66 -25.33 -19.54
C GLU E 274 5.60 -26.53 -19.34
N ILE E 275 6.90 -26.23 -19.27
CA ILE E 275 7.91 -27.27 -19.11
C ILE E 275 7.90 -27.72 -17.65
N ASP E 276 7.71 -29.01 -17.42
CA ASP E 276 7.72 -29.58 -16.08
C ASP E 276 8.44 -30.91 -16.13
N PHE E 277 8.74 -31.46 -14.96
CA PHE E 277 9.43 -32.73 -14.85
C PHE E 277 8.55 -33.68 -14.06
N GLY E 278 7.86 -34.55 -14.77
CA GLY E 278 6.93 -35.47 -14.14
C GLY E 278 6.33 -36.40 -15.18
N GLU E 279 5.22 -37.02 -14.82
CA GLU E 279 4.55 -38.00 -15.67
C GLU E 279 3.24 -37.43 -16.20
N CYS E 280 3.00 -37.61 -17.49
CA CYS E 280 1.68 -37.32 -18.04
C CYS E 280 0.68 -38.33 -17.45
N PRO E 281 -0.62 -37.98 -17.43
CA PRO E 281 -1.59 -38.84 -16.73
C PRO E 281 -1.61 -40.30 -17.17
N GLY E 282 -1.37 -41.21 -16.24
CA GLY E 282 -1.44 -42.63 -16.49
C GLY E 282 -0.38 -43.17 -17.44
N THR E 283 0.88 -42.81 -17.23
CA THR E 283 1.92 -43.24 -18.14
C THR E 283 3.16 -43.60 -17.32
N THR E 284 3.90 -44.61 -17.80
CA THR E 284 5.06 -45.14 -17.10
C THR E 284 6.30 -45.04 -17.98
N VAL E 285 7.42 -44.64 -17.37
CA VAL E 285 8.70 -44.51 -18.04
C VAL E 285 9.76 -45.28 -17.27
N THR E 286 10.58 -46.05 -17.96
CA THR E 286 11.68 -46.80 -17.37
C THR E 286 12.96 -46.54 -18.17
N ILE E 287 14.09 -46.90 -17.57
CA ILE E 287 15.40 -46.75 -18.20
C ILE E 287 15.86 -48.12 -18.68
N GLN E 288 16.10 -48.23 -19.98
CA GLN E 288 16.56 -49.47 -20.58
C GLN E 288 17.76 -49.20 -21.48
N GLU E 289 18.75 -50.10 -21.45
CA GLU E 289 19.96 -49.92 -22.23
C GLU E 289 19.76 -50.18 -23.72
N ASP E 290 18.76 -50.97 -24.09
CA ASP E 290 18.55 -51.35 -25.48
C ASP E 290 17.60 -50.41 -26.22
N CYS E 291 17.23 -49.29 -25.61
CA CYS E 291 16.38 -48.32 -26.28
C CYS E 291 17.10 -47.74 -27.49
N ASP E 292 16.30 -47.30 -28.47
CA ASP E 292 16.83 -46.73 -29.70
C ASP E 292 17.47 -45.38 -29.40
N HIS E 293 17.98 -44.73 -30.45
CA HIS E 293 18.71 -43.48 -30.28
C HIS E 293 17.72 -42.33 -30.11
N ARG E 294 18.23 -41.10 -30.16
CA ARG E 294 17.41 -39.92 -29.97
C ARG E 294 16.38 -39.79 -31.09
N GLY E 295 15.36 -38.97 -30.84
CA GLY E 295 14.30 -38.77 -31.79
C GLY E 295 13.44 -37.57 -31.46
N PRO E 296 12.63 -37.13 -32.42
CA PRO E 296 11.78 -35.96 -32.22
C PRO E 296 10.72 -36.20 -31.14
N SER E 297 10.26 -35.11 -30.54
CA SER E 297 9.25 -35.17 -29.50
C SER E 297 7.92 -35.66 -30.07
N LEU E 298 7.20 -36.43 -29.25
CA LEU E 298 5.94 -37.03 -29.66
C LEU E 298 4.87 -36.77 -28.60
N ARG E 299 3.61 -36.71 -29.05
CA ARG E 299 2.50 -36.59 -28.11
C ARG E 299 2.10 -37.96 -27.58
N THR E 300 1.51 -37.97 -26.38
CA THR E 300 1.11 -39.23 -25.77
C THR E 300 -0.10 -39.84 -26.45
N THR E 301 -1.02 -39.01 -26.96
CA THR E 301 -2.27 -39.49 -27.53
C THR E 301 -2.25 -39.35 -29.04
N THR E 302 -2.63 -40.42 -29.74
CA THR E 302 -2.74 -40.38 -31.19
C THR E 302 -3.95 -39.56 -31.59
N ALA E 303 -3.97 -39.12 -32.86
CA ALA E 303 -5.09 -38.33 -33.37
C ALA E 303 -6.42 -39.04 -33.18
N SER E 304 -6.43 -40.38 -33.25
CA SER E 304 -7.63 -41.12 -32.93
C SER E 304 -7.98 -41.03 -31.45
N GLY E 305 -6.97 -41.02 -30.58
CA GLY E 305 -7.19 -40.96 -29.14
C GLY E 305 -6.59 -42.14 -28.41
N LYS E 306 -5.58 -42.77 -29.02
CA LYS E 306 -4.95 -43.95 -28.44
C LYS E 306 -3.80 -43.49 -27.54
N LEU E 307 -3.94 -43.71 -26.24
CA LEU E 307 -2.97 -43.24 -25.26
C LEU E 307 -1.89 -44.28 -25.08
N VAL E 308 -0.68 -43.99 -25.57
CA VAL E 308 0.46 -44.88 -25.35
C VAL E 308 0.81 -44.90 -23.87
N THR E 309 1.13 -46.09 -23.37
CA THR E 309 1.40 -46.27 -21.94
C THR E 309 2.83 -46.68 -21.64
N GLN E 310 3.54 -47.29 -22.60
CA GLN E 310 4.90 -47.77 -22.39
C GLN E 310 5.88 -46.83 -23.07
N TRP E 311 6.81 -46.29 -22.29
CA TRP E 311 7.90 -45.46 -22.78
C TRP E 311 9.20 -45.89 -22.13
N CYS E 312 10.31 -45.53 -22.77
CA CYS E 312 11.63 -45.87 -22.25
C CYS E 312 12.64 -44.82 -22.70
N CYS E 313 13.64 -44.59 -21.86
CA CYS E 313 14.74 -43.68 -22.16
C CYS E 313 16.05 -44.39 -21.90
N ARG E 314 17.05 -44.09 -22.73
CA ARG E 314 18.32 -44.80 -22.67
C ARG E 314 19.24 -44.28 -21.57
N SER E 315 19.26 -42.97 -21.34
CA SER E 315 20.18 -42.40 -20.37
C SER E 315 19.56 -41.29 -19.52
N CYS E 316 18.27 -41.03 -19.64
CA CYS E 316 17.66 -39.96 -18.87
C CYS E 316 17.54 -40.35 -17.40
N THR E 317 17.12 -39.38 -16.58
CA THR E 317 16.90 -39.59 -15.15
C THR E 317 15.48 -39.17 -14.81
N MET E 318 14.79 -39.98 -14.00
CA MET E 318 13.45 -39.62 -13.57
C MET E 318 13.51 -38.54 -12.48
N PRO E 319 12.50 -37.66 -12.41
CA PRO E 319 11.28 -37.60 -13.25
C PRO E 319 11.58 -37.14 -14.68
N PRO E 320 10.79 -37.58 -15.65
CA PRO E 320 11.09 -37.30 -17.04
C PRO E 320 10.63 -35.91 -17.47
N LEU E 321 11.23 -35.45 -18.57
CA LEU E 321 10.90 -34.14 -19.12
C LEU E 321 9.61 -34.21 -19.92
N ARG E 322 8.67 -33.32 -19.62
CA ARG E 322 7.38 -33.30 -20.29
C ARG E 322 6.97 -31.88 -20.62
N PHE E 323 6.21 -31.73 -21.70
CA PHE E 323 5.65 -30.46 -22.11
C PHE E 323 4.12 -30.54 -22.02
N LEU E 324 3.52 -29.48 -21.49
CA LEU E 324 2.07 -29.41 -21.32
C LEU E 324 1.53 -28.30 -22.23
N GLY E 325 1.20 -28.69 -23.46
CA GLY E 325 0.63 -27.77 -24.42
C GLY E 325 -0.90 -27.75 -24.35
N GLU E 326 -1.49 -27.10 -25.36
CA GLU E 326 -2.95 -26.99 -25.40
C GLU E 326 -3.59 -28.31 -25.77
N ASP E 327 -3.05 -29.00 -26.78
CA ASP E 327 -3.68 -30.23 -27.25
C ASP E 327 -3.51 -31.37 -26.25
N GLY E 328 -2.31 -31.54 -25.71
CA GLY E 328 -2.08 -32.63 -24.78
C GLY E 328 -0.73 -32.53 -24.13
N CYS E 329 -0.31 -33.65 -23.55
CA CYS E 329 0.94 -33.75 -22.80
C CYS E 329 1.99 -34.47 -23.65
N TRP E 330 3.16 -33.85 -23.78
CA TRP E 330 4.24 -34.34 -24.62
C TRP E 330 5.43 -34.79 -23.78
N TYR E 331 6.42 -35.36 -24.46
CA TYR E 331 7.69 -35.75 -23.88
C TYR E 331 8.86 -35.15 -24.66
N GLY E 332 10.04 -35.26 -24.07
CA GLY E 332 11.26 -34.76 -24.67
C GLY E 332 11.83 -35.70 -25.71
N MET E 333 12.98 -35.28 -26.25
CA MET E 333 13.59 -35.99 -27.37
C MET E 333 14.25 -37.30 -26.97
N GLU E 334 14.43 -37.55 -25.68
CA GLU E 334 15.11 -38.74 -25.20
C GLU E 334 14.18 -39.81 -24.67
N ILE E 335 12.87 -39.64 -24.81
CA ILE E 335 11.89 -40.61 -24.32
C ILE E 335 11.18 -41.20 -25.54
N ARG E 336 11.30 -42.51 -25.72
CA ARG E 336 10.73 -43.25 -26.84
C ARG E 336 9.67 -44.23 -26.36
N PRO E 337 8.65 -44.48 -27.17
CA PRO E 337 7.59 -45.40 -26.75
C PRO E 337 7.92 -46.86 -27.04
N LEU E 338 7.70 -47.70 -26.03
CA LEU E 338 7.86 -49.13 -26.22
C LEU E 338 6.73 -49.74 -27.04
N SER E 339 5.53 -49.20 -26.91
CA SER E 339 4.40 -49.59 -27.75
C SER E 339 4.36 -48.73 -29.00
N GLU E 340 3.66 -49.23 -30.02
CA GLU E 340 3.53 -48.55 -31.30
C GLU E 340 4.90 -48.28 -31.93
N LYS E 341 4.94 -47.39 -32.90
CA LYS E 341 6.19 -47.01 -33.56
C LYS E 341 6.05 -45.58 -34.06
N GLU E 342 7.18 -44.96 -34.38
CA GLU E 342 7.19 -43.58 -34.86
C GLU E 342 6.80 -43.53 -36.34
N GLU E 343 5.63 -44.10 -36.62
CA GLU E 343 5.03 -44.05 -37.94
C GLU E 343 3.52 -43.79 -37.92
N ASN E 344 2.83 -44.06 -36.81
CA ASN E 344 1.41 -43.83 -36.67
C ASN E 344 1.13 -42.91 -35.49
N MET E 345 1.97 -41.89 -35.30
CA MET E 345 1.78 -40.95 -34.22
C MET E 345 2.35 -39.59 -34.63
N VAL E 346 1.93 -38.56 -33.93
CA VAL E 346 2.24 -37.18 -34.32
C VAL E 346 3.62 -36.80 -33.78
N LYS E 347 4.46 -36.27 -34.65
CA LYS E 347 5.76 -35.73 -34.30
C LYS E 347 5.65 -34.21 -34.15
N SER E 348 6.79 -33.55 -34.02
CA SER E 348 6.85 -32.09 -33.99
C SER E 348 7.16 -31.58 -35.39
N GLN E 349 6.39 -30.59 -35.86
CA GLN E 349 6.57 -30.09 -37.21
C GLN E 349 7.94 -29.44 -37.41
N VAL E 350 8.58 -29.00 -36.33
CA VAL E 350 9.93 -28.47 -36.44
C VAL E 350 10.88 -29.60 -36.82
N SER E 351 11.65 -29.39 -37.88
CA SER E 351 12.54 -30.42 -38.39
C SER E 351 13.64 -29.77 -39.20
N ALA E 352 14.72 -30.52 -39.42
CA ALA E 352 15.85 -30.04 -40.21
C ALA E 352 15.96 -30.81 -41.52
N ASP F 1 -8.68 -15.02 1.73
CA ASP F 1 -8.49 -13.61 1.37
C ASP F 1 -7.32 -13.01 2.12
N THR F 2 -6.31 -12.57 1.38
CA THR F 2 -5.12 -11.96 1.96
C THR F 2 -4.98 -10.53 1.46
N GLY F 3 -4.83 -9.59 2.37
CA GLY F 3 -4.71 -8.20 2.00
C GLY F 3 -4.68 -7.31 3.23
N CYS F 4 -4.83 -6.01 2.98
CA CYS F 4 -4.79 -5.01 4.03
C CYS F 4 -6.09 -4.20 4.01
N ALA F 5 -6.36 -3.51 5.11
CA ALA F 5 -7.57 -2.72 5.24
C ALA F 5 -7.42 -1.77 6.42
N VAL F 6 -7.92 -0.55 6.26
CA VAL F 6 -7.97 0.41 7.35
C VAL F 6 -9.29 0.26 8.08
N SER F 7 -9.28 0.46 9.39
CA SER F 7 -10.47 0.27 10.19
C SER F 7 -11.50 1.36 9.89
N TRP F 8 -12.68 1.23 10.52
CA TRP F 8 -13.73 2.21 10.33
C TRP F 8 -13.31 3.58 10.85
N SER F 9 -12.65 3.61 12.02
CA SER F 9 -12.15 4.87 12.55
C SER F 9 -11.01 5.45 11.72
N GLY F 10 -10.40 4.65 10.85
CA GLY F 10 -9.35 5.16 9.98
C GLY F 10 -8.05 5.45 10.67
N LYS F 11 -7.81 4.87 11.85
CA LYS F 11 -6.59 5.14 12.61
C LYS F 11 -5.69 3.92 12.75
N GLU F 12 -6.02 2.81 12.10
CA GLU F 12 -5.14 1.64 12.11
C GLU F 12 -5.25 0.91 10.78
N LEU F 13 -4.18 0.21 10.43
CA LEU F 13 -4.09 -0.49 9.16
C LEU F 13 -3.67 -1.93 9.44
N LYS F 14 -4.57 -2.87 9.16
CA LYS F 14 -4.37 -4.28 9.50
C LYS F 14 -4.23 -5.10 8.24
N CYS F 15 -3.27 -6.02 8.25
CA CYS F 15 -3.04 -6.94 7.14
C CYS F 15 -3.01 -8.37 7.67
N GLY F 16 -3.47 -9.31 6.86
CA GLY F 16 -3.50 -10.70 7.26
C GLY F 16 -4.37 -11.51 6.31
N SER F 17 -4.86 -12.64 6.84
CA SER F 17 -5.67 -13.58 6.08
C SER F 17 -7.01 -13.78 6.77
N GLY F 18 -8.07 -13.91 5.98
CA GLY F 18 -9.39 -14.17 6.51
C GLY F 18 -10.50 -14.09 5.49
N ILE F 19 -11.62 -13.48 5.86
CA ILE F 19 -12.78 -13.32 4.99
C ILE F 19 -13.12 -11.84 4.91
N PHE F 20 -13.23 -11.33 3.69
CA PHE F 20 -13.54 -9.93 3.44
C PHE F 20 -14.94 -9.84 2.84
N VAL F 21 -15.87 -9.29 3.60
CA VAL F 21 -17.24 -9.09 3.13
C VAL F 21 -17.34 -7.68 2.56
N ILE F 22 -17.48 -7.58 1.24
CA ILE F 22 -17.40 -6.32 0.51
C ILE F 22 -18.80 -5.91 0.09
N ASP F 23 -19.11 -4.62 0.24
CA ASP F 23 -20.35 -4.06 -0.27
C ASP F 23 -20.40 -4.18 -1.78
N ASN F 24 -21.38 -4.93 -2.29
CA ASN F 24 -21.57 -5.08 -3.72
C ASN F 24 -22.68 -4.19 -4.27
N VAL F 25 -23.47 -3.56 -3.40
CA VAL F 25 -24.41 -2.55 -3.87
C VAL F 25 -23.66 -1.35 -4.44
N HIS F 26 -22.64 -0.89 -3.72
CA HIS F 26 -21.71 0.12 -4.21
C HIS F 26 -20.46 -0.64 -4.62
N THR F 27 -20.41 -1.03 -5.90
CA THR F 27 -19.54 -2.12 -6.34
C THR F 27 -18.07 -1.71 -6.39
N TRP F 28 -17.79 -0.42 -6.63
CA TRP F 28 -16.45 0.10 -6.93
C TRP F 28 -16.00 -0.32 -8.33
N THR F 29 -16.80 -1.15 -9.00
CA THR F 29 -16.52 -1.65 -10.33
C THR F 29 -17.84 -1.84 -11.05
N GLU F 30 -17.80 -2.55 -12.18
CA GLU F 30 -19.01 -2.82 -12.93
C GLU F 30 -19.86 -3.87 -12.22
N GLN F 31 -21.16 -3.84 -12.48
CA GLN F 31 -22.08 -4.76 -11.83
C GLN F 31 -21.93 -6.17 -12.40
N TYR F 32 -22.27 -7.16 -11.59
CA TYR F 32 -22.24 -8.54 -12.02
C TYR F 32 -23.28 -8.78 -13.12
N LYS F 33 -23.14 -9.92 -13.81
CA LYS F 33 -24.09 -10.31 -14.84
C LYS F 33 -24.21 -11.82 -14.87
N PHE F 34 -25.45 -12.30 -14.95
CA PHE F 34 -25.72 -13.73 -14.99
C PHE F 34 -25.57 -14.27 -16.41
N GLN F 35 -25.26 -15.56 -16.50
CA GLN F 35 -25.18 -16.26 -17.77
C GLN F 35 -26.08 -17.48 -17.70
N PRO F 36 -26.90 -17.73 -18.72
CA PRO F 36 -27.81 -18.88 -18.67
C PRO F 36 -27.07 -20.21 -18.82
N GLU F 37 -27.79 -21.28 -18.51
CA GLU F 37 -27.22 -22.63 -18.62
C GLU F 37 -26.84 -22.94 -20.07
N SER F 38 -27.82 -22.94 -20.96
CA SER F 38 -27.60 -23.22 -22.37
C SER F 38 -28.70 -22.56 -23.18
N PRO F 39 -28.36 -21.92 -24.30
CA PRO F 39 -29.42 -21.30 -25.12
C PRO F 39 -30.44 -22.30 -25.62
N ALA F 40 -30.02 -23.53 -25.96
CA ALA F 40 -30.94 -24.54 -26.42
C ALA F 40 -31.75 -25.16 -25.29
N ARG F 41 -31.13 -25.38 -24.13
CA ARG F 41 -31.81 -26.04 -23.03
C ARG F 41 -32.98 -25.20 -22.51
N LEU F 42 -32.80 -23.88 -22.45
CA LEU F 42 -33.87 -23.01 -21.97
C LEU F 42 -35.09 -23.09 -22.88
N ALA F 43 -34.88 -23.22 -24.18
CA ALA F 43 -36.01 -23.33 -25.11
C ALA F 43 -36.79 -24.61 -24.86
N SER F 44 -36.11 -25.73 -24.65
CA SER F 44 -36.81 -26.99 -24.36
C SER F 44 -37.55 -26.91 -23.03
N ALA F 45 -36.92 -26.30 -22.03
CA ALA F 45 -37.59 -26.12 -20.74
C ALA F 45 -38.85 -25.27 -20.89
N ILE F 46 -38.76 -24.19 -21.67
CA ILE F 46 -39.93 -23.33 -21.90
C ILE F 46 -41.03 -24.12 -22.61
N LEU F 47 -40.65 -24.90 -23.64
CA LEU F 47 -41.65 -25.68 -24.38
C LEU F 47 -42.39 -26.65 -23.47
N ASN F 48 -41.65 -27.49 -22.76
CA ASN F 48 -42.34 -28.50 -21.95
C ASN F 48 -43.00 -27.89 -20.72
N ALA F 49 -42.54 -26.73 -20.26
CA ALA F 49 -43.18 -26.06 -19.14
C ALA F 49 -44.52 -25.47 -19.56
N HIS F 50 -44.57 -24.79 -20.71
CA HIS F 50 -45.85 -24.23 -21.15
C HIS F 50 -46.78 -25.34 -21.61
N GLU F 51 -46.23 -26.48 -22.03
CA GLU F 51 -47.06 -27.67 -22.21
C GLU F 51 -47.61 -28.14 -20.87
N ASP F 52 -46.80 -28.06 -19.81
CA ASP F 52 -47.25 -28.40 -18.46
C ASP F 52 -48.24 -27.40 -17.89
N GLY F 53 -48.36 -26.21 -18.49
CA GLY F 53 -49.35 -25.24 -18.04
C GLY F 53 -48.84 -24.11 -17.18
N VAL F 54 -47.74 -23.47 -17.58
CA VAL F 54 -47.27 -22.24 -16.96
C VAL F 54 -47.21 -21.16 -18.03
N CYS F 55 -47.64 -19.96 -17.67
CA CYS F 55 -47.78 -18.86 -18.63
C CYS F 55 -46.62 -17.86 -18.53
N GLY F 56 -45.47 -18.28 -18.06
CA GLY F 56 -44.33 -17.40 -17.96
C GLY F 56 -43.58 -17.64 -16.66
N ILE F 57 -42.80 -16.64 -16.27
CA ILE F 57 -41.97 -16.70 -15.06
C ILE F 57 -41.96 -15.34 -14.37
N ARG F 58 -41.52 -15.35 -13.12
CA ARG F 58 -41.32 -14.13 -12.35
C ARG F 58 -39.87 -14.07 -11.87
N SER F 59 -39.19 -12.98 -12.21
CA SER F 59 -37.80 -12.82 -11.81
C SER F 59 -37.70 -12.56 -10.31
N THR F 60 -36.68 -13.17 -9.68
CA THR F 60 -36.46 -12.98 -8.25
C THR F 60 -35.38 -11.95 -7.95
N THR F 61 -34.40 -11.80 -8.85
CA THR F 61 -33.31 -10.86 -8.67
C THR F 61 -33.22 -9.97 -9.91
N ARG F 62 -32.94 -8.69 -9.68
CA ARG F 62 -32.84 -7.73 -10.78
C ARG F 62 -31.68 -8.04 -11.71
N LEU F 63 -30.73 -8.87 -11.29
CA LEU F 63 -29.66 -9.32 -12.18
C LEU F 63 -30.08 -10.49 -13.05
N GLU F 64 -31.26 -11.05 -12.83
CA GLU F 64 -31.82 -12.11 -13.66
C GLU F 64 -32.76 -11.58 -14.72
N ASN F 65 -33.54 -10.54 -14.40
CA ASN F 65 -34.35 -9.86 -15.41
C ASN F 65 -33.48 -9.30 -16.52
N ILE F 66 -32.27 -8.83 -16.19
CA ILE F 66 -31.34 -8.35 -17.21
C ILE F 66 -30.97 -9.47 -18.17
N MET F 67 -30.65 -10.65 -17.65
CA MET F 67 -30.32 -11.78 -18.51
C MET F 67 -31.52 -12.19 -19.36
N TRP F 68 -32.71 -12.20 -18.77
CA TRP F 68 -33.90 -12.58 -19.52
C TRP F 68 -34.17 -11.60 -20.67
N LYS F 69 -34.06 -10.29 -20.40
CA LYS F 69 -34.22 -9.32 -21.47
C LYS F 69 -33.13 -9.45 -22.51
N GLN F 70 -31.92 -9.80 -22.09
CA GLN F 70 -30.81 -9.96 -23.03
C GLN F 70 -31.04 -11.14 -23.97
N ILE F 71 -31.56 -12.26 -23.45
CA ILE F 71 -31.62 -13.49 -24.23
C ILE F 71 -33.02 -13.81 -24.73
N THR F 72 -34.01 -12.94 -24.50
CA THR F 72 -35.35 -13.22 -24.98
C THR F 72 -35.42 -13.30 -26.50
N ASN F 73 -34.72 -12.41 -27.20
CA ASN F 73 -34.77 -12.43 -28.66
C ASN F 73 -34.12 -13.69 -29.22
N GLU F 74 -32.98 -14.11 -28.66
CA GLU F 74 -32.34 -15.32 -29.12
C GLU F 74 -33.20 -16.55 -28.82
N LEU F 75 -33.85 -16.56 -27.65
CA LEU F 75 -34.75 -17.66 -27.32
C LEU F 75 -35.92 -17.72 -28.29
N ASN F 76 -36.50 -16.57 -28.62
CA ASN F 76 -37.61 -16.54 -29.57
C ASN F 76 -37.16 -16.98 -30.96
N TYR F 77 -35.95 -16.60 -31.36
CA TYR F 77 -35.42 -17.07 -32.64
C TYR F 77 -35.25 -18.59 -32.64
N VAL F 78 -34.77 -19.15 -31.52
CA VAL F 78 -34.67 -20.59 -31.40
C VAL F 78 -36.05 -21.23 -31.49
N LEU F 79 -37.06 -20.61 -30.86
CA LEU F 79 -38.42 -21.12 -30.94
C LEU F 79 -38.91 -21.14 -32.38
N TRP F 80 -38.67 -20.06 -33.11
CA TRP F 80 -39.10 -19.97 -34.50
C TRP F 80 -38.34 -20.93 -35.41
N GLU F 81 -37.09 -21.26 -35.05
CA GLU F 81 -36.32 -22.19 -35.88
C GLU F 81 -37.04 -23.53 -36.04
N GLY F 82 -37.73 -23.98 -35.00
CA GLY F 82 -38.52 -25.18 -35.06
C GLY F 82 -39.97 -24.99 -35.42
N GLY F 83 -40.37 -23.77 -35.77
CA GLY F 83 -41.76 -23.50 -36.11
C GLY F 83 -42.73 -23.71 -34.96
N HIS F 84 -42.40 -23.21 -33.78
CA HIS F 84 -43.22 -23.41 -32.59
C HIS F 84 -44.18 -22.24 -32.40
N ASP F 85 -45.44 -22.56 -32.10
CA ASP F 85 -46.48 -21.55 -31.94
C ASP F 85 -46.48 -21.04 -30.49
N LEU F 86 -45.46 -20.26 -30.17
CA LEU F 86 -45.34 -19.65 -28.85
C LEU F 86 -44.53 -18.36 -28.98
N THR F 87 -44.95 -17.35 -28.22
CA THR F 87 -44.27 -16.06 -28.21
C THR F 87 -43.86 -15.72 -26.79
N VAL F 88 -42.69 -15.09 -26.65
CA VAL F 88 -42.15 -14.69 -25.36
C VAL F 88 -41.76 -13.22 -25.44
N VAL F 89 -42.16 -12.46 -24.41
CA VAL F 89 -41.80 -11.05 -24.29
C VAL F 89 -41.16 -10.84 -22.93
N ALA F 90 -40.02 -10.14 -22.92
CA ALA F 90 -39.30 -9.83 -21.69
C ALA F 90 -39.64 -8.39 -21.30
N GLY F 91 -40.64 -8.24 -20.44
CA GLY F 91 -41.03 -6.93 -19.96
C GLY F 91 -40.11 -6.42 -18.87
N ASP F 92 -40.54 -5.35 -18.23
CA ASP F 92 -39.80 -4.73 -17.15
C ASP F 92 -40.61 -4.83 -15.86
N VAL F 93 -39.90 -4.89 -14.74
CA VAL F 93 -40.50 -4.97 -13.42
C VAL F 93 -40.10 -3.73 -12.61
N LYS F 94 -41.10 -3.06 -12.05
CA LYS F 94 -40.87 -1.94 -11.15
C LYS F 94 -41.63 -2.20 -9.86
N GLY F 95 -40.94 -2.05 -8.73
CA GLY F 95 -41.53 -2.37 -7.45
C GLY F 95 -41.13 -3.73 -6.94
N VAL F 96 -42.03 -4.40 -6.21
CA VAL F 96 -41.73 -5.69 -5.61
C VAL F 96 -41.57 -6.75 -6.71
N LEU F 97 -40.54 -7.57 -6.57
CA LEU F 97 -40.37 -8.75 -7.42
C LEU F 97 -41.26 -9.85 -6.86
N SER F 98 -42.54 -9.80 -7.24
CA SER F 98 -43.54 -10.64 -6.60
C SER F 98 -43.26 -12.13 -6.88
N LYS F 99 -43.90 -12.97 -6.07
CA LYS F 99 -43.62 -14.39 -6.03
C LYS F 99 -44.56 -15.17 -6.94
N GLY F 100 -44.00 -16.11 -7.69
CA GLY F 100 -44.78 -17.04 -8.48
C GLY F 100 -44.88 -18.39 -7.79
N LYS F 101 -45.97 -19.10 -8.06
CA LYS F 101 -46.29 -20.33 -7.34
C LYS F 101 -46.02 -21.59 -8.15
N ARG F 102 -45.23 -21.50 -9.22
CA ARG F 102 -44.88 -22.66 -10.04
C ARG F 102 -43.36 -22.82 -10.10
N ALA F 103 -42.94 -23.82 -10.88
CA ALA F 103 -41.52 -24.09 -11.07
C ALA F 103 -41.23 -24.38 -12.55
N LEU F 104 -39.96 -24.35 -12.94
CA LEU F 104 -39.55 -24.60 -14.31
C LEU F 104 -38.73 -25.88 -14.33
N ALA F 105 -39.41 -27.00 -14.59
CA ALA F 105 -38.75 -28.29 -14.57
C ALA F 105 -37.71 -28.39 -15.70
N PRO F 106 -36.57 -29.03 -15.45
CA PRO F 106 -35.58 -29.17 -16.51
C PRO F 106 -36.13 -30.03 -17.64
N PRO F 107 -35.65 -29.82 -18.87
CA PRO F 107 -36.06 -30.58 -20.05
C PRO F 107 -35.81 -32.08 -19.91
N PHE F 133 -46.52 -16.73 -22.55
CA PHE F 133 -45.29 -16.88 -21.78
C PHE F 133 -44.66 -15.51 -21.51
N LEU F 134 -45.18 -14.82 -20.49
CA LEU F 134 -44.78 -13.47 -20.18
C LEU F 134 -43.72 -13.47 -19.09
N ILE F 135 -42.69 -12.64 -19.27
CA ILE F 135 -41.62 -12.48 -18.29
C ILE F 135 -41.74 -11.10 -17.68
N ASP F 136 -41.90 -11.04 -16.37
CA ASP F 136 -42.02 -9.79 -15.62
C ASP F 136 -43.27 -9.03 -16.14
N GLY F 137 -43.22 -7.70 -16.13
CA GLY F 137 -44.31 -6.90 -16.61
C GLY F 137 -45.24 -6.46 -15.51
N PRO F 138 -46.43 -6.00 -15.87
CA PRO F 138 -47.40 -5.56 -14.86
C PRO F 138 -48.24 -6.71 -14.33
N ASP F 139 -49.18 -6.41 -13.43
CA ASP F 139 -50.06 -7.41 -12.85
C ASP F 139 -51.15 -7.77 -13.87
N THR F 140 -50.75 -8.57 -14.85
CA THR F 140 -51.66 -8.98 -15.92
C THR F 140 -52.65 -10.02 -15.41
N SER F 141 -53.94 -9.79 -15.70
CA SER F 141 -54.97 -10.72 -15.27
C SER F 141 -55.04 -11.98 -16.14
N GLU F 142 -54.48 -11.93 -17.35
CA GLU F 142 -54.47 -13.10 -18.22
C GLU F 142 -53.47 -14.16 -17.79
N CYS F 143 -52.42 -13.78 -17.07
CA CYS F 143 -51.42 -14.72 -16.56
C CYS F 143 -51.14 -14.37 -15.11
N PRO F 144 -51.93 -14.90 -14.18
CA PRO F 144 -51.75 -14.55 -12.76
C PRO F 144 -50.49 -15.17 -12.18
N ASN F 145 -50.06 -14.60 -11.05
CA ASN F 145 -48.93 -15.13 -10.31
C ASN F 145 -49.20 -16.51 -9.73
N GLU F 146 -50.45 -16.92 -9.66
CA GLU F 146 -50.81 -18.21 -9.09
C GLU F 146 -50.32 -19.39 -9.93
N ARG F 147 -50.03 -19.19 -11.21
CA ARG F 147 -49.57 -20.28 -12.07
C ARG F 147 -48.34 -19.87 -12.87
N ARG F 148 -47.46 -19.06 -12.29
CA ARG F 148 -46.24 -18.61 -12.95
C ARG F 148 -45.03 -19.10 -12.17
N ALA F 149 -43.99 -19.52 -12.91
CA ALA F 149 -42.79 -20.05 -12.29
C ALA F 149 -41.98 -18.93 -11.62
N TRP F 150 -41.14 -19.32 -10.67
CA TRP F 150 -40.37 -18.36 -9.89
C TRP F 150 -39.31 -19.10 -9.09
N ASN F 151 -38.13 -18.49 -8.95
CA ASN F 151 -37.04 -19.00 -8.12
C ASN F 151 -36.62 -20.41 -8.54
N PHE F 152 -36.09 -20.50 -9.77
CA PHE F 152 -35.67 -21.79 -10.32
C PHE F 152 -34.26 -21.75 -10.91
N LEU F 153 -33.45 -20.76 -10.58
CA LEU F 153 -32.06 -20.72 -10.98
C LEU F 153 -31.15 -20.97 -9.77
N GLU F 154 -29.88 -21.19 -10.06
CA GLU F 154 -28.89 -21.44 -9.00
C GLU F 154 -27.50 -21.25 -9.57
N VAL F 155 -26.64 -20.58 -8.81
CA VAL F 155 -25.26 -20.35 -9.21
C VAL F 155 -24.48 -21.65 -9.09
N GLU F 156 -23.61 -21.91 -10.07
CA GLU F 156 -22.75 -23.09 -10.04
C GLU F 156 -21.26 -22.78 -10.15
N ASP F 157 -20.88 -21.59 -10.59
CA ASP F 157 -19.48 -21.21 -10.68
C ASP F 157 -19.39 -19.69 -10.75
N TYR F 158 -18.17 -19.19 -10.56
CA TYR F 158 -17.91 -17.76 -10.64
C TYR F 158 -16.99 -17.40 -11.79
N GLY F 159 -15.81 -18.02 -11.87
CA GLY F 159 -14.87 -17.70 -12.92
C GLY F 159 -13.73 -16.81 -12.44
N PHE F 160 -13.47 -15.74 -13.17
CA PHE F 160 -12.41 -14.80 -12.81
C PHE F 160 -12.76 -13.43 -13.37
N GLY F 161 -11.81 -12.51 -13.24
CA GLY F 161 -11.99 -11.15 -13.73
C GLY F 161 -11.94 -10.14 -12.60
N MET F 162 -11.46 -8.94 -12.94
CA MET F 162 -11.34 -7.84 -11.99
C MET F 162 -12.29 -6.70 -12.30
N PHE F 163 -12.28 -6.17 -13.52
CA PHE F 163 -13.23 -5.15 -13.92
C PHE F 163 -14.56 -5.72 -14.39
N THR F 164 -14.63 -7.03 -14.62
CA THR F 164 -15.87 -7.67 -15.07
C THR F 164 -15.81 -9.14 -14.70
N THR F 165 -16.89 -9.65 -14.10
CA THR F 165 -16.97 -11.04 -13.70
C THR F 165 -18.35 -11.59 -14.08
N ASN F 166 -18.36 -12.81 -14.60
CA ASN F 166 -19.59 -13.47 -14.98
C ASN F 166 -20.07 -14.39 -13.86
N ILE F 167 -21.33 -14.82 -13.95
CA ILE F 167 -21.89 -15.79 -13.02
C ILE F 167 -22.65 -16.84 -13.83
N TRP F 168 -22.21 -18.10 -13.71
CA TRP F 168 -22.82 -19.18 -14.48
C TRP F 168 -23.95 -19.80 -13.67
N MET F 169 -25.15 -19.78 -14.25
CA MET F 169 -26.35 -20.27 -13.57
C MET F 169 -26.77 -21.62 -14.14
N LYS F 170 -27.61 -22.31 -13.38
CA LYS F 170 -28.14 -23.61 -13.77
C LYS F 170 -29.57 -23.71 -13.25
N PHE F 171 -30.13 -24.92 -13.30
CA PHE F 171 -31.49 -25.17 -12.83
C PHE F 171 -31.46 -25.82 -11.45
N ARG F 172 -32.47 -25.49 -10.64
CA ARG F 172 -32.62 -26.03 -9.31
C ARG F 172 -33.35 -27.37 -9.37
N GLU F 173 -32.99 -28.27 -8.45
CA GLU F 173 -33.49 -29.64 -8.53
C GLU F 173 -34.94 -29.74 -8.08
N GLY F 174 -35.37 -28.91 -7.13
CA GLY F 174 -36.71 -29.03 -6.59
C GLY F 174 -37.24 -27.69 -6.11
N SER F 175 -38.46 -27.73 -5.57
CA SER F 175 -39.09 -26.53 -5.06
C SER F 175 -38.37 -26.00 -3.84
N SER F 176 -38.22 -24.68 -3.76
CA SER F 176 -37.56 -24.04 -2.63
C SER F 176 -37.92 -22.57 -2.61
N GLU F 177 -38.41 -22.10 -1.46
CA GLU F 177 -38.77 -20.70 -1.29
C GLU F 177 -37.69 -19.90 -0.55
N VAL F 178 -36.43 -20.29 -0.70
CA VAL F 178 -35.31 -19.66 -0.02
C VAL F 178 -34.37 -19.07 -1.05
N CYS F 179 -33.89 -17.85 -0.81
CA CYS F 179 -32.98 -17.20 -1.73
C CYS F 179 -31.69 -18.00 -1.85
N ASP F 180 -31.08 -17.92 -3.03
CA ASP F 180 -29.82 -18.62 -3.26
C ASP F 180 -28.74 -18.09 -2.32
N HIS F 181 -28.07 -19.01 -1.63
CA HIS F 181 -27.13 -18.65 -0.57
C HIS F 181 -25.71 -18.43 -1.07
N ARG F 182 -25.42 -18.72 -2.33
CA ARG F 182 -24.08 -18.50 -2.87
C ARG F 182 -23.79 -17.03 -3.16
N LEU F 183 -24.80 -16.16 -3.08
CA LEU F 183 -24.65 -14.75 -3.37
C LEU F 183 -24.64 -13.88 -2.12
N MET F 184 -24.71 -14.49 -0.94
CA MET F 184 -24.97 -13.77 0.30
C MET F 184 -23.75 -13.75 1.20
N SER F 185 -23.82 -12.90 2.22
CA SER F 185 -22.73 -12.74 3.17
C SER F 185 -23.30 -12.21 4.48
N ALA F 186 -22.49 -12.33 5.54
CA ALA F 186 -22.85 -11.82 6.85
C ALA F 186 -21.58 -11.81 7.71
N ALA F 187 -21.35 -10.70 8.39
CA ALA F 187 -20.15 -10.55 9.18
C ALA F 187 -20.43 -9.65 10.39
N ILE F 188 -19.66 -9.89 11.46
CA ILE F 188 -19.72 -9.05 12.64
C ILE F 188 -18.30 -8.92 13.20
N LYS F 189 -17.99 -7.74 13.73
CA LYS F 189 -16.67 -7.49 14.30
C LYS F 189 -16.78 -6.33 15.26
N ASP F 190 -16.34 -6.53 16.51
CA ASP F 190 -16.44 -5.52 17.55
C ASP F 190 -17.89 -5.14 17.80
N GLN F 191 -18.31 -3.97 17.31
CA GLN F 191 -19.65 -3.44 17.53
C GLN F 191 -20.25 -2.98 16.21
N LYS F 192 -20.15 -3.80 15.17
CA LYS F 192 -20.67 -3.45 13.86
C LYS F 192 -20.91 -4.71 13.05
N ALA F 193 -22.17 -5.04 12.79
CA ALA F 193 -22.57 -6.17 11.97
C ALA F 193 -23.03 -5.69 10.60
N VAL F 194 -23.27 -6.66 9.71
CA VAL F 194 -23.76 -6.35 8.37
C VAL F 194 -24.37 -7.62 7.78
N HIS F 195 -25.46 -7.44 7.04
CA HIS F 195 -26.09 -8.51 6.27
C HIS F 195 -26.13 -8.05 4.83
N ALA F 196 -25.46 -8.80 3.94
CA ALA F 196 -25.24 -8.32 2.59
C ALA F 196 -25.52 -9.40 1.55
N ASP F 197 -26.01 -8.97 0.40
CA ASP F 197 -25.98 -9.75 -0.84
C ASP F 197 -25.86 -8.74 -1.98
N MET F 198 -26.13 -9.19 -3.20
CA MET F 198 -25.91 -8.32 -4.35
C MET F 198 -27.02 -7.30 -4.55
N GLY F 199 -28.06 -7.30 -3.72
CA GLY F 199 -29.12 -6.31 -3.81
C GLY F 199 -29.50 -5.66 -2.50
N TYR F 200 -29.02 -6.22 -1.38
CA TYR F 200 -29.29 -5.71 -0.05
C TYR F 200 -27.98 -5.32 0.62
N TRP F 201 -28.04 -4.33 1.50
CA TRP F 201 -26.90 -4.02 2.36
C TRP F 201 -27.46 -3.46 3.67
N ILE F 202 -27.65 -4.35 4.64
CA ILE F 202 -28.22 -3.99 5.94
C ILE F 202 -27.08 -3.83 6.93
N GLU F 203 -27.03 -2.69 7.61
CA GLU F 203 -26.00 -2.39 8.59
C GLU F 203 -26.60 -2.34 9.98
N SER F 204 -25.87 -2.87 10.96
CA SER F 204 -26.27 -2.86 12.35
C SER F 204 -25.11 -2.37 13.19
N SER F 205 -25.42 -1.92 14.41
CA SER F 205 -24.41 -1.37 15.30
C SER F 205 -24.93 -1.42 16.72
N LYS F 206 -24.02 -1.25 17.67
CA LYS F 206 -24.37 -1.20 19.09
C LYS F 206 -24.08 0.19 19.64
N ASN F 207 -25.11 0.82 20.21
CA ASN F 207 -24.95 2.00 21.05
C ASN F 207 -25.90 1.77 22.24
N GLN F 208 -25.37 1.12 23.27
CA GLN F 208 -26.12 0.69 24.46
C GLN F 208 -27.09 -0.45 24.13
N THR F 209 -27.18 -0.83 22.86
CA THR F 209 -28.00 -1.94 22.41
C THR F 209 -27.76 -2.15 20.92
N TRP F 210 -28.08 -3.36 20.45
CA TRP F 210 -27.93 -3.72 19.05
C TRP F 210 -29.21 -3.37 18.30
N GLN F 211 -29.11 -2.44 17.34
CA GLN F 211 -30.26 -2.05 16.54
C GLN F 211 -29.80 -1.61 15.17
N ILE F 212 -30.67 -1.81 14.18
CA ILE F 212 -30.33 -1.51 12.79
C ILE F 212 -30.20 -0.01 12.60
N GLU F 213 -29.17 0.41 11.87
CA GLU F 213 -28.88 1.81 11.66
C GLU F 213 -29.05 2.28 10.22
N LYS F 214 -28.88 1.41 9.23
CA LYS F 214 -28.95 1.80 7.83
C LYS F 214 -29.39 0.62 6.99
N ALA F 215 -29.74 0.90 5.74
CA ALA F 215 -30.13 -0.14 4.80
C ALA F 215 -30.13 0.46 3.40
N SER F 216 -29.57 -0.26 2.44
CA SER F 216 -29.56 0.15 1.04
C SER F 216 -30.17 -0.97 0.22
N LEU F 217 -31.34 -0.71 -0.37
CA LEU F 217 -32.07 -1.71 -1.15
C LEU F 217 -32.18 -1.23 -2.59
N ILE F 218 -31.41 -1.86 -3.48
CA ILE F 218 -31.59 -1.65 -4.92
C ILE F 218 -32.79 -2.40 -5.45
N GLU F 219 -33.38 -3.29 -4.66
CA GLU F 219 -34.52 -4.08 -5.08
C GLU F 219 -35.28 -4.53 -3.84
N VAL F 220 -36.46 -5.10 -4.09
CA VAL F 220 -37.30 -5.67 -3.03
C VAL F 220 -37.66 -7.08 -3.47
N LYS F 221 -37.07 -8.08 -2.82
CA LYS F 221 -37.33 -9.47 -3.14
C LYS F 221 -38.46 -10.01 -2.26
N THR F 222 -38.80 -11.28 -2.46
CA THR F 222 -39.80 -11.95 -1.65
C THR F 222 -39.39 -13.32 -1.14
N CYS F 223 -38.23 -13.83 -1.54
CA CYS F 223 -37.76 -15.09 -1.00
C CYS F 223 -37.24 -14.89 0.43
N LEU F 224 -37.01 -15.99 1.12
CA LEU F 224 -36.60 -15.96 2.52
C LEU F 224 -35.08 -15.93 2.64
N TRP F 225 -34.59 -15.12 3.54
CA TRP F 225 -33.16 -15.10 3.85
C TRP F 225 -32.80 -16.37 4.60
N PRO F 226 -31.88 -17.19 4.09
CA PRO F 226 -31.54 -18.43 4.78
C PRO F 226 -30.93 -18.16 6.14
N LYS F 227 -31.26 -19.02 7.10
CA LYS F 227 -30.78 -18.86 8.46
C LYS F 227 -29.34 -19.31 8.64
N THR F 228 -28.78 -20.03 7.66
CA THR F 228 -27.37 -20.38 7.69
C THR F 228 -26.47 -19.16 7.56
N HIS F 229 -26.98 -18.06 7.01
CA HIS F 229 -26.21 -16.84 6.80
C HIS F 229 -26.71 -15.70 7.67
N THR F 230 -27.23 -16.01 8.85
CA THR F 230 -27.86 -15.03 9.72
C THR F 230 -27.23 -15.06 11.10
N LEU F 231 -26.78 -13.90 11.56
CA LEU F 231 -26.25 -13.73 12.91
C LEU F 231 -27.39 -13.57 13.89
N TRP F 232 -27.28 -14.23 15.05
CA TRP F 232 -28.19 -14.04 16.18
C TRP F 232 -29.62 -14.38 15.77
N SER F 233 -29.82 -15.64 15.36
CA SER F 233 -31.09 -16.11 14.84
C SER F 233 -31.98 -16.76 15.88
N ASN F 234 -31.64 -16.65 17.17
CA ASN F 234 -32.36 -17.30 18.24
C ASN F 234 -33.28 -16.32 18.94
N GLY F 235 -34.49 -16.79 19.26
CA GLY F 235 -35.45 -15.99 19.99
C GLY F 235 -35.92 -14.76 19.24
N VAL F 236 -36.24 -14.91 17.97
CA VAL F 236 -36.66 -13.80 17.11
C VAL F 236 -38.16 -13.88 16.91
N LEU F 237 -38.86 -12.80 17.21
CA LEU F 237 -40.30 -12.69 16.97
C LEU F 237 -40.52 -12.08 15.59
N GLU F 238 -41.39 -12.72 14.81
CA GLU F 238 -41.64 -12.31 13.44
C GLU F 238 -42.28 -10.92 13.34
N SER F 239 -42.89 -10.43 14.41
CA SER F 239 -43.53 -9.12 14.40
C SER F 239 -42.58 -7.97 14.68
N GLN F 240 -41.36 -8.25 15.12
CA GLN F 240 -40.41 -7.21 15.49
C GLN F 240 -39.37 -6.91 14.41
N MET F 241 -39.30 -7.71 13.35
CA MET F 241 -38.33 -7.49 12.30
C MET F 241 -38.68 -6.22 11.52
N LEU F 242 -37.79 -5.23 11.55
CA LEU F 242 -38.06 -3.97 10.88
C LEU F 242 -38.26 -4.16 9.38
N ILE F 243 -37.40 -4.94 8.75
CA ILE F 243 -37.59 -5.37 7.37
C ILE F 243 -38.32 -6.71 7.41
N PRO F 244 -39.56 -6.81 6.92
CA PRO F 244 -40.38 -7.98 7.19
C PRO F 244 -39.80 -9.26 6.60
N LYS F 245 -40.23 -10.38 7.19
CA LYS F 245 -39.79 -11.70 6.70
C LYS F 245 -40.22 -11.94 5.27
N ALA F 246 -41.37 -11.39 4.87
CA ALA F 246 -41.86 -11.57 3.52
C ALA F 246 -41.03 -10.84 2.47
N TYR F 247 -40.23 -9.85 2.89
CA TYR F 247 -39.41 -9.05 1.99
C TYR F 247 -37.93 -9.34 2.15
N ALA F 248 -37.59 -10.61 2.38
CA ALA F 248 -36.20 -11.07 2.47
C ALA F 248 -35.46 -10.38 3.61
N GLY F 249 -36.17 -10.09 4.69
CA GLY F 249 -35.55 -9.55 5.88
C GLY F 249 -34.88 -10.63 6.69
N PRO F 250 -33.66 -10.38 7.15
CA PRO F 250 -32.95 -11.39 7.93
C PRO F 250 -33.72 -11.78 9.19
N PHE F 251 -33.72 -13.08 9.50
CA PHE F 251 -34.37 -13.59 10.70
C PHE F 251 -33.39 -13.46 11.87
N SER F 252 -33.22 -12.22 12.31
CA SER F 252 -32.17 -11.88 13.26
C SER F 252 -32.67 -10.83 14.24
N GLN F 253 -31.98 -10.73 15.36
CA GLN F 253 -32.24 -9.66 16.32
C GLN F 253 -31.43 -8.41 16.02
N HIS F 254 -30.49 -8.48 15.09
CA HIS F 254 -29.89 -7.26 14.55
C HIS F 254 -30.86 -6.54 13.61
N ASN F 255 -31.87 -7.26 13.12
CA ASN F 255 -32.91 -6.69 12.27
C ASN F 255 -34.06 -6.20 13.17
N TYR F 256 -33.74 -5.16 13.94
CA TYR F 256 -34.65 -4.69 14.97
C TYR F 256 -34.30 -3.24 15.31
N ARG F 257 -35.33 -2.44 15.50
CA ARG F 257 -35.19 -1.05 15.95
C ARG F 257 -36.10 -0.82 17.13
N GLN F 258 -35.61 -0.09 18.12
CA GLN F 258 -36.37 0.13 19.35
C GLN F 258 -37.54 1.07 19.10
N GLY F 259 -38.70 0.74 19.67
CA GLY F 259 -39.88 1.57 19.56
C GLY F 259 -40.69 1.39 18.29
N TYR F 260 -40.35 0.40 17.46
CA TYR F 260 -41.07 0.15 16.22
C TYR F 260 -41.49 -1.31 16.16
N ALA F 261 -42.18 -1.67 15.08
CA ALA F 261 -42.57 -3.04 14.78
C ALA F 261 -42.28 -3.30 13.32
N THR F 262 -42.78 -4.43 12.80
CA THR F 262 -42.55 -4.76 11.40
C THR F 262 -43.25 -3.77 10.49
N GLN F 263 -42.54 -3.32 9.45
CA GLN F 263 -43.08 -2.37 8.49
C GLN F 263 -43.67 -3.12 7.29
N THR F 264 -44.81 -3.77 7.55
CA THR F 264 -45.46 -4.59 6.53
C THR F 264 -46.10 -3.73 5.44
N VAL F 265 -46.56 -2.53 5.77
CA VAL F 265 -47.34 -1.72 4.84
C VAL F 265 -46.53 -0.46 4.52
N GLY F 266 -45.20 -0.59 4.54
CA GLY F 266 -44.33 0.51 4.20
C GLY F 266 -44.28 0.73 2.70
N PRO F 267 -43.56 1.75 2.27
CA PRO F 267 -43.50 2.05 0.83
C PRO F 267 -42.64 1.06 0.06
N TRP F 268 -43.06 -0.20 0.04
CA TRP F 268 -42.30 -1.26 -0.63
C TRP F 268 -42.56 -1.31 -2.13
N HIS F 269 -43.47 -0.51 -2.65
CA HIS F 269 -43.76 -0.50 -4.08
C HIS F 269 -42.77 0.35 -4.88
N LEU F 270 -41.89 1.10 -4.20
CA LEU F 270 -40.98 1.98 -4.90
C LEU F 270 -39.90 1.22 -5.67
N GLY F 271 -39.60 0.00 -5.25
CA GLY F 271 -38.48 -0.71 -5.85
C GLY F 271 -37.21 -0.41 -5.10
N LYS F 272 -36.43 0.55 -5.59
CA LYS F 272 -35.27 1.02 -4.87
C LYS F 272 -35.70 1.81 -3.65
N LEU F 273 -35.18 1.44 -2.48
CA LEU F 273 -35.45 2.14 -1.23
C LEU F 273 -34.14 2.50 -0.54
N GLU F 274 -34.27 3.29 0.53
CA GLU F 274 -33.13 3.65 1.37
C GLU F 274 -33.67 3.90 2.77
N ILE F 275 -33.55 2.90 3.64
CA ILE F 275 -34.01 3.02 5.02
C ILE F 275 -32.96 3.76 5.82
N ASP F 276 -33.38 4.83 6.51
CA ASP F 276 -32.49 5.63 7.33
C ASP F 276 -33.28 6.19 8.49
N PHE F 277 -32.57 6.64 9.51
CA PHE F 277 -33.17 7.16 10.73
C PHE F 277 -32.72 8.60 10.92
N GLY F 278 -33.52 9.53 10.43
CA GLY F 278 -33.23 10.95 10.52
C GLY F 278 -34.51 11.73 10.32
N GLU F 279 -34.38 12.92 9.75
CA GLU F 279 -35.52 13.79 9.50
C GLU F 279 -35.58 14.15 8.02
N CYS F 280 -36.78 14.04 7.45
CA CYS F 280 -36.99 14.55 6.10
C CYS F 280 -36.83 16.07 6.12
N PRO F 281 -36.32 16.68 5.05
CA PRO F 281 -36.08 18.13 5.06
C PRO F 281 -37.36 18.92 5.31
N GLY F 282 -37.23 19.97 6.12
CA GLY F 282 -38.34 20.87 6.40
C GLY F 282 -39.53 20.22 7.08
N THR F 283 -39.29 19.39 8.10
CA THR F 283 -40.37 18.75 8.82
C THR F 283 -39.91 18.47 10.25
N THR F 284 -40.87 18.35 11.16
CA THR F 284 -40.61 18.09 12.57
C THR F 284 -41.53 17.00 13.08
N VAL F 285 -41.06 16.28 14.11
CA VAL F 285 -41.82 15.21 14.73
C VAL F 285 -41.74 15.39 16.24
N THR F 286 -42.87 15.16 16.93
CA THR F 286 -42.93 15.19 18.38
C THR F 286 -43.69 13.96 18.87
N ILE F 287 -43.46 13.60 20.13
CA ILE F 287 -44.09 12.43 20.73
C ILE F 287 -45.23 12.91 21.62
N GLN F 288 -46.46 12.53 21.25
CA GLN F 288 -47.65 12.91 21.98
C GLN F 288 -48.48 11.69 22.29
N GLU F 289 -49.02 11.63 23.51
CA GLU F 289 -49.84 10.50 23.93
C GLU F 289 -51.14 10.40 23.15
N ASP F 290 -51.78 11.54 22.85
CA ASP F 290 -53.05 11.55 22.12
C ASP F 290 -52.78 11.55 20.63
N CYS F 291 -52.19 10.45 20.17
CA CYS F 291 -51.84 10.26 18.77
C CYS F 291 -52.65 9.11 18.17
N ASP F 292 -52.75 9.12 16.85
CA ASP F 292 -53.53 8.10 16.15
C ASP F 292 -52.88 6.74 16.27
N HIS F 293 -53.61 5.72 15.85
CA HIS F 293 -53.13 4.34 15.92
C HIS F 293 -52.19 4.06 14.74
N ARG F 294 -51.81 2.80 14.58
CA ARG F 294 -50.80 2.40 13.61
C ARG F 294 -51.46 1.99 12.30
N GLY F 295 -51.03 2.61 11.20
CA GLY F 295 -51.61 2.36 9.91
C GLY F 295 -50.62 2.48 8.76
N PRO F 296 -51.14 2.71 7.55
CA PRO F 296 -50.26 2.75 6.39
C PRO F 296 -49.33 3.96 6.39
N SER F 297 -48.22 3.81 5.67
CA SER F 297 -47.23 4.88 5.57
C SER F 297 -47.75 6.03 4.72
N LEU F 298 -47.31 7.24 5.07
CA LEU F 298 -47.72 8.45 4.38
C LEU F 298 -46.50 9.28 4.02
N ARG F 299 -46.58 9.94 2.87
CA ARG F 299 -45.49 10.78 2.36
C ARG F 299 -45.59 12.19 2.94
N THR F 300 -44.45 12.88 2.98
CA THR F 300 -44.38 14.24 3.49
C THR F 300 -44.98 15.27 2.53
N THR F 301 -45.26 14.89 1.29
CA THR F 301 -45.88 15.78 0.32
C THR F 301 -47.25 15.25 -0.06
N THR F 302 -48.20 16.18 -0.19
CA THR F 302 -49.57 15.82 -0.53
C THR F 302 -49.67 15.36 -1.98
N ALA F 303 -50.88 14.95 -2.37
CA ALA F 303 -51.10 14.50 -3.75
C ALA F 303 -50.84 15.59 -4.77
N SER F 304 -51.00 16.86 -4.39
CA SER F 304 -50.73 17.97 -5.29
C SER F 304 -49.31 18.48 -5.22
N GLY F 305 -48.68 18.46 -4.06
CA GLY F 305 -47.31 18.91 -3.92
C GLY F 305 -47.05 19.74 -2.68
N LYS F 306 -48.09 19.96 -1.87
CA LYS F 306 -47.93 20.73 -0.64
C LYS F 306 -47.25 19.87 0.42
N LEU F 307 -46.47 20.51 1.27
CA LEU F 307 -45.62 19.83 2.25
C LEU F 307 -46.29 19.85 3.61
N VAL F 308 -46.32 18.69 4.27
CA VAL F 308 -46.83 18.55 5.63
C VAL F 308 -45.66 18.67 6.58
N THR F 309 -45.81 19.49 7.62
CA THR F 309 -44.70 19.88 8.48
C THR F 309 -44.94 19.55 9.95
N GLN F 310 -45.97 18.78 10.27
CA GLN F 310 -46.27 18.42 11.66
C GLN F 310 -46.71 16.97 11.72
N TRP F 311 -45.95 16.15 12.47
CA TRP F 311 -46.26 14.75 12.67
C TRP F 311 -46.10 14.39 14.15
N CYS F 312 -46.81 13.35 14.55
CA CYS F 312 -46.71 12.85 15.92
C CYS F 312 -46.72 11.33 15.90
N CYS F 313 -46.14 10.75 16.95
CA CYS F 313 -46.11 9.29 17.13
C CYS F 313 -46.54 8.97 18.56
N ARG F 314 -46.99 7.73 18.75
CA ARG F 314 -47.41 7.31 20.08
C ARG F 314 -46.20 6.96 20.96
N SER F 315 -45.37 6.01 20.52
CA SER F 315 -44.31 5.46 21.36
C SER F 315 -43.00 5.29 20.61
N CYS F 316 -42.76 6.09 19.57
CA CYS F 316 -41.56 5.92 18.78
C CYS F 316 -40.35 6.47 19.52
N THR F 317 -39.15 6.14 19.02
CA THR F 317 -37.91 6.71 19.51
C THR F 317 -37.27 7.54 18.41
N MET F 318 -36.64 8.64 18.84
CA MET F 318 -36.05 9.53 17.85
C MET F 318 -34.61 9.13 17.57
N PRO F 319 -34.10 9.36 16.34
CA PRO F 319 -34.77 9.94 15.17
C PRO F 319 -35.81 9.00 14.55
N PRO F 320 -36.80 9.54 13.84
CA PRO F 320 -37.87 8.68 13.31
C PRO F 320 -37.43 7.91 12.08
N LEU F 321 -38.15 6.82 11.82
CA LEU F 321 -37.92 6.02 10.63
C LEU F 321 -38.27 6.83 9.38
N ARG F 322 -37.50 6.62 8.31
CA ARG F 322 -37.65 7.43 7.10
C ARG F 322 -37.18 6.63 5.90
N PHE F 323 -38.06 6.50 4.90
CA PHE F 323 -37.74 5.81 3.66
C PHE F 323 -37.47 6.84 2.57
N LEU F 324 -36.19 7.04 2.24
CA LEU F 324 -35.78 7.99 1.20
C LEU F 324 -35.96 7.32 -0.15
N GLY F 325 -37.20 7.33 -0.64
CA GLY F 325 -37.52 6.68 -1.90
C GLY F 325 -37.17 7.53 -3.10
N GLU F 326 -37.52 7.00 -4.28
CA GLU F 326 -37.24 7.69 -5.53
C GLU F 326 -38.05 8.97 -5.65
N ASP F 327 -39.32 8.94 -5.26
CA ASP F 327 -40.24 10.06 -5.51
C ASP F 327 -40.37 11.02 -4.33
N GLY F 328 -39.67 10.77 -3.22
CA GLY F 328 -39.76 11.69 -2.09
C GLY F 328 -39.23 11.14 -0.78
N CYS F 329 -39.92 11.48 0.31
CA CYS F 329 -39.46 11.15 1.65
C CYS F 329 -40.67 10.71 2.47
N TRP F 330 -40.69 9.45 2.90
CA TRP F 330 -41.80 8.88 3.63
C TRP F 330 -41.46 8.70 5.10
N TYR F 331 -42.47 8.36 5.89
CA TYR F 331 -42.33 8.01 7.30
C TYR F 331 -42.88 6.61 7.55
N GLY F 332 -42.54 6.08 8.72
CA GLY F 332 -42.93 4.73 9.09
C GLY F 332 -44.40 4.61 9.43
N MET F 333 -44.82 3.37 9.64
CA MET F 333 -46.21 3.08 9.95
C MET F 333 -46.63 3.54 11.33
N GLU F 334 -45.68 3.92 12.20
CA GLU F 334 -45.99 4.38 13.54
C GLU F 334 -45.96 5.90 13.68
N ILE F 335 -45.89 6.62 12.56
CA ILE F 335 -45.84 8.08 12.56
C ILE F 335 -47.07 8.60 11.83
N ARG F 336 -47.77 9.54 12.45
CA ARG F 336 -49.02 10.06 11.92
C ARG F 336 -48.96 11.57 11.80
N PRO F 337 -49.61 12.14 10.79
CA PRO F 337 -49.60 13.59 10.63
C PRO F 337 -50.43 14.29 11.69
N LEU F 338 -50.09 15.55 11.94
CA LEU F 338 -50.79 16.37 12.92
C LEU F 338 -51.46 17.60 12.32
N SER F 339 -50.87 18.19 11.28
CA SER F 339 -51.42 19.39 10.64
C SER F 339 -51.98 19.07 9.25
N GLU F 340 -52.45 17.84 9.07
CA GLU F 340 -53.04 17.42 7.80
C GLU F 340 -53.95 16.24 8.06
N LYS F 341 -54.93 16.06 7.17
CA LYS F 341 -55.90 14.98 7.26
C LYS F 341 -55.48 13.84 6.35
N GLU F 342 -55.46 12.63 6.90
CA GLU F 342 -55.04 11.44 6.16
C GLU F 342 -56.02 11.05 5.06
N GLU F 343 -57.22 11.62 5.03
CA GLU F 343 -58.19 11.25 4.01
C GLU F 343 -57.71 11.62 2.62
N ASN F 344 -57.05 12.77 2.49
CA ASN F 344 -56.51 13.23 1.21
C ASN F 344 -55.00 13.39 1.36
N MET F 345 -54.28 12.29 1.17
CA MET F 345 -52.83 12.27 1.21
C MET F 345 -52.33 11.21 0.23
N VAL F 346 -51.04 10.91 0.31
CA VAL F 346 -50.44 9.84 -0.46
C VAL F 346 -50.17 8.67 0.48
N LYS F 347 -50.74 7.51 0.14
CA LYS F 347 -50.75 6.37 1.04
C LYS F 347 -50.26 5.12 0.30
N SER F 348 -49.62 4.23 1.05
CA SER F 348 -48.93 3.09 0.45
C SER F 348 -49.92 2.19 -0.29
N GLN F 349 -49.46 1.59 -1.38
CA GLN F 349 -50.31 0.85 -2.30
C GLN F 349 -50.27 -0.65 -2.10
N VAL F 350 -49.61 -1.14 -1.05
CA VAL F 350 -49.46 -2.57 -0.83
C VAL F 350 -50.29 -2.98 0.38
N SER F 351 -51.29 -3.82 0.15
CA SER F 351 -52.11 -4.42 1.20
C SER F 351 -52.68 -3.37 2.15
N ALA F 352 -53.04 -2.22 1.59
CA ALA F 352 -53.52 -1.10 2.38
C ALA F 352 -54.91 -1.38 2.94
#